data_5Z3V
#
_entry.id   5Z3V
#
_cell.length_a   1.00
_cell.length_b   1.00
_cell.length_c   1.00
_cell.angle_alpha   90.00
_cell.angle_beta   90.00
_cell.angle_gamma   90.00
#
_symmetry.space_group_name_H-M   'P 1'
#
loop_
_entity.id
_entity.type
_entity.pdbx_description
1 polymer 'Transcription regulatory protein SNF2'
2 polymer 'Histone H3.2'
3 polymer 'Histone H4'
4 polymer 'Histone H2A'
5 polymer 'Histone H2B 1.1'
6 polymer 'DNA (167-MER)'
7 polymer 'DNA (167-MER)'
8 non-polymer "ADENOSINE-5'-DIPHOSPHATE"
9 non-polymer 'BERYLLIUM TRIFLUORIDE ION'
10 non-polymer 'MAGNESIUM ION'
#
loop_
_entity_poly.entity_id
_entity_poly.type
_entity_poly.pdbx_seq_one_letter_code
_entity_poly.pdbx_strand_id
1 'polypeptide(L)'
;AYIKLLDQTKDTRITHLLRQTNAFLDSLTRAVKDQQKYTKEMIDSHIKEASEEVDDLSMVPKMKDEEYDDDDDNSNVDYY
NVAHRIKEDIKKQPSILVGGTLKDYQIKGLQWMVSLFNNHLNGILADEMGLGKTIQTISLLTYLYEMKNIRGPYLVIVPL
STLSNWSSEFAKWAPTLRTISFKGSPNERKAKQAKIRAGEFDVVLTTFEYIIKERALLSKVKWVHMIIDEGHRMKNAQSK
LSLTLNTHYHADYRLILTGTPLQNNLPELWALLNFVLPKIFNSVKSFDEWFNTPFANTGGQDKIELSEEETLLVIRRLHK
VLRPFLLRRLKKDVEKELPDKVEKVVKCKMSALQQIMYQQMLKYRRLFIGDQNNKKMVGLRGFNNQIMQLKKICNHPFVF
EEVEDQINPTRETNDDIWRVAGKFELLDRILPKLKATGHRVLIFFQMTQIMDIMEDFLRYINIKYLRLDGHTKSDERSEL
LRLFNAPDSEYLCFILSTRAGGLGLNLQTADTVIIFDTDWNPHQDLQAQDRAHRIGQKNEVRILRLITTNSVEEVILERA
YKKLDIDGKVIQAGKFDNKSTSEEQEALLRSLLDAEEERRKKRESGVEEEEELKDSEINEILARNDEEMAVLTRMDEDRS
KKEEELGVKSRLLEKSELPDIYSRDIGAELKREESESAAVYNGRGARERKTATYNDNMSEEQWLRQFEVSDDEKNDKQAR
KQRTKKEDKSEAIDG
;
O
2 'polypeptide(L)'
;ARTKQTARKSTGGKAPRKQLATKAARKSAPATGGVKKPHRYRPGTVALREIRRYQKSTELLIRKLPFQRLVREIAQDFKT
DLRFQSSAVMALQEASEAYLVALFEDTNLCAIHAKRVTIMPKDIQLARRIRGERA
;
A,E
3 'polypeptide(L)'
;SGRGKGGKGLGKGGAKRHRKVLRDNIQGITKPAIRRLARRGGVKRISGLIYEETRGVLKVFLENVIRDAVTYTEHAKRKT
VTAMDVVYALKRQGRTLYGFGG
;
B,F
4 'polypeptide(L)'
;SGRGKQGGKTRAKAKTRSSRAGLQFPVGRVHRLLRKGNYAERVGAGAPVYLAAVLEYLTAEILELAGNAARDNKKTRIIP
RHLQLAVRNDEELNKLLGRVTIAQGGVLPNIQSVLLPKKTESSKSAKSK
;
C,G
5 'polypeptide(L)'
;AKSAPAPKKGSKKAVTKTQKKDGKKRRKTRKESYAIYVYKVLKQVHPDTGISSKAMSIMNSFVNDVFERIAGEASRLAHY
NKRSTITSREIQTAVRLLLPGELAKHAVSEGTKAVTKYTSAK
;
D,H
6 'polydeoxyribonucleotide'
;(DA)(DT)(DC)(DG)(DA)(DG)(DA)(DA)(DT)(DC)(DC)(DC)(DG)(DG)(DT)(DG)(DC)(DC)(DG)(DA)
(DG)(DG)(DC)(DC)(DG)(DC)(DT)(DC)(DA)(DA)(DT)(DT)(DG)(DG)(DT)(DC)(DG)(DT)(DA)(DG)
(DA)(DC)(DA)(DG)(DC)(DT)(DC)(DT)(DA)(DG)(DC)(DA)(DC)(DC)(DG)(DC)(DT)(DT)(DA)(DA)
(DA)(DC)(DG)(DC)(DA)(DC)(DG)(DT)(DA)(DC)(DG)(DC)(DG)(DC)(DT)(DG)(DT)(DC)(DC)(DC)
(DC)(DC)(DG)(DC)(DG)(DT)(DT)(DT)(DT)(DA)(DA)(DC)(DC)(DG)(DC)(DC)(DA)(DA)(DG)(DG)
(DG)(DG)(DA)(DT)(DT)(DA)(DC)(DT)(DC)(DC)(DC)(DT)(DA)(DG)(DT)(DC)(DT)(DC)(DC)(DA)
(DG)(DG)(DC)(DA)(DC)(DG)(DT)(DG)(DT)(DC)(DA)(DG)(DA)(DT)(DA)(DT)(DA)(DT)(DA)(DC)
(DA)(DT)(DC)(DC)(DT)(DG)(DA)(DA)(DG)(DC)(DT)(DT)(DG)(DT)(DC)(DG)(DA)(DG)(DA)(DA)
(DG)(DT)(DA)(DC)(DG)(DA)(DT)
;
I
7 'polydeoxyribonucleotide'
;(DA)(DT)(DC)(DG)(DT)(DA)(DC)(DT)(DT)(DC)(DT)(DC)(DG)(DA)(DC)(DA)(DA)(DG)(DC)(DT)
(DT)(DC)(DA)(DG)(DG)(DA)(DT)(DG)(DT)(DA)(DT)(DA)(DT)(DA)(DT)(DC)(DT)(DG)(DA)(DC)
(DA)(DC)(DG)(DT)(DG)(DC)(DC)(DT)(DG)(DG)(DA)(DG)(DA)(DC)(DT)(DA)(DG)(DG)(DG)(DA)
(DG)(DT)(DA)(DA)(DT)(DC)(DC)(DC)(DC)(DT)(DT)(DG)(DG)(DC)(DG)(DG)(DT)(DT)(DA)(DA)
(DA)(DA)(DC)(DG)(DC)(DG)(DG)(DG)(DG)(DG)(DA)(DC)(DA)(DG)(DC)(DG)(DC)(DG)(DT)(DA)
(DC)(DG)(DT)(DG)(DC)(DG)(DT)(DT)(DT)(DA)(DA)(DG)(DC)(DG)(DG)(DT)(DG)(DC)(DT)(DA)
(DG)(DA)(DG)(DC)(DT)(DG)(DT)(DC)(DT)(DA)(DC)(DG)(DA)(DC)(DC)(DA)(DA)(DT)(DT)(DG)
(DA)(DG)(DC)(DG)(DG)(DC)(DC)(DT)(DC)(DG)(DG)(DC)(DA)(DC)(DC)(DG)(DG)(DG)(DA)(DT)
(DT)(DC)(DT)(DC)(DG)(DA)(DT)
;
J
#
loop_
_chem_comp.id
_chem_comp.type
_chem_comp.name
_chem_comp.formula
ADP non-polymer ADENOSINE-5'-DIPHOSPHATE 'C10 H15 N5 O10 P2'
BEF non-polymer 'BERYLLIUM TRIFLUORIDE ION' 'Be F3 -1'
DA DNA linking 2'-DEOXYADENOSINE-5'-MONOPHOSPHATE 'C10 H14 N5 O6 P'
DC DNA linking 2'-DEOXYCYTIDINE-5'-MONOPHOSPHATE 'C9 H14 N3 O7 P'
DG DNA linking 2'-DEOXYGUANOSINE-5'-MONOPHOSPHATE 'C10 H14 N5 O7 P'
DT DNA linking THYMIDINE-5'-MONOPHOSPHATE 'C10 H15 N2 O8 P'
MG non-polymer 'MAGNESIUM ION' 'Mg 2'
#
# COMPACT_ATOMS: atom_id res chain seq x y z
N LEU A 5 -10.51 19.41 -47.41
CA LEU A 5 -10.76 19.84 -46.04
C LEU A 5 -9.45 20.23 -45.37
N LEU A 6 -8.62 19.23 -45.05
CA LEU A 6 -7.36 19.44 -44.38
C LEU A 6 -6.19 19.64 -45.32
N ASP A 7 -6.44 19.76 -46.64
CA ASP A 7 -5.36 19.95 -47.60
C ASP A 7 -4.56 21.21 -47.32
N GLN A 8 -5.03 22.07 -46.41
CA GLN A 8 -4.15 23.05 -45.80
C GLN A 8 -2.90 22.39 -45.25
N THR A 9 -3.02 21.13 -44.84
CA THR A 9 -1.83 20.34 -44.51
C THR A 9 -1.09 19.89 -45.75
N LYS A 10 -1.76 19.80 -46.91
CA LYS A 10 -1.05 19.41 -48.11
C LYS A 10 -0.14 20.54 -48.55
N ASP A 11 -0.72 21.67 -48.97
CA ASP A 11 0.11 22.79 -49.42
C ASP A 11 0.91 23.40 -48.27
N THR A 12 0.27 23.56 -47.11
CA THR A 12 0.94 24.19 -45.98
C THR A 12 2.04 23.30 -45.41
N ARG A 13 1.86 21.97 -45.43
CA ARG A 13 2.93 21.11 -44.96
C ARG A 13 3.97 20.82 -46.04
N ILE A 14 3.69 21.10 -47.32
CA ILE A 14 4.76 21.10 -48.31
C ILE A 14 5.64 22.33 -48.16
N THR A 15 5.01 23.51 -48.07
CA THR A 15 5.77 24.71 -47.72
C THR A 15 6.46 24.54 -46.38
N HIS A 16 5.88 23.72 -45.50
CA HIS A 16 6.54 23.37 -44.25
C HIS A 16 7.72 22.45 -44.48
N LEU A 17 7.66 21.60 -45.51
CA LEU A 17 8.85 20.85 -45.90
C LEU A 17 9.95 21.80 -46.33
N LEU A 18 9.59 22.84 -47.09
CA LEU A 18 10.56 23.91 -47.33
C LEU A 18 11.03 24.53 -46.01
N ARG A 19 10.15 24.60 -45.01
CA ARG A 19 10.54 25.17 -43.72
C ARG A 19 11.59 24.31 -43.03
N GLN A 20 11.46 22.99 -43.05
CA GLN A 20 12.52 22.15 -42.51
C GLN A 20 13.80 22.30 -43.33
N THR A 21 13.70 22.07 -44.64
CA THR A 21 14.88 22.07 -45.50
C THR A 21 15.68 23.36 -45.38
N ASN A 22 15.09 24.49 -45.78
CA ASN A 22 15.82 25.76 -45.78
C ASN A 22 15.86 26.39 -44.39
N ALA A 23 14.75 26.30 -43.65
CA ALA A 23 14.58 27.07 -42.41
C ALA A 23 15.06 26.36 -41.16
N PHE A 24 15.40 25.08 -41.21
CA PHE A 24 15.92 24.39 -40.04
C PHE A 24 17.33 23.85 -40.26
N LEU A 25 17.54 22.98 -41.24
CA LEU A 25 18.86 22.42 -41.54
C LEU A 25 19.35 21.52 -40.41
N ASP A 78 3.31 16.73 -55.93
CA ASP A 78 3.83 15.38 -55.77
C ASP A 78 4.89 15.35 -54.68
N TYR A 79 4.64 14.57 -53.62
CA TYR A 79 5.60 14.44 -52.53
C TYR A 79 6.85 13.68 -52.96
N TYR A 80 6.79 12.93 -54.06
CA TYR A 80 7.97 12.23 -54.56
C TYR A 80 9.04 13.18 -55.06
N ASN A 81 8.68 14.43 -55.36
CA ASN A 81 9.61 15.40 -55.91
C ASN A 81 9.94 16.52 -54.92
N VAL A 82 8.94 17.32 -54.52
CA VAL A 82 9.21 18.52 -53.73
C VAL A 82 9.84 18.18 -52.39
N ALA A 83 9.47 17.04 -51.79
CA ALA A 83 10.09 16.62 -50.54
C ALA A 83 11.46 16.00 -50.77
N HIS A 84 11.63 15.30 -51.90
CA HIS A 84 12.85 14.60 -52.25
C HIS A 84 13.79 15.44 -53.12
N ARG A 85 13.52 16.75 -53.24
CA ARG A 85 14.08 17.61 -54.29
C ARG A 85 15.57 17.40 -54.56
N ILE A 86 16.37 17.16 -53.53
CA ILE A 86 17.77 16.81 -53.75
C ILE A 86 17.82 15.33 -54.10
N LYS A 87 18.31 15.03 -55.30
CA LYS A 87 18.24 13.69 -55.86
C LYS A 87 19.63 13.09 -56.01
N GLU A 88 19.68 11.76 -55.99
CA GLU A 88 20.88 10.97 -56.29
C GLU A 88 20.51 9.50 -56.16
N ASP A 89 21.26 8.65 -56.85
CA ASP A 89 21.24 7.22 -56.63
C ASP A 89 22.57 6.62 -57.05
N ILE A 90 23.05 5.65 -56.28
CA ILE A 90 24.24 4.88 -56.62
C ILE A 90 24.00 3.42 -56.24
N LYS A 91 24.21 2.53 -57.20
CA LYS A 91 24.07 1.09 -56.96
C LYS A 91 25.37 0.44 -56.51
N LYS A 92 26.43 1.22 -56.34
CA LYS A 92 27.68 0.72 -55.80
C LYS A 92 27.74 0.96 -54.29
N GLN A 93 28.32 0.00 -53.58
CA GLN A 93 28.44 0.10 -52.14
C GLN A 93 29.53 1.11 -51.77
N PRO A 94 29.50 1.62 -50.54
CA PRO A 94 30.66 2.37 -50.04
C PRO A 94 31.87 1.46 -49.90
N SER A 95 33.06 2.06 -50.07
CA SER A 95 34.29 1.28 -50.10
C SER A 95 34.62 0.66 -48.74
N ILE A 96 34.02 1.13 -47.66
CA ILE A 96 34.34 0.57 -46.35
C ILE A 96 33.65 -0.77 -46.14
N LEU A 97 32.47 -0.97 -46.72
CA LEU A 97 31.76 -2.23 -46.59
C LEU A 97 32.57 -3.37 -47.20
N VAL A 98 32.82 -4.41 -46.40
CA VAL A 98 33.65 -5.54 -46.81
C VAL A 98 32.94 -6.82 -46.39
N GLY A 99 33.00 -7.83 -47.25
CA GLY A 99 32.43 -9.12 -46.95
C GLY A 99 30.91 -9.14 -46.93
N GLY A 100 30.29 -8.65 -48.00
CA GLY A 100 28.85 -8.64 -48.10
C GLY A 100 28.40 -8.68 -49.54
N THR A 101 27.16 -9.15 -49.73
CA THR A 101 26.55 -9.24 -51.04
C THR A 101 25.58 -8.07 -51.24
N LEU A 102 25.59 -7.50 -52.43
CA LEU A 102 24.80 -6.31 -52.74
C LEU A 102 23.54 -6.72 -53.49
N LYS A 103 22.39 -6.55 -52.84
CA LYS A 103 21.10 -6.72 -53.48
C LYS A 103 20.52 -5.35 -53.85
N ASP A 104 19.33 -5.37 -54.46
CA ASP A 104 18.76 -4.13 -54.99
C ASP A 104 18.07 -3.28 -53.94
N TYR A 105 17.59 -3.88 -52.85
CA TYR A 105 16.69 -3.16 -51.94
C TYR A 105 17.42 -2.11 -51.13
N GLN A 106 18.57 -2.45 -50.54
CA GLN A 106 19.28 -1.48 -49.72
C GLN A 106 19.94 -0.39 -50.53
N ILE A 107 19.87 -0.47 -51.85
CA ILE A 107 20.29 0.62 -52.72
C ILE A 107 19.21 1.71 -52.68
N LYS A 108 18.02 1.38 -53.19
CA LYS A 108 16.92 2.34 -53.18
C LYS A 108 16.63 2.84 -51.77
N GLY A 109 16.67 1.94 -50.78
CA GLY A 109 16.53 2.38 -49.40
C GLY A 109 17.72 3.18 -48.93
N LEU A 110 18.92 2.80 -49.39
CA LEU A 110 20.16 3.50 -49.02
C LEU A 110 20.10 4.96 -49.42
N GLN A 111 20.12 5.25 -50.72
CA GLN A 111 20.02 6.63 -51.19
C GLN A 111 18.64 7.24 -50.93
N TRP A 112 17.66 6.44 -50.49
CA TRP A 112 16.41 7.01 -49.99
C TRP A 112 16.64 7.69 -48.65
N MET A 113 17.25 6.99 -47.69
CA MET A 113 17.60 7.60 -46.42
C MET A 113 18.65 8.69 -46.60
N VAL A 114 19.58 8.50 -47.52
CA VAL A 114 20.53 9.57 -47.84
C VAL A 114 19.79 10.77 -48.41
N SER A 115 18.71 10.52 -49.17
CA SER A 115 17.86 11.61 -49.61
C SER A 115 17.19 12.31 -48.44
N LEU A 116 16.88 11.56 -47.37
CA LEU A 116 16.43 12.22 -46.14
C LEU A 116 17.56 12.99 -45.47
N PHE A 117 18.81 12.56 -45.69
CA PHE A 117 19.96 13.20 -45.04
C PHE A 117 20.27 14.55 -45.69
N ASN A 118 20.36 14.58 -47.02
CA ASN A 118 20.77 15.81 -47.71
C ASN A 118 19.74 16.92 -47.51
N ASN A 119 18.46 16.57 -47.52
CA ASN A 119 17.38 17.54 -47.32
C ASN A 119 17.24 17.98 -45.87
N HIS A 120 18.02 17.40 -44.95
CA HIS A 120 17.91 17.67 -43.52
C HIS A 120 16.52 17.28 -43.01
N LEU A 121 16.23 15.98 -43.10
CA LEU A 121 14.93 15.44 -42.75
C LEU A 121 15.10 14.14 -41.99
N ASN A 122 14.14 13.84 -41.13
CA ASN A 122 14.12 12.61 -40.36
C ASN A 122 13.40 11.53 -41.16
N GLY A 123 13.11 10.40 -40.53
CA GLY A 123 12.39 9.34 -41.22
C GLY A 123 12.20 8.15 -40.31
N ILE A 124 11.34 7.23 -40.78
CA ILE A 124 11.09 5.96 -40.13
C ILE A 124 11.20 4.87 -41.18
N LEU A 125 11.75 3.73 -40.80
CA LEU A 125 11.84 2.59 -41.70
C LEU A 125 10.71 1.61 -41.36
N ALA A 126 9.75 1.52 -42.26
CA ALA A 126 8.52 0.75 -42.07
C ALA A 126 8.63 -0.69 -42.57
N ASP A 127 9.83 -1.14 -42.93
CA ASP A 127 9.98 -2.34 -43.74
C ASP A 127 9.52 -3.57 -42.97
N GLU A 128 9.56 -4.73 -43.64
CA GLU A 128 8.95 -5.92 -43.08
C GLU A 128 9.81 -6.44 -41.94
N MET A 129 10.93 -7.07 -42.29
CA MET A 129 12.04 -7.57 -41.48
C MET A 129 13.02 -8.27 -42.41
N GLY A 130 14.25 -8.45 -41.94
CA GLY A 130 15.29 -9.09 -42.73
C GLY A 130 15.89 -8.23 -43.83
N LEU A 131 15.52 -6.96 -43.94
CA LEU A 131 16.08 -6.08 -44.95
C LEU A 131 17.35 -5.38 -44.49
N GLY A 132 17.88 -5.75 -43.34
CA GLY A 132 19.19 -5.25 -42.94
C GLY A 132 19.24 -3.79 -42.56
N LYS A 133 18.44 -3.39 -41.57
CA LYS A 133 18.61 -2.08 -40.96
C LYS A 133 20.07 -1.85 -40.58
N THR A 134 20.74 -2.89 -40.07
CA THR A 134 22.16 -2.81 -39.78
C THR A 134 22.96 -2.46 -41.02
N ILE A 135 22.61 -3.05 -42.16
CA ILE A 135 23.32 -2.75 -43.41
C ILE A 135 23.10 -1.30 -43.80
N GLN A 136 21.87 -0.81 -43.65
CA GLN A 136 21.59 0.57 -44.06
C GLN A 136 22.26 1.57 -43.13
N THR A 137 22.46 1.20 -41.86
CA THR A 137 23.19 2.09 -40.95
C THR A 137 24.69 2.07 -41.24
N ILE A 138 25.26 0.88 -41.41
CA ILE A 138 26.68 0.74 -41.74
C ILE A 138 26.98 1.50 -43.03
N SER A 139 26.38 1.04 -44.13
CA SER A 139 26.59 1.71 -45.43
C SER A 139 26.17 3.17 -45.37
N LEU A 140 25.20 3.51 -44.51
CA LEU A 140 24.79 4.89 -44.30
C LEU A 140 25.97 5.73 -43.85
N LEU A 141 26.48 5.47 -42.63
CA LEU A 141 27.56 6.29 -42.10
C LEU A 141 28.83 6.18 -42.95
N THR A 142 29.16 4.95 -43.38
CA THR A 142 30.40 4.76 -44.13
C THR A 142 30.37 5.44 -45.49
N TYR A 143 29.20 5.51 -46.14
CA TYR A 143 29.11 6.24 -47.39
C TYR A 143 29.10 7.75 -47.16
N LEU A 144 28.15 8.23 -46.33
CA LEU A 144 28.03 9.65 -46.05
C LEU A 144 29.37 10.25 -45.64
N TYR A 145 29.93 9.75 -44.56
CA TYR A 145 31.18 10.26 -44.02
C TYR A 145 32.40 9.51 -44.56
N GLU A 146 32.19 8.62 -45.54
CA GLU A 146 33.24 8.37 -46.51
C GLU A 146 33.42 9.58 -47.41
N MET A 147 32.33 10.28 -47.70
CA MET A 147 32.44 11.53 -48.46
C MET A 147 32.95 12.66 -47.57
N LYS A 148 32.17 13.04 -46.55
CA LYS A 148 32.47 14.23 -45.77
C LYS A 148 33.61 14.02 -44.76
N ASN A 149 33.80 12.79 -44.28
CA ASN A 149 34.86 12.36 -43.36
C ASN A 149 34.62 12.79 -41.91
N ILE A 150 33.53 13.50 -41.61
CA ILE A 150 33.27 13.92 -40.23
C ILE A 150 33.22 12.71 -39.30
N ARG A 151 32.35 11.74 -39.63
CA ARG A 151 32.34 10.37 -39.08
C ARG A 151 32.06 10.30 -37.59
N GLY A 152 31.94 11.44 -36.91
CA GLY A 152 31.57 11.43 -35.50
C GLY A 152 31.55 12.81 -34.86
N PRO A 153 31.12 12.91 -33.60
CA PRO A 153 30.50 11.88 -32.75
C PRO A 153 29.07 11.53 -33.17
N TYR A 154 28.73 10.23 -33.24
CA TYR A 154 27.41 9.79 -33.66
C TYR A 154 26.92 8.68 -32.73
N LEU A 155 25.62 8.71 -32.42
CA LEU A 155 25.03 7.83 -31.42
C LEU A 155 24.14 6.80 -32.09
N VAL A 156 24.28 5.54 -31.67
CA VAL A 156 23.38 4.46 -32.06
C VAL A 156 22.97 3.71 -30.80
N ILE A 157 21.68 3.44 -30.65
CA ILE A 157 21.14 2.80 -29.46
C ILE A 157 20.24 1.65 -29.89
N VAL A 158 20.45 0.49 -29.28
CA VAL A 158 19.77 -0.75 -29.66
C VAL A 158 19.34 -1.49 -28.41
N PRO A 159 18.44 -2.46 -28.53
CA PRO A 159 18.08 -3.29 -27.38
C PRO A 159 19.28 -4.09 -26.89
N LEU A 160 19.33 -4.30 -25.57
CA LEU A 160 20.38 -5.13 -24.98
C LEU A 160 20.33 -6.57 -25.49
N SER A 161 19.19 -7.01 -26.01
CA SER A 161 19.08 -8.37 -26.52
C SER A 161 20.09 -8.62 -27.62
N THR A 162 20.27 -7.65 -28.53
CA THR A 162 21.32 -7.67 -29.54
C THR A 162 22.18 -6.43 -29.35
N LEU A 163 23.40 -6.61 -28.86
CA LEU A 163 24.34 -5.51 -28.70
C LEU A 163 25.67 -5.90 -29.33
N SER A 164 26.31 -6.94 -28.79
CA SER A 164 27.53 -7.46 -29.38
C SER A 164 27.31 -7.94 -30.81
N ASN A 165 26.07 -8.28 -31.17
CA ASN A 165 25.74 -8.52 -32.58
C ASN A 165 26.06 -7.30 -33.42
N TRP A 166 25.40 -6.18 -33.14
CA TRP A 166 25.63 -4.94 -33.87
C TRP A 166 27.12 -4.62 -33.96
N SER A 167 27.88 -4.91 -32.89
CA SER A 167 29.32 -4.78 -32.96
C SER A 167 29.96 -5.84 -33.84
N SER A 168 29.30 -6.99 -34.02
CA SER A 168 29.84 -8.03 -34.88
C SER A 168 29.69 -7.66 -36.35
N GLU A 169 28.58 -7.01 -36.71
CA GLU A 169 28.50 -6.42 -38.05
C GLU A 169 29.33 -5.14 -38.15
N PHE A 170 29.61 -4.48 -37.03
CA PHE A 170 30.63 -3.44 -37.02
C PHE A 170 32.04 -4.00 -37.03
N ALA A 171 32.19 -5.32 -36.98
CA ALA A 171 33.51 -5.95 -37.03
C ALA A 171 33.82 -6.45 -38.43
N LYS A 172 33.07 -7.46 -38.90
CA LYS A 172 33.38 -8.07 -40.18
C LYS A 172 32.88 -7.24 -41.36
N TRP A 173 31.70 -6.64 -41.25
CA TRP A 173 31.13 -5.93 -42.38
C TRP A 173 31.76 -4.57 -42.62
N ALA A 174 32.60 -4.08 -41.70
CA ALA A 174 33.40 -2.87 -41.92
C ALA A 174 34.33 -2.58 -40.75
N PRO A 175 35.59 -2.29 -41.03
CA PRO A 175 36.49 -1.74 -40.00
C PRO A 175 36.52 -0.22 -40.03
N THR A 176 37.43 0.37 -39.27
CA THR A 176 37.88 1.76 -39.30
C THR A 176 36.94 2.71 -38.57
N LEU A 177 35.78 2.25 -38.10
CA LEU A 177 34.91 3.06 -37.26
C LEU A 177 34.82 2.40 -35.90
N ARG A 178 35.33 3.07 -34.88
CA ARG A 178 35.37 2.48 -33.55
C ARG A 178 33.97 2.46 -32.93
N THR A 179 33.87 1.85 -31.76
CA THR A 179 32.60 1.70 -31.06
C THR A 179 32.82 1.84 -29.57
N ILE A 180 31.90 2.56 -28.92
CA ILE A 180 31.86 2.66 -27.46
C ILE A 180 30.62 1.92 -26.99
N SER A 181 30.80 0.79 -26.33
CA SER A 181 29.66 0.08 -25.77
C SER A 181 29.48 0.46 -24.31
N PHE A 182 28.39 -0.03 -23.72
CA PHE A 182 28.18 0.07 -22.28
C PHE A 182 27.56 -1.24 -21.79
N LYS A 183 28.27 -1.95 -20.92
CA LYS A 183 27.78 -3.21 -20.39
C LYS A 183 28.39 -3.44 -19.01
N GLY A 184 27.75 -4.34 -18.25
CA GLY A 184 28.31 -4.83 -17.01
C GLY A 184 28.33 -3.82 -15.87
N SER A 185 29.22 -4.11 -14.92
CA SER A 185 29.34 -3.32 -13.72
C SER A 185 29.87 -1.92 -14.02
N PRO A 186 29.73 -0.97 -13.10
CA PRO A 186 30.25 0.38 -13.34
C PRO A 186 31.75 0.45 -13.56
N ASN A 187 32.51 -0.58 -13.20
CA ASN A 187 33.96 -0.52 -13.30
C ASN A 187 34.42 -0.42 -14.76
N GLU A 188 33.97 -1.37 -15.60
CA GLU A 188 34.34 -1.35 -17.01
C GLU A 188 33.95 -0.02 -17.65
N ARG A 189 32.79 0.53 -17.28
CA ARG A 189 32.41 1.84 -17.76
C ARG A 189 33.41 2.89 -17.30
N LYS A 190 33.74 2.90 -16.01
CA LYS A 190 34.75 3.84 -15.50
C LYS A 190 36.00 3.81 -16.37
N ALA A 191 36.44 2.62 -16.77
CA ALA A 191 37.54 2.53 -17.72
C ALA A 191 37.18 3.22 -19.04
N LYS A 192 35.97 2.96 -19.55
CA LYS A 192 35.62 3.43 -20.88
C LYS A 192 35.42 4.95 -20.93
N GLN A 193 34.38 5.47 -20.27
CA GLN A 193 34.20 6.92 -20.29
C GLN A 193 35.24 7.65 -19.45
N ALA A 194 36.08 6.95 -18.70
CA ALA A 194 37.22 7.64 -18.11
C ALA A 194 38.34 7.85 -19.12
N LYS A 195 38.52 6.89 -20.04
CA LYS A 195 39.49 7.09 -21.12
C LYS A 195 38.98 8.11 -22.13
N ILE A 196 37.72 8.00 -22.53
CA ILE A 196 37.14 8.75 -23.63
C ILE A 196 36.47 10.01 -23.08
N ARG A 197 36.68 10.28 -21.79
CA ARG A 197 36.13 11.47 -21.15
C ARG A 197 36.37 12.74 -21.97
N ALA A 198 37.47 12.78 -22.71
CA ALA A 198 37.77 13.93 -23.55
C ALA A 198 36.98 13.93 -24.86
N GLY A 199 36.14 12.91 -25.08
CA GLY A 199 35.24 12.90 -26.22
C GLY A 199 35.87 12.73 -27.58
N GLU A 200 36.62 11.66 -27.77
CA GLU A 200 37.18 11.29 -29.08
C GLU A 200 36.73 9.89 -29.43
N PHE A 201 35.96 9.77 -30.51
CA PHE A 201 35.42 8.49 -30.97
C PHE A 201 34.64 8.73 -32.25
N ASP A 202 34.45 7.66 -33.02
CA ASP A 202 33.60 7.74 -34.20
C ASP A 202 32.12 7.55 -33.85
N VAL A 203 31.80 6.54 -33.04
CA VAL A 203 30.42 6.12 -32.80
C VAL A 203 30.31 5.58 -31.38
N VAL A 204 29.17 5.85 -30.74
CA VAL A 204 28.81 5.24 -29.46
C VAL A 204 27.66 4.29 -29.70
N LEU A 205 27.86 3.02 -29.33
CA LEU A 205 26.81 2.00 -29.38
C LEU A 205 26.37 1.72 -27.95
N THR A 206 25.16 2.17 -27.61
CA THR A 206 24.64 2.05 -26.25
C THR A 206 23.26 1.42 -26.29
N THR A 207 22.64 1.29 -25.12
CA THR A 207 21.30 0.73 -25.01
C THR A 207 20.44 1.65 -24.17
N PHE A 208 19.20 1.23 -23.93
CA PHE A 208 18.14 2.10 -23.42
C PHE A 208 18.46 2.75 -22.08
N GLU A 209 18.51 1.99 -20.99
CA GLU A 209 18.59 2.59 -19.67
C GLU A 209 19.92 3.27 -19.39
N TYR A 210 20.94 3.05 -20.23
CA TYR A 210 22.22 3.69 -20.00
C TYR A 210 22.25 5.15 -20.46
N ILE A 211 21.25 5.61 -21.20
CA ILE A 211 21.08 7.05 -21.36
C ILE A 211 20.25 7.63 -20.23
N ILE A 212 19.56 6.78 -19.47
CA ILE A 212 18.83 7.24 -18.29
C ILE A 212 19.79 7.39 -17.11
N LYS A 213 20.69 6.42 -16.90
CA LYS A 213 21.69 6.57 -15.85
C LYS A 213 22.86 7.42 -16.32
N GLU A 214 23.31 7.24 -17.56
CA GLU A 214 24.41 7.99 -18.12
C GLU A 214 23.99 9.28 -18.83
N ARG A 215 22.70 9.63 -18.77
CA ARG A 215 22.26 10.93 -19.29
C ARG A 215 22.96 12.09 -18.57
N ALA A 216 23.45 11.87 -17.35
CA ALA A 216 24.22 12.89 -16.67
C ALA A 216 25.60 13.09 -17.27
N LEU A 217 25.99 12.27 -18.23
CA LEU A 217 27.32 12.38 -18.84
C LEU A 217 27.23 12.52 -20.35
N LEU A 218 26.72 11.49 -21.03
CA LEU A 218 26.73 11.49 -22.49
C LEU A 218 25.84 12.57 -23.11
N SER A 219 24.96 13.18 -22.34
CA SER A 219 24.14 14.28 -22.84
C SER A 219 24.82 15.63 -22.76
N LYS A 220 25.94 15.73 -22.03
CA LYS A 220 26.68 16.99 -21.97
C LYS A 220 27.30 17.31 -23.32
N VAL A 221 27.89 16.31 -23.98
CA VAL A 221 28.53 16.55 -25.27
C VAL A 221 27.47 16.75 -26.35
N LYS A 222 27.87 17.42 -27.42
CA LYS A 222 26.97 17.68 -28.54
C LYS A 222 26.90 16.47 -29.45
N TRP A 223 25.72 16.24 -30.02
CA TRP A 223 25.48 15.14 -30.94
C TRP A 223 24.85 15.67 -32.22
N VAL A 224 24.86 14.84 -33.25
CA VAL A 224 24.38 15.26 -34.57
C VAL A 224 23.32 14.29 -35.08
N HIS A 225 23.72 13.05 -35.32
CA HIS A 225 22.84 12.04 -35.92
C HIS A 225 22.72 10.85 -34.97
N MET A 226 21.52 10.63 -34.44
CA MET A 226 21.25 9.51 -33.56
C MET A 226 20.46 8.44 -34.29
N ILE A 227 20.67 7.19 -33.90
CA ILE A 227 19.95 6.04 -34.43
C ILE A 227 19.31 5.32 -33.26
N ILE A 228 17.98 5.32 -33.21
CA ILE A 228 17.23 4.58 -32.19
C ILE A 228 16.48 3.46 -32.89
N ASP A 229 16.43 2.30 -32.25
CA ASP A 229 15.89 1.09 -32.84
C ASP A 229 14.60 0.69 -32.14
N GLU A 230 13.73 0.00 -32.88
CA GLU A 230 12.49 -0.57 -32.36
C GLU A 230 11.58 0.52 -31.77
N GLY A 231 11.02 1.31 -32.69
CA GLY A 231 10.15 2.40 -32.28
C GLY A 231 8.96 1.96 -31.45
N HIS A 232 8.56 0.69 -31.57
CA HIS A 232 7.50 0.17 -30.72
C HIS A 232 7.93 0.16 -29.25
N ARG A 233 9.23 0.02 -29.00
CA ARG A 233 9.73 0.18 -27.64
C ARG A 233 9.61 1.63 -27.19
N MET A 234 9.79 2.57 -28.11
CA MET A 234 9.59 3.99 -27.81
C MET A 234 8.14 4.25 -27.41
N LYS A 235 7.21 3.94 -28.30
CA LYS A 235 5.77 4.00 -28.01
C LYS A 235 5.37 5.35 -27.44
N ASN A 236 4.93 5.37 -26.18
CA ASN A 236 4.33 6.55 -25.59
C ASN A 236 5.35 7.67 -25.43
N ALA A 237 4.87 8.91 -25.56
CA ALA A 237 5.70 10.07 -25.23
C ALA A 237 5.63 10.42 -23.75
N GLN A 238 4.67 9.86 -23.02
CA GLN A 238 4.60 10.07 -21.58
C GLN A 238 5.63 9.24 -20.83
N SER A 239 6.18 8.19 -21.45
CA SER A 239 7.19 7.38 -20.81
C SER A 239 8.43 8.21 -20.50
N LYS A 240 9.16 7.80 -19.46
CA LYS A 240 10.31 8.57 -19.01
C LYS A 240 11.41 8.64 -20.08
N LEU A 241 11.57 7.58 -20.87
CA LEU A 241 12.57 7.58 -21.93
C LEU A 241 12.39 8.78 -22.85
N SER A 242 11.17 8.98 -23.34
CA SER A 242 10.84 10.09 -24.23
C SER A 242 11.21 11.44 -23.64
N LEU A 243 10.56 11.81 -22.54
CA LEU A 243 10.78 13.13 -21.95
C LEU A 243 12.21 13.32 -21.45
N THR A 244 12.93 12.23 -21.19
CA THR A 244 14.35 12.35 -20.85
C THR A 244 15.25 12.40 -22.06
N LEU A 245 14.74 12.08 -23.26
CA LEU A 245 15.50 12.37 -24.47
C LEU A 245 15.54 13.86 -24.80
N ASN A 246 14.68 14.66 -24.18
CA ASN A 246 14.82 16.11 -24.26
C ASN A 246 15.89 16.62 -23.31
N THR A 247 16.13 15.89 -22.21
CA THR A 247 17.26 16.17 -21.32
C THR A 247 18.59 15.90 -22.00
N HIS A 248 18.57 15.29 -23.18
CA HIS A 248 19.73 14.86 -23.93
C HIS A 248 20.33 15.99 -24.77
N TYR A 249 19.83 17.22 -24.60
CA TYR A 249 20.19 18.37 -25.43
C TYR A 249 19.71 18.11 -26.85
N HIS A 250 20.59 18.16 -27.85
CA HIS A 250 20.13 18.17 -29.22
C HIS A 250 21.07 17.38 -30.13
N ALA A 251 20.48 16.67 -31.07
CA ALA A 251 21.19 16.09 -32.21
C ALA A 251 20.37 16.40 -33.45
N ASP A 252 20.97 17.13 -34.39
CA ASP A 252 20.25 17.63 -35.57
C ASP A 252 19.57 16.51 -36.34
N TYR A 253 20.35 15.61 -36.93
CA TYR A 253 19.75 14.49 -37.65
C TYR A 253 19.21 13.45 -36.67
N ARG A 254 18.14 12.77 -37.09
CA ARG A 254 17.53 11.71 -36.31
C ARG A 254 17.06 10.61 -37.25
N LEU A 255 16.47 9.57 -36.67
CA LEU A 255 15.92 8.42 -37.38
C LEU A 255 15.31 7.48 -36.35
N ILE A 256 14.41 6.62 -36.81
CA ILE A 256 13.83 5.55 -36.00
C ILE A 256 13.71 4.31 -36.87
N LEU A 257 14.15 3.17 -36.33
CA LEU A 257 14.02 1.88 -37.00
C LEU A 257 12.95 1.06 -36.27
N THR A 258 12.10 0.39 -37.06
CA THR A 258 11.06 -0.44 -36.48
C THR A 258 10.71 -1.56 -37.44
N GLY A 259 10.32 -2.70 -36.89
CA GLY A 259 9.81 -3.80 -37.66
C GLY A 259 8.31 -3.79 -37.88
N THR A 260 7.62 -2.82 -37.27
CA THR A 260 6.17 -2.69 -37.33
C THR A 260 5.71 -1.42 -36.59
N PRO A 261 4.66 -0.77 -37.08
CA PRO A 261 4.17 0.44 -36.39
C PRO A 261 3.49 0.17 -35.06
N LEU A 262 2.86 1.20 -34.50
CA LEU A 262 2.40 1.21 -33.13
C LEU A 262 1.13 0.36 -32.97
N GLN A 263 0.59 0.39 -31.75
CA GLN A 263 -0.55 -0.44 -31.36
C GLN A 263 -1.78 -0.12 -32.19
N ASN A 264 -2.67 -1.12 -32.28
CA ASN A 264 -3.87 -1.03 -33.12
C ASN A 264 -4.70 0.19 -32.80
N ASN A 265 -4.85 0.51 -31.51
CA ASN A 265 -5.70 1.64 -31.13
C ASN A 265 -5.18 2.94 -31.73
N LEU A 266 -3.87 3.15 -31.70
CA LEU A 266 -3.17 4.28 -32.29
C LEU A 266 -3.66 5.64 -31.77
N PRO A 267 -3.76 5.85 -30.44
CA PRO A 267 -3.80 7.25 -29.96
C PRO A 267 -2.46 7.93 -30.08
N GLU A 268 -1.37 7.17 -30.03
CA GLU A 268 -0.01 7.70 -29.89
C GLU A 268 0.65 8.01 -31.21
N LEU A 269 -0.08 7.95 -32.32
CA LEU A 269 0.40 8.52 -33.57
C LEU A 269 0.96 9.92 -33.32
N TRP A 270 0.28 10.67 -32.44
CA TRP A 270 0.81 11.89 -31.85
C TRP A 270 2.24 11.69 -31.37
N ALA A 271 2.42 10.87 -30.33
CA ALA A 271 3.73 10.65 -29.73
C ALA A 271 4.78 10.33 -30.79
N LEU A 272 4.47 9.38 -31.67
CA LEU A 272 5.35 9.01 -32.76
C LEU A 272 5.78 10.23 -33.54
N LEU A 273 4.86 10.83 -34.30
CA LEU A 273 5.26 11.92 -35.19
C LEU A 273 5.73 13.16 -34.44
N ASN A 274 5.54 13.24 -33.12
CA ASN A 274 6.15 14.30 -32.34
C ASN A 274 7.64 14.03 -32.14
N PHE A 275 7.99 12.80 -31.73
CA PHE A 275 9.41 12.49 -31.57
C PHE A 275 10.12 12.34 -32.91
N VAL A 276 9.39 12.06 -33.99
CA VAL A 276 10.00 11.81 -35.29
C VAL A 276 10.23 13.09 -36.09
N LEU A 277 9.64 14.21 -35.70
CA LEU A 277 9.44 15.30 -36.66
C LEU A 277 8.96 16.59 -36.03
N PRO A 278 9.42 17.74 -36.56
CA PRO A 278 8.88 19.03 -36.11
C PRO A 278 7.41 19.22 -36.41
N LYS A 279 6.82 18.37 -37.24
CA LYS A 279 5.51 18.63 -37.82
C LYS A 279 4.42 19.00 -36.82
N ILE A 280 3.97 18.05 -36.01
CA ILE A 280 2.73 18.23 -35.24
C ILE A 280 2.98 18.61 -33.78
N PHE A 281 4.22 18.87 -33.37
CA PHE A 281 4.41 19.07 -31.93
C PHE A 281 3.72 20.33 -31.41
N ASN A 282 3.19 21.18 -32.28
CA ASN A 282 2.51 22.39 -31.81
C ASN A 282 1.18 22.05 -31.15
N SER A 283 0.33 21.29 -31.83
CA SER A 283 -1.01 20.96 -31.36
C SER A 283 -1.05 19.47 -31.01
N VAL A 284 -1.18 19.18 -29.71
CA VAL A 284 -1.16 17.80 -29.24
C VAL A 284 -2.53 17.13 -29.39
N LYS A 285 -3.61 17.84 -29.05
CA LYS A 285 -4.92 17.22 -28.87
C LYS A 285 -5.70 17.04 -30.17
N SER A 286 -5.12 17.38 -31.32
CA SER A 286 -5.83 17.43 -32.58
C SER A 286 -6.47 16.11 -33.02
N PHE A 287 -5.67 15.10 -33.37
CA PHE A 287 -6.11 14.02 -34.25
C PHE A 287 -6.95 12.94 -33.58
N ASP A 288 -7.26 13.07 -32.28
CA ASP A 288 -7.97 11.98 -31.61
C ASP A 288 -9.34 11.70 -32.26
N GLU A 289 -10.03 12.73 -32.75
CA GLU A 289 -11.24 12.47 -33.50
C GLU A 289 -10.96 12.10 -34.95
N TRP A 290 -9.82 12.56 -35.50
CA TRP A 290 -9.45 12.14 -36.84
C TRP A 290 -8.96 10.70 -36.90
N PHE A 291 -8.83 10.03 -35.76
CA PHE A 291 -8.48 8.61 -35.72
C PHE A 291 -9.70 7.70 -35.88
N ASN A 292 -10.89 8.26 -36.08
CA ASN A 292 -12.13 7.51 -36.07
C ASN A 292 -12.25 6.51 -37.22
N THR A 293 -11.32 6.52 -38.18
CA THR A 293 -11.40 5.61 -39.31
C THR A 293 -11.34 4.15 -38.84
N PRO A 294 -10.40 3.83 -37.96
CA PRO A 294 -10.28 2.46 -37.47
C PRO A 294 -11.37 2.14 -36.45
N PHE A 295 -11.69 3.09 -35.57
CA PHE A 295 -12.72 2.88 -34.56
C PHE A 295 -13.36 4.20 -34.15
N ASP A 302 -23.48 -0.89 -42.28
CA ASP A 302 -23.03 -0.23 -43.50
C ASP A 302 -21.51 -0.24 -43.61
N LYS A 303 -20.92 -1.44 -43.66
CA LYS A 303 -19.48 -1.55 -43.76
C LYS A 303 -18.94 -0.91 -45.05
N ILE A 304 -19.76 -0.88 -46.10
CA ILE A 304 -19.34 -0.23 -47.34
C ILE A 304 -19.30 1.28 -47.16
N GLU A 305 -20.37 1.85 -46.62
CA GLU A 305 -20.44 3.30 -46.44
C GLU A 305 -19.57 3.78 -45.29
N LEU A 306 -19.55 3.05 -44.17
CA LEU A 306 -18.68 3.43 -43.07
C LEU A 306 -17.21 3.23 -43.44
N SER A 307 -16.89 2.09 -44.07
CA SER A 307 -15.55 1.92 -44.60
C SER A 307 -15.21 3.02 -45.61
N GLU A 308 -16.22 3.53 -46.30
CA GLU A 308 -15.98 4.56 -47.30
C GLU A 308 -15.63 5.89 -46.65
N GLU A 309 -16.57 6.46 -45.89
CA GLU A 309 -16.35 7.73 -45.21
C GLU A 309 -15.14 7.60 -44.29
N GLU A 310 -15.29 6.83 -43.21
CA GLU A 310 -14.21 6.61 -42.25
C GLU A 310 -12.96 6.06 -42.93
N THR A 311 -13.01 4.80 -43.35
CA THR A 311 -11.82 4.13 -43.85
C THR A 311 -11.26 4.82 -45.10
N LEU A 312 -12.09 4.97 -46.13
CA LEU A 312 -11.58 5.51 -47.40
C LEU A 312 -11.19 6.98 -47.26
N LEU A 313 -12.08 7.81 -46.72
CA LEU A 313 -11.72 9.22 -46.56
C LEU A 313 -10.48 9.39 -45.69
N VAL A 314 -10.60 9.03 -44.41
CA VAL A 314 -9.55 9.35 -43.45
C VAL A 314 -8.25 8.65 -43.81
N ILE A 315 -8.33 7.41 -44.31
CA ILE A 315 -7.11 6.67 -44.61
C ILE A 315 -6.47 7.17 -45.90
N ARG A 316 -7.27 7.55 -46.90
CA ARG A 316 -6.70 8.25 -48.05
C ARG A 316 -5.97 9.51 -47.61
N ARG A 317 -6.51 10.20 -46.60
CA ARG A 317 -5.81 11.37 -46.09
C ARG A 317 -4.49 10.98 -45.46
N LEU A 318 -4.49 9.91 -44.64
CA LEU A 318 -3.27 9.47 -43.97
C LEU A 318 -2.19 9.10 -44.99
N HIS A 319 -2.56 8.38 -46.04
CA HIS A 319 -1.59 8.08 -47.09
C HIS A 319 -1.11 9.35 -47.77
N LYS A 320 -2.05 10.27 -48.08
CA LYS A 320 -1.68 11.50 -48.76
C LYS A 320 -0.62 12.28 -47.98
N VAL A 321 -0.75 12.31 -46.65
CA VAL A 321 0.18 13.09 -45.84
C VAL A 321 1.49 12.31 -45.60
N LEU A 322 1.39 11.01 -45.35
CA LEU A 322 2.48 10.25 -44.75
C LEU A 322 3.40 9.56 -45.75
N ARG A 323 3.23 9.80 -47.06
CA ARG A 323 4.02 9.10 -48.07
C ARG A 323 5.53 9.17 -47.84
N PRO A 324 6.17 10.38 -47.79
CA PRO A 324 7.63 10.46 -47.78
C PRO A 324 8.24 10.35 -46.39
N PHE A 325 7.80 9.36 -45.61
CA PHE A 325 8.38 9.11 -44.31
C PHE A 325 8.65 7.63 -44.09
N LEU A 326 7.61 6.82 -44.10
CA LEU A 326 7.75 5.39 -43.91
C LEU A 326 8.16 4.70 -45.21
N LEU A 327 8.96 3.65 -45.08
CA LEU A 327 9.43 2.88 -46.23
C LEU A 327 9.31 1.40 -45.91
N ARG A 328 8.58 0.65 -46.74
CA ARG A 328 8.34 -0.76 -46.48
C ARG A 328 8.51 -1.57 -47.76
N ARG A 329 9.04 -2.78 -47.61
CA ARG A 329 9.18 -3.74 -48.71
C ARG A 329 8.85 -5.12 -48.17
N LEU A 330 9.05 -6.14 -49.02
CA LEU A 330 8.79 -7.53 -48.65
C LEU A 330 10.04 -8.36 -48.94
N LYS A 331 9.98 -9.64 -48.56
CA LYS A 331 11.04 -10.57 -48.92
C LYS A 331 10.85 -11.10 -50.34
N LYS A 332 9.61 -11.30 -50.77
CA LYS A 332 9.35 -11.74 -52.14
C LYS A 332 9.71 -10.67 -53.16
N ASP A 333 9.65 -9.39 -52.76
CA ASP A 333 10.05 -8.32 -53.66
C ASP A 333 11.54 -8.41 -53.98
N VAL A 334 12.36 -8.62 -52.95
CA VAL A 334 13.80 -8.62 -53.14
C VAL A 334 14.30 -9.95 -53.69
N GLU A 335 13.61 -11.05 -53.37
CA GLU A 335 14.11 -12.37 -53.73
C GLU A 335 13.07 -13.22 -54.44
N LYS A 336 11.97 -13.52 -53.74
CA LYS A 336 10.97 -14.56 -54.00
C LYS A 336 11.45 -15.89 -53.44
N GLU A 337 12.66 -15.95 -52.87
CA GLU A 337 13.18 -17.17 -52.25
C GLU A 337 12.43 -17.55 -50.98
N LEU A 338 11.53 -16.72 -50.49
CA LEU A 338 10.67 -17.10 -49.37
C LEU A 338 9.90 -18.35 -49.75
N PRO A 339 10.07 -19.47 -49.04
CA PRO A 339 9.53 -20.74 -49.54
C PRO A 339 8.00 -20.76 -49.65
N ASP A 340 7.29 -20.33 -48.62
CA ASP A 340 5.82 -20.33 -48.61
C ASP A 340 5.35 -19.04 -47.96
N LYS A 341 4.03 -18.96 -47.76
CA LYS A 341 3.48 -18.03 -46.76
C LYS A 341 3.92 -18.45 -45.36
N VAL A 342 4.36 -19.70 -45.21
CA VAL A 342 5.04 -20.28 -44.05
C VAL A 342 4.30 -20.00 -42.74
N GLU A 343 2.97 -19.91 -42.80
CA GLU A 343 2.18 -19.66 -41.60
C GLU A 343 0.99 -20.60 -41.57
N LYS A 344 0.88 -21.37 -40.49
CA LYS A 344 -0.26 -22.25 -40.25
C LYS A 344 -0.69 -22.07 -38.79
N VAL A 345 -1.76 -22.76 -38.41
CA VAL A 345 -2.19 -22.89 -37.03
C VAL A 345 -2.61 -24.34 -36.80
N VAL A 346 -2.92 -24.66 -35.54
CA VAL A 346 -3.44 -25.96 -35.14
C VAL A 346 -4.43 -25.74 -34.00
N LYS A 347 -5.04 -26.85 -33.56
CA LYS A 347 -5.94 -26.86 -32.42
C LYS A 347 -5.60 -28.05 -31.53
N CYS A 348 -6.10 -28.02 -30.31
CA CYS A 348 -5.83 -29.08 -29.35
C CYS A 348 -7.09 -29.36 -28.55
N LYS A 349 -7.00 -30.32 -27.64
CA LYS A 349 -8.07 -30.68 -26.73
C LYS A 349 -7.61 -30.45 -25.29
N MET A 350 -8.50 -30.75 -24.35
CA MET A 350 -8.22 -30.61 -22.93
C MET A 350 -8.41 -31.97 -22.25
N SER A 351 -8.16 -31.99 -20.94
CA SER A 351 -8.41 -33.15 -20.10
C SER A 351 -9.47 -32.79 -19.08
N ALA A 352 -10.38 -33.73 -18.81
CA ALA A 352 -11.51 -33.45 -17.93
C ALA A 352 -11.05 -33.00 -16.56
N LEU A 353 -10.03 -33.67 -16.00
CA LEU A 353 -9.50 -33.26 -14.70
C LEU A 353 -8.98 -31.82 -14.75
N GLN A 354 -8.40 -31.41 -15.88
CA GLN A 354 -8.03 -30.02 -16.06
C GLN A 354 -9.23 -29.17 -16.49
N GLN A 355 -10.11 -29.72 -17.31
CA GLN A 355 -11.22 -28.94 -17.86
C GLN A 355 -12.20 -28.50 -16.77
N ILE A 356 -12.26 -29.24 -15.66
CA ILE A 356 -13.12 -28.83 -14.56
C ILE A 356 -12.67 -27.51 -13.97
N MET A 357 -11.38 -27.19 -14.09
CA MET A 357 -10.88 -25.89 -13.65
C MET A 357 -11.51 -24.74 -14.41
N TYR A 358 -12.00 -24.98 -15.62
CA TYR A 358 -12.64 -23.91 -16.40
C TYR A 358 -13.93 -23.45 -15.75
N GLN A 359 -14.86 -24.38 -15.50
CA GLN A 359 -16.15 -24.02 -14.95
C GLN A 359 -16.07 -23.78 -13.44
N GLN A 360 -15.28 -24.60 -12.74
CA GLN A 360 -15.15 -24.44 -11.29
C GLN A 360 -14.31 -23.21 -10.95
N MET A 361 -13.12 -23.11 -11.55
CA MET A 361 -12.23 -22.00 -11.26
C MET A 361 -12.72 -20.70 -11.91
N LEU A 362 -13.42 -20.80 -13.04
CA LEU A 362 -14.12 -19.65 -13.57
C LEU A 362 -15.32 -19.29 -12.71
N LYS A 363 -15.89 -20.28 -12.00
CA LYS A 363 -17.00 -20.03 -11.09
C LYS A 363 -16.54 -19.38 -9.79
N TYR A 364 -15.26 -19.55 -9.40
CA TYR A 364 -14.75 -18.82 -8.25
C TYR A 364 -14.87 -17.32 -8.43
N ARG A 365 -14.70 -16.84 -9.68
CA ARG A 365 -14.76 -15.42 -10.04
C ARG A 365 -14.16 -14.48 -9.00
N GLY A 382 -7.61 -14.84 -6.45
CA GLY A 382 -8.99 -14.45 -6.25
C GLY A 382 -9.49 -13.45 -7.28
N PHE A 383 -8.71 -12.40 -7.50
CA PHE A 383 -9.01 -11.38 -8.50
C PHE A 383 -7.96 -11.41 -9.59
N ASN A 384 -8.35 -10.95 -10.78
CA ASN A 384 -7.53 -10.96 -12.00
C ASN A 384 -7.26 -12.38 -12.48
N ASN A 385 -7.71 -13.39 -11.74
CA ASN A 385 -7.40 -14.78 -12.09
C ASN A 385 -8.09 -15.21 -13.38
N GLN A 386 -9.31 -14.74 -13.61
CA GLN A 386 -10.13 -15.26 -14.71
C GLN A 386 -9.39 -15.26 -16.03
N ILE A 387 -8.57 -14.23 -16.27
CA ILE A 387 -7.66 -14.25 -17.41
C ILE A 387 -6.41 -15.06 -17.11
N MET A 388 -5.87 -14.91 -15.89
CA MET A 388 -4.63 -15.59 -15.54
C MET A 388 -4.85 -17.09 -15.34
N GLN A 389 -6.03 -17.50 -14.90
CA GLN A 389 -6.27 -18.90 -14.55
C GLN A 389 -6.23 -19.80 -15.79
N LEU A 390 -6.87 -19.37 -16.88
CA LEU A 390 -7.08 -20.26 -18.01
C LEU A 390 -5.83 -20.40 -18.85
N LYS A 391 -5.07 -19.30 -19.02
CA LYS A 391 -3.82 -19.38 -19.76
C LYS A 391 -2.86 -20.39 -19.15
N LYS A 392 -2.79 -20.41 -17.82
CA LYS A 392 -1.89 -21.34 -17.14
C LYS A 392 -2.39 -22.78 -17.28
N ILE A 393 -3.64 -23.03 -16.92
CA ILE A 393 -4.13 -24.40 -16.83
C ILE A 393 -4.16 -25.08 -18.19
N CYS A 394 -4.33 -24.32 -19.28
CA CYS A 394 -4.19 -24.93 -20.60
C CYS A 394 -2.74 -25.17 -20.95
N ASN A 395 -1.81 -24.44 -20.33
CA ASN A 395 -0.37 -24.65 -20.54
C ASN A 395 0.16 -25.63 -19.49
N HIS A 396 0.15 -25.23 -18.22
CA HIS A 396 0.60 -26.14 -17.18
C HIS A 396 -0.38 -26.12 -16.01
N PRO A 397 -0.71 -27.28 -15.45
CA PRO A 397 -1.29 -27.29 -14.10
C PRO A 397 -0.26 -27.01 -13.02
N PHE A 398 1.01 -27.32 -13.29
CA PHE A 398 2.04 -27.32 -12.27
C PHE A 398 2.57 -25.93 -11.94
N VAL A 399 2.16 -24.90 -12.69
CA VAL A 399 2.58 -23.54 -12.36
C VAL A 399 2.03 -23.13 -11.00
N PHE A 400 0.89 -23.68 -10.61
CA PHE A 400 0.34 -23.43 -9.28
C PHE A 400 1.04 -24.33 -8.27
N GLU A 401 1.49 -23.74 -7.15
CA GLU A 401 2.26 -24.48 -6.18
C GLU A 401 1.40 -25.51 -5.46
N GLU A 402 0.24 -25.10 -4.95
CA GLU A 402 -0.61 -26.02 -4.19
C GLU A 402 -1.15 -27.15 -5.07
N VAL A 403 -1.51 -26.83 -6.31
CA VAL A 403 -2.02 -27.85 -7.22
C VAL A 403 -0.94 -28.89 -7.50
N GLU A 404 0.27 -28.43 -7.82
CA GLU A 404 1.36 -29.35 -8.08
C GLU A 404 1.70 -30.16 -6.83
N ASP A 405 1.53 -29.57 -5.64
CA ASP A 405 1.79 -30.30 -4.41
C ASP A 405 0.76 -31.40 -4.19
N GLN A 406 -0.52 -31.10 -4.43
CA GLN A 406 -1.56 -32.10 -4.18
C GLN A 406 -1.57 -33.19 -5.25
N ILE A 407 -1.14 -32.87 -6.47
CA ILE A 407 -1.08 -33.89 -7.52
C ILE A 407 -0.08 -34.98 -7.14
N ASN A 408 1.17 -34.59 -6.87
CA ASN A 408 2.15 -35.53 -6.35
C ASN A 408 2.95 -34.83 -5.27
N PRO A 409 3.19 -35.49 -4.13
CA PRO A 409 4.10 -34.91 -3.12
C PRO A 409 5.56 -34.96 -3.52
N THR A 410 5.96 -35.97 -4.30
CA THR A 410 7.38 -36.23 -4.53
C THR A 410 8.00 -35.27 -5.55
N ARG A 411 7.20 -34.69 -6.44
CA ARG A 411 7.63 -33.76 -7.48
C ARG A 411 8.89 -34.25 -8.21
N GLU A 412 9.02 -35.56 -8.34
CA GLU A 412 10.02 -36.16 -9.22
C GLU A 412 9.51 -36.19 -10.65
N THR A 413 10.44 -36.25 -11.60
CA THR A 413 10.07 -36.41 -13.00
C THR A 413 9.20 -37.65 -13.16
N ASN A 414 8.03 -37.46 -13.76
CA ASN A 414 6.97 -38.47 -13.76
C ASN A 414 6.42 -38.64 -15.16
N ASP A 415 5.82 -39.81 -15.39
CA ASP A 415 5.17 -40.08 -16.66
C ASP A 415 3.92 -39.22 -16.84
N ASP A 416 3.26 -38.86 -15.75
CA ASP A 416 2.01 -38.12 -15.79
C ASP A 416 2.21 -36.61 -15.89
N ILE A 417 3.46 -36.13 -15.93
CA ILE A 417 3.69 -34.71 -16.14
C ILE A 417 3.18 -34.29 -17.51
N TRP A 418 3.42 -35.11 -18.53
CA TRP A 418 3.02 -34.80 -19.89
C TRP A 418 1.67 -35.40 -20.27
N ARG A 419 1.05 -36.17 -19.39
CA ARG A 419 -0.24 -36.77 -19.65
C ARG A 419 -1.40 -35.96 -19.07
N VAL A 420 -1.10 -34.85 -18.40
CA VAL A 420 -2.15 -34.05 -17.76
C VAL A 420 -2.87 -33.16 -18.77
N ALA A 421 -2.18 -32.71 -19.82
CA ALA A 421 -2.75 -31.82 -20.82
C ALA A 421 -2.55 -32.40 -22.20
N GLY A 422 -3.09 -31.71 -23.21
CA GLY A 422 -2.98 -32.17 -24.59
C GLY A 422 -1.80 -31.56 -25.34
N LYS A 423 -1.33 -30.40 -24.87
CA LYS A 423 -0.16 -29.78 -25.47
C LYS A 423 1.05 -30.69 -25.37
N PHE A 424 1.20 -31.38 -24.23
CA PHE A 424 2.30 -32.31 -24.05
C PHE A 424 2.04 -33.64 -24.73
N GLU A 425 0.77 -34.00 -24.94
CA GLU A 425 0.48 -35.23 -25.69
C GLU A 425 0.85 -35.07 -27.15
N LEU A 426 0.29 -34.05 -27.81
CA LEU A 426 0.67 -33.77 -29.20
C LEU A 426 2.13 -33.35 -29.31
N LEU A 427 2.68 -32.77 -28.25
CA LEU A 427 4.11 -32.46 -28.23
C LEU A 427 4.94 -33.73 -28.28
N ASP A 428 4.59 -34.70 -27.42
CA ASP A 428 5.22 -36.01 -27.48
C ASP A 428 4.92 -36.71 -28.80
N ARG A 429 3.88 -36.27 -29.52
CA ARG A 429 3.62 -36.82 -30.85
C ARG A 429 4.59 -36.24 -31.88
N ILE A 430 4.85 -34.93 -31.81
CA ILE A 430 5.66 -34.29 -32.85
C ILE A 430 7.15 -34.51 -32.61
N LEU A 431 7.60 -34.57 -31.36
CA LEU A 431 9.03 -34.69 -31.07
C LEU A 431 9.72 -35.84 -31.80
N PRO A 432 9.19 -37.07 -31.82
CA PRO A 432 9.87 -38.13 -32.60
C PRO A 432 9.99 -37.79 -34.08
N LYS A 433 9.00 -37.07 -34.62
CA LYS A 433 9.11 -36.63 -36.01
C LYS A 433 10.00 -35.41 -36.14
N LEU A 434 10.05 -34.55 -35.12
CA LEU A 434 11.01 -33.46 -35.08
C LEU A 434 12.43 -33.98 -35.22
N LYS A 435 12.87 -34.79 -34.25
CA LYS A 435 14.21 -35.37 -34.33
C LYS A 435 14.36 -36.27 -35.55
N ALA A 436 13.27 -36.94 -35.96
CA ALA A 436 13.31 -37.79 -37.15
C ALA A 436 13.73 -37.00 -38.39
N THR A 437 12.93 -36.01 -38.77
CA THR A 437 13.19 -35.22 -39.97
C THR A 437 14.52 -34.48 -39.93
N GLY A 438 15.15 -34.35 -38.77
CA GLY A 438 16.38 -33.61 -38.66
C GLY A 438 16.22 -32.10 -38.75
N HIS A 439 14.99 -31.60 -38.78
CA HIS A 439 14.73 -30.17 -38.85
C HIS A 439 14.48 -29.62 -37.45
N ARG A 440 15.00 -28.43 -37.19
CA ARG A 440 14.93 -27.83 -35.87
C ARG A 440 13.61 -27.11 -35.67
N VAL A 441 13.40 -26.57 -34.48
CA VAL A 441 12.17 -25.85 -34.15
C VAL A 441 12.51 -24.71 -33.21
N LEU A 442 11.85 -23.57 -33.41
CA LEU A 442 11.84 -22.49 -32.44
C LEU A 442 10.50 -22.49 -31.72
N ILE A 443 10.52 -22.19 -30.42
CA ILE A 443 9.29 -22.12 -29.66
C ILE A 443 9.35 -20.88 -28.76
N PHE A 444 8.21 -20.19 -28.65
CA PHE A 444 8.08 -19.03 -27.78
C PHE A 444 7.15 -19.37 -26.63
N PHE A 445 7.38 -18.75 -25.48
CA PHE A 445 6.73 -19.13 -24.24
C PHE A 445 6.33 -17.90 -23.45
N GLN A 446 5.48 -18.14 -22.45
CA GLN A 446 5.36 -17.22 -21.32
C GLN A 446 6.58 -17.41 -20.42
N MET A 447 6.69 -16.61 -19.37
CA MET A 447 7.89 -16.61 -18.56
C MET A 447 7.69 -17.41 -17.27
N THR A 448 8.74 -17.43 -16.45
CA THR A 448 8.75 -18.02 -15.11
C THR A 448 8.44 -19.52 -15.23
N GLN A 449 7.37 -20.04 -14.62
CA GLN A 449 7.25 -21.49 -14.44
C GLN A 449 7.05 -22.23 -15.75
N ILE A 450 6.48 -21.56 -16.76
CA ILE A 450 6.18 -22.25 -18.03
C ILE A 450 7.46 -22.77 -18.67
N MET A 451 8.45 -21.88 -18.84
CA MET A 451 9.72 -22.31 -19.41
C MET A 451 10.41 -23.34 -18.54
N ASP A 452 10.23 -23.26 -17.22
CA ASP A 452 10.84 -24.24 -16.33
C ASP A 452 10.27 -25.63 -16.58
N ILE A 453 8.94 -25.73 -16.65
CA ILE A 453 8.30 -27.03 -16.85
C ILE A 453 8.61 -27.56 -18.24
N MET A 454 8.70 -26.68 -19.24
CA MET A 454 9.10 -27.13 -20.57
C MET A 454 10.53 -27.66 -20.56
N GLU A 455 11.42 -27.01 -19.80
CA GLU A 455 12.75 -27.56 -19.59
C GLU A 455 12.68 -28.93 -18.95
N ASP A 456 11.73 -29.12 -18.04
CA ASP A 456 11.59 -30.40 -17.36
C ASP A 456 11.09 -31.50 -18.31
N PHE A 457 10.26 -31.13 -19.29
CA PHE A 457 9.80 -32.11 -20.26
C PHE A 457 10.89 -32.44 -21.27
N LEU A 458 11.51 -31.42 -21.86
CA LEU A 458 12.57 -31.64 -22.84
C LEU A 458 13.75 -32.36 -22.21
N ARG A 459 13.96 -32.19 -20.90
CA ARG A 459 14.93 -33.00 -20.18
C ARG A 459 14.37 -34.37 -19.85
N TYR A 460 13.05 -34.48 -19.72
CA TYR A 460 12.43 -35.78 -19.39
C TYR A 460 12.60 -36.77 -20.53
N ILE A 461 12.21 -36.38 -21.75
CA ILE A 461 12.45 -37.23 -22.91
C ILE A 461 13.86 -37.01 -23.48
N ASN A 462 14.62 -36.07 -22.90
CA ASN A 462 16.02 -35.86 -23.22
C ASN A 462 16.21 -35.48 -24.70
N ILE A 463 15.73 -34.27 -25.01
CA ILE A 463 16.07 -33.58 -26.24
C ILE A 463 16.75 -32.28 -25.82
N LYS A 464 18.04 -32.17 -26.11
CA LYS A 464 18.85 -31.11 -25.53
C LYS A 464 18.43 -29.75 -26.10
N TYR A 465 18.57 -28.71 -25.28
CA TYR A 465 17.99 -27.42 -25.58
C TYR A 465 18.84 -26.31 -24.97
N LEU A 466 18.95 -25.20 -25.69
CA LEU A 466 19.41 -23.95 -25.09
C LEU A 466 18.25 -23.30 -24.33
N ARG A 467 18.60 -22.38 -23.43
CA ARG A 467 17.59 -21.61 -22.72
C ARG A 467 17.98 -20.13 -22.74
N LEU A 468 16.96 -19.27 -22.86
CA LEU A 468 17.18 -17.83 -22.90
C LEU A 468 15.95 -17.14 -22.31
N ASP A 469 16.17 -15.97 -21.72
CA ASP A 469 15.12 -15.26 -20.99
C ASP A 469 15.64 -13.92 -20.49
N GLY A 470 14.76 -13.13 -19.86
CA GLY A 470 15.10 -11.75 -19.54
C GLY A 470 16.20 -11.63 -18.50
N HIS A 471 16.21 -12.51 -17.49
CA HIS A 471 17.10 -12.33 -16.37
C HIS A 471 18.53 -12.81 -16.62
N THR A 472 18.79 -13.39 -17.79
CA THR A 472 20.15 -13.87 -18.07
C THR A 472 21.05 -12.69 -18.42
N LYS A 473 22.35 -12.91 -18.25
CA LYS A 473 23.33 -11.86 -18.47
C LYS A 473 23.64 -11.72 -19.96
N SER A 474 24.43 -10.71 -20.31
CA SER A 474 24.83 -10.49 -21.69
C SER A 474 25.95 -11.43 -22.13
N ASP A 475 26.82 -11.83 -21.19
CA ASP A 475 27.90 -12.76 -21.48
C ASP A 475 27.38 -14.01 -22.18
N GLU A 476 26.55 -14.79 -21.50
CA GLU A 476 25.96 -15.97 -22.10
C GLU A 476 24.82 -15.64 -23.05
N ARG A 477 24.39 -14.38 -23.12
CA ARG A 477 23.51 -13.99 -24.22
C ARG A 477 24.23 -14.10 -25.56
N SER A 478 25.34 -13.36 -25.70
CA SER A 478 26.15 -13.45 -26.91
C SER A 478 26.79 -14.83 -27.05
N GLU A 479 27.20 -15.43 -25.94
CA GLU A 479 27.81 -16.76 -25.99
C GLU A 479 26.82 -17.79 -26.50
N LEU A 480 25.59 -17.76 -26.02
CA LEU A 480 24.55 -18.66 -26.52
C LEU A 480 24.22 -18.37 -27.98
N LEU A 481 24.14 -17.07 -28.35
CA LEU A 481 23.97 -16.73 -29.76
C LEU A 481 25.05 -17.37 -30.62
N ARG A 482 26.30 -17.38 -30.16
CA ARG A 482 27.35 -18.06 -30.89
C ARG A 482 27.18 -19.58 -30.85
N LEU A 483 26.66 -20.11 -29.75
CA LEU A 483 26.44 -21.55 -29.65
C LEU A 483 25.39 -22.02 -30.66
N PHE A 484 24.47 -21.13 -31.06
CA PHE A 484 23.52 -21.50 -32.09
C PHE A 484 24.20 -21.62 -33.44
N ASN A 485 25.16 -20.73 -33.73
CA ASN A 485 25.70 -20.56 -35.08
C ASN A 485 26.48 -21.78 -35.57
N ALA A 486 26.73 -22.76 -34.73
CA ALA A 486 27.46 -23.94 -35.15
C ALA A 486 26.52 -24.92 -35.85
N PRO A 487 26.73 -25.22 -37.13
CA PRO A 487 25.80 -26.11 -37.84
C PRO A 487 25.82 -27.55 -37.34
N ASP A 488 26.87 -27.96 -36.62
CA ASP A 488 26.98 -29.31 -36.08
C ASP A 488 26.02 -29.57 -34.92
N SER A 489 25.24 -28.56 -34.52
CA SER A 489 24.44 -28.63 -33.32
C SER A 489 23.60 -29.90 -33.25
N GLU A 490 23.70 -30.59 -32.12
CA GLU A 490 22.89 -31.77 -31.85
C GLU A 490 21.57 -31.43 -31.16
N TYR A 491 21.41 -30.20 -30.69
CA TYR A 491 20.15 -29.75 -30.12
C TYR A 491 19.31 -29.09 -31.19
N LEU A 492 18.03 -29.45 -31.24
CA LEU A 492 17.15 -28.93 -32.27
C LEU A 492 16.34 -27.74 -31.75
N CYS A 493 15.46 -28.00 -30.79
CA CYS A 493 14.65 -26.95 -30.21
C CYS A 493 15.48 -26.18 -29.18
N PHE A 494 14.87 -25.13 -28.62
CA PHE A 494 15.36 -24.43 -27.45
C PHE A 494 14.36 -23.33 -27.11
N ILE A 495 14.47 -22.82 -25.89
CA ILE A 495 13.50 -21.88 -25.33
C ILE A 495 13.99 -20.46 -25.51
N LEU A 496 13.07 -19.56 -25.86
CA LEU A 496 13.37 -18.15 -26.03
C LEU A 496 12.18 -17.32 -25.57
N SER A 497 12.47 -16.17 -24.96
CA SER A 497 11.43 -15.32 -24.40
C SER A 497 10.87 -14.39 -25.48
N THR A 498 9.54 -14.29 -25.52
CA THR A 498 8.89 -13.44 -26.52
C THR A 498 9.33 -11.99 -26.39
N ARG A 499 9.25 -11.44 -25.17
CA ARG A 499 9.59 -10.04 -24.96
C ARG A 499 11.10 -9.84 -24.93
N ALA A 500 11.81 -10.66 -24.16
CA ALA A 500 13.24 -10.47 -23.99
C ALA A 500 14.01 -10.86 -25.25
N GLY A 501 13.80 -12.08 -25.73
CA GLY A 501 14.56 -12.60 -26.83
C GLY A 501 13.93 -12.45 -28.21
N GLY A 502 12.70 -11.96 -28.30
CA GLY A 502 12.09 -11.76 -29.60
C GLY A 502 12.90 -10.85 -30.50
N LEU A 503 13.58 -9.87 -29.90
CA LEU A 503 14.54 -9.03 -30.60
C LEU A 503 15.97 -9.54 -30.45
N GLY A 504 16.16 -10.69 -29.80
CA GLY A 504 17.45 -11.12 -29.31
C GLY A 504 18.36 -11.87 -30.26
N LEU A 505 17.89 -12.25 -31.44
CA LEU A 505 18.71 -13.01 -32.36
C LEU A 505 18.41 -12.63 -33.80
N ASN A 506 19.38 -12.90 -34.66
CA ASN A 506 19.24 -12.78 -36.10
C ASN A 506 19.78 -14.06 -36.71
N LEU A 507 18.92 -14.85 -37.35
CA LEU A 507 19.26 -16.21 -37.76
C LEU A 507 18.80 -16.46 -39.19
N GLN A 508 19.75 -16.80 -40.06
CA GLN A 508 19.39 -17.28 -41.39
C GLN A 508 19.05 -18.76 -41.40
N THR A 509 19.52 -19.52 -40.42
CA THR A 509 19.51 -20.98 -40.46
C THR A 509 18.33 -21.61 -39.73
N ALA A 510 17.43 -20.84 -39.15
CA ALA A 510 16.33 -21.48 -38.44
C ALA A 510 15.26 -21.94 -39.43
N ASP A 511 14.28 -22.69 -38.90
CA ASP A 511 13.20 -23.19 -39.74
C ASP A 511 11.81 -23.04 -39.13
N THR A 512 11.51 -23.78 -38.06
CA THR A 512 10.16 -23.92 -37.54
C THR A 512 9.97 -23.07 -36.28
N VAL A 513 8.76 -22.51 -36.13
CA VAL A 513 8.44 -21.60 -35.03
C VAL A 513 7.12 -22.01 -34.40
N ILE A 514 7.03 -21.89 -33.07
CA ILE A 514 5.83 -22.19 -32.31
C ILE A 514 5.62 -21.08 -31.28
N ILE A 515 4.35 -20.67 -31.09
CA ILE A 515 4.01 -19.58 -30.17
C ILE A 515 2.85 -20.02 -29.29
N PHE A 516 3.08 -20.09 -27.97
CA PHE A 516 2.01 -20.38 -27.03
C PHE A 516 1.20 -19.14 -26.65
N ASP A 517 1.88 -18.00 -26.43
CA ASP A 517 1.26 -16.87 -25.74
C ASP A 517 0.10 -16.26 -26.51
N THR A 518 0.09 -16.39 -27.84
CA THR A 518 -0.96 -15.84 -28.69
C THR A 518 -1.08 -14.32 -28.50
N ASP A 519 0.04 -13.63 -28.71
CA ASP A 519 0.14 -12.21 -29.02
C ASP A 519 -0.82 -11.27 -28.26
N TRP A 520 -0.56 -11.05 -26.97
CA TRP A 520 -1.24 -9.95 -26.28
C TRP A 520 -1.09 -8.64 -27.04
N ASN A 521 0.00 -8.48 -27.79
CA ASN A 521 0.08 -7.53 -28.86
C ASN A 521 0.47 -8.28 -30.13
N PRO A 522 -0.17 -8.01 -31.27
CA PRO A 522 0.24 -8.70 -32.51
C PRO A 522 1.61 -8.31 -32.98
N HIS A 523 2.06 -7.08 -32.68
CA HIS A 523 3.38 -6.64 -33.09
C HIS A 523 4.49 -7.45 -32.43
N GLN A 524 4.21 -8.09 -31.30
CA GLN A 524 5.20 -8.96 -30.68
C GLN A 524 5.28 -10.31 -31.36
N ASP A 525 4.12 -10.88 -31.74
CA ASP A 525 4.13 -12.18 -32.40
C ASP A 525 4.69 -12.07 -33.81
N LEU A 526 4.32 -11.02 -34.55
CA LEU A 526 4.95 -10.81 -35.85
C LEU A 526 6.37 -10.30 -35.70
N GLN A 527 6.67 -9.63 -34.59
CA GLN A 527 8.02 -9.19 -34.26
C GLN A 527 8.96 -10.38 -34.17
N ALA A 528 8.74 -11.26 -33.19
CA ALA A 528 9.54 -12.45 -33.04
C ALA A 528 9.22 -13.53 -34.06
N GLN A 529 8.20 -13.33 -34.88
CA GLN A 529 7.75 -14.36 -35.81
C GLN A 529 8.70 -14.52 -36.98
N ASP A 530 9.31 -13.43 -37.44
CA ASP A 530 10.13 -13.45 -38.65
C ASP A 530 11.55 -13.92 -38.39
N ARG A 531 11.88 -14.31 -37.16
CA ARG A 531 13.21 -14.81 -36.84
C ARG A 531 13.53 -16.13 -37.54
N ALA A 532 12.55 -16.77 -38.18
CA ALA A 532 12.79 -18.00 -38.94
C ALA A 532 13.20 -17.67 -40.37
N HIS A 533 12.25 -17.18 -41.17
CA HIS A 533 12.55 -16.86 -42.56
C HIS A 533 13.47 -15.66 -42.64
N ARG A 534 14.52 -15.78 -43.45
CA ARG A 534 15.59 -14.80 -43.48
C ARG A 534 16.26 -14.91 -44.85
N ILE A 535 17.00 -13.85 -45.21
CA ILE A 535 17.75 -13.86 -46.46
C ILE A 535 18.70 -15.06 -46.47
N GLY A 536 18.66 -15.83 -47.55
CA GLY A 536 19.48 -17.02 -47.65
C GLY A 536 18.99 -18.19 -46.83
N GLN A 537 17.69 -18.45 -46.86
CA GLN A 537 17.10 -19.57 -46.12
C GLN A 537 17.00 -20.76 -47.05
N LYS A 538 17.79 -21.79 -46.77
CA LYS A 538 17.82 -23.01 -47.57
C LYS A 538 16.77 -24.02 -47.16
N ASN A 539 15.99 -23.73 -46.12
CA ASN A 539 14.92 -24.60 -45.65
C ASN A 539 13.57 -23.94 -45.87
N GLU A 540 12.52 -24.63 -45.46
CA GLU A 540 11.14 -24.21 -45.70
C GLU A 540 10.44 -24.08 -44.36
N VAL A 541 9.96 -22.86 -44.06
CA VAL A 541 9.47 -22.48 -42.75
C VAL A 541 8.02 -22.94 -42.57
N ARG A 542 7.69 -23.38 -41.35
CA ARG A 542 6.32 -23.65 -40.96
C ARG A 542 6.09 -23.13 -39.55
N ILE A 543 4.97 -22.45 -39.35
CA ILE A 543 4.63 -21.80 -38.09
C ILE A 543 3.38 -22.47 -37.52
N LEU A 544 3.36 -22.66 -36.21
CA LEU A 544 2.26 -23.33 -35.54
C LEU A 544 1.82 -22.54 -34.33
N ARG A 545 0.52 -22.28 -34.23
CA ARG A 545 -0.10 -21.69 -33.04
C ARG A 545 -0.85 -22.80 -32.32
N LEU A 546 -0.38 -23.19 -31.14
CA LEU A 546 -0.97 -24.29 -30.38
C LEU A 546 -2.05 -23.72 -29.46
N ILE A 547 -3.31 -24.08 -29.73
CA ILE A 547 -4.47 -23.57 -29.01
C ILE A 547 -5.38 -24.75 -28.67
N THR A 548 -6.01 -24.67 -27.51
CA THR A 548 -6.96 -25.69 -27.06
C THR A 548 -8.39 -25.16 -27.19
N THR A 549 -9.30 -26.04 -27.57
CA THR A 549 -10.70 -25.67 -27.74
C THR A 549 -11.38 -25.48 -26.40
N ASN A 550 -12.51 -24.77 -26.42
CA ASN A 550 -13.32 -24.50 -25.23
C ASN A 550 -12.50 -23.81 -24.14
N SER A 551 -11.88 -22.69 -24.52
CA SER A 551 -10.97 -21.97 -23.64
C SER A 551 -11.01 -20.49 -24.00
N VAL A 552 -10.45 -19.67 -23.11
CA VAL A 552 -10.40 -18.25 -23.39
C VAL A 552 -9.30 -17.92 -24.41
N GLU A 553 -8.35 -18.81 -24.62
CA GLU A 553 -7.19 -18.48 -25.44
C GLU A 553 -7.52 -18.38 -26.92
N GLU A 554 -8.44 -19.21 -27.43
CA GLU A 554 -8.84 -19.04 -28.82
C GLU A 554 -9.73 -17.82 -29.00
N VAL A 555 -10.37 -17.34 -27.92
CA VAL A 555 -11.02 -16.03 -27.96
C VAL A 555 -9.96 -14.93 -28.02
N ILE A 556 -8.85 -15.13 -27.32
CA ILE A 556 -7.73 -14.20 -27.42
C ILE A 556 -7.16 -14.20 -28.83
N LEU A 557 -7.21 -15.34 -29.51
CA LEU A 557 -6.83 -15.38 -30.92
C LEU A 557 -7.86 -14.66 -31.79
N GLU A 558 -9.14 -14.85 -31.49
CA GLU A 558 -10.19 -14.08 -32.15
C GLU A 558 -9.87 -12.59 -32.10
N ARG A 559 -9.83 -12.02 -30.89
CA ARG A 559 -9.44 -10.63 -30.71
C ARG A 559 -8.10 -10.32 -31.38
N ALA A 560 -7.22 -11.32 -31.47
CA ALA A 560 -5.90 -11.09 -32.06
C ALA A 560 -6.02 -10.74 -33.53
N TYR A 561 -6.72 -11.55 -34.31
CA TYR A 561 -6.84 -11.17 -35.72
C TYR A 561 -7.91 -10.12 -35.96
N LYS A 562 -8.81 -9.88 -35.00
CA LYS A 562 -9.60 -8.66 -35.01
C LYS A 562 -8.67 -7.45 -35.03
N LYS A 563 -7.69 -7.43 -34.14
CA LYS A 563 -6.69 -6.38 -34.15
C LYS A 563 -5.90 -6.39 -35.46
N LEU A 564 -5.54 -7.58 -35.96
CA LEU A 564 -4.87 -7.68 -37.25
C LEU A 564 -5.68 -7.03 -38.36
N ASP A 565 -7.00 -6.96 -38.21
CA ASP A 565 -7.80 -6.15 -39.13
C ASP A 565 -7.73 -4.67 -38.76
N ILE A 566 -7.73 -4.37 -37.45
CA ILE A 566 -7.72 -2.97 -37.01
C ILE A 566 -6.52 -2.23 -37.58
N ASP A 567 -5.31 -2.77 -37.38
CA ASP A 567 -4.17 -2.25 -38.11
C ASP A 567 -4.13 -2.73 -39.55
N GLY A 568 -4.96 -3.72 -39.89
CA GLY A 568 -5.14 -4.10 -41.28
C GLY A 568 -5.67 -2.98 -42.14
N LYS A 569 -6.34 -2.00 -41.54
CA LYS A 569 -6.65 -0.75 -42.23
C LYS A 569 -5.56 0.30 -42.05
N VAL A 570 -4.53 0.00 -41.27
CA VAL A 570 -3.45 0.96 -41.02
C VAL A 570 -2.15 0.44 -41.60
N ILE A 571 -1.59 -0.61 -41.00
CA ILE A 571 -0.29 -1.09 -41.46
C ILE A 571 -0.42 -1.91 -42.73
N GLN A 572 -1.50 -2.67 -42.89
CA GLN A 572 -1.75 -3.33 -44.18
C GLN A 572 -2.20 -2.33 -45.23
N ALA A 573 -2.63 -1.13 -44.80
CA ALA A 573 -2.69 -0.01 -45.73
C ALA A 573 -1.31 0.61 -45.94
N GLY A 574 -0.44 0.54 -44.94
CA GLY A 574 0.90 1.07 -45.09
C GLY A 574 1.86 0.19 -45.87
N LYS A 575 1.44 -0.99 -46.33
CA LYS A 575 2.37 -1.87 -47.02
C LYS A 575 2.56 -1.46 -48.48
N PHE A 576 1.53 -0.95 -49.14
CA PHE A 576 1.69 -0.55 -50.53
C PHE A 576 2.43 0.76 -50.69
N ASP A 577 2.75 1.46 -49.61
CA ASP A 577 3.42 2.75 -49.69
C ASP A 577 4.92 2.53 -49.56
N ASN A 578 5.63 2.67 -50.69
CA ASN A 578 7.09 2.71 -50.71
C ASN A 578 7.53 3.86 -51.61
N LYS A 579 7.29 3.70 -52.90
CA LYS A 579 7.56 4.70 -53.92
C LYS A 579 6.34 5.56 -54.23
N SER A 580 5.25 5.40 -53.46
CA SER A 580 3.96 6.06 -53.70
C SER A 580 3.38 5.65 -55.05
N THR A 581 2.97 4.39 -55.11
CA THR A 581 2.34 3.81 -56.29
C THR A 581 0.88 4.26 -56.36
N SER A 582 0.12 3.69 -57.30
CA SER A 582 -1.25 4.13 -57.52
C SER A 582 -2.24 2.98 -57.48
N GLU A 583 -2.12 2.04 -58.42
CA GLU A 583 -3.15 1.01 -58.59
C GLU A 583 -3.09 -0.08 -57.52
N GLU A 584 -1.91 -0.33 -56.94
CA GLU A 584 -1.76 -1.45 -56.02
C GLU A 584 -2.59 -1.27 -54.75
N GLN A 585 -2.89 -0.04 -54.36
CA GLN A 585 -3.64 0.17 -53.13
C GLN A 585 -5.05 -0.39 -53.24
N GLU A 586 -5.75 -0.11 -54.34
CA GLU A 586 -7.06 -0.71 -54.54
C GLU A 586 -6.96 -2.19 -54.87
N ALA A 587 -5.81 -2.65 -55.38
CA ALA A 587 -5.61 -4.09 -55.55
C ALA A 587 -5.64 -4.80 -54.20
N LEU A 588 -4.90 -4.28 -53.23
CA LEU A 588 -4.97 -4.83 -51.88
C LEU A 588 -6.28 -4.50 -51.19
N LEU A 589 -7.03 -3.49 -51.67
CA LEU A 589 -8.34 -3.25 -51.10
C LEU A 589 -9.36 -4.28 -51.56
N ARG A 590 -9.32 -4.68 -52.84
CA ARG A 590 -10.26 -5.69 -53.32
C ARG A 590 -9.84 -7.10 -52.90
N SER A 591 -8.56 -7.43 -53.07
CA SER A 591 -8.10 -8.77 -52.69
C SER A 591 -8.03 -8.89 -51.17
N LEU A 592 -7.35 -7.94 -50.52
CA LEU A 592 -7.30 -7.93 -49.07
C LEU A 592 -8.71 -7.82 -48.49
N LEU A 593 -9.56 -6.98 -49.08
CA LEU A 593 -10.95 -6.91 -48.62
C LEU A 593 -11.64 -8.27 -48.75
N ASP A 594 -11.31 -9.04 -49.79
CA ASP A 594 -11.77 -10.43 -49.83
C ASP A 594 -11.14 -11.27 -48.72
N ALA A 595 -9.99 -10.86 -48.20
CA ALA A 595 -9.41 -11.59 -47.07
C ALA A 595 -10.14 -11.26 -45.76
N GLU A 596 -10.38 -9.98 -45.49
CA GLU A 596 -11.15 -9.62 -44.30
C GLU A 596 -12.58 -10.13 -44.39
N GLU A 597 -13.14 -10.25 -45.60
CA GLU A 597 -14.45 -10.87 -45.74
C GLU A 597 -14.36 -12.37 -45.53
N GLU A 598 -13.27 -12.99 -45.99
CA GLU A 598 -13.03 -14.40 -45.71
C GLU A 598 -13.03 -14.66 -44.20
N ARG A 599 -12.34 -13.81 -43.44
CA ARG A 599 -12.38 -13.96 -42.00
C ARG A 599 -13.66 -13.39 -41.38
N ARG A 600 -14.49 -12.70 -42.16
CA ARG A 600 -15.87 -12.49 -41.73
C ARG A 600 -16.64 -13.80 -41.76
N LYS A 601 -16.33 -14.66 -42.73
CA LYS A 601 -16.85 -16.03 -42.67
C LYS A 601 -16.22 -16.80 -41.51
N LYS A 602 -14.94 -16.55 -41.23
CA LYS A 602 -14.28 -17.25 -40.13
C LYS A 602 -14.83 -16.84 -38.77
N ARG A 603 -15.28 -15.59 -38.63
CA ARG A 603 -15.83 -15.13 -37.35
C ARG A 603 -17.07 -15.91 -36.95
N GLU A 604 -17.91 -16.26 -37.92
CA GLU A 604 -19.17 -16.92 -37.62
C GLU A 604 -19.59 -17.86 -38.75
N GLU A 611 -10.10 -35.34 -35.36
CA GLU A 611 -9.34 -34.13 -35.62
C GLU A 611 -7.98 -34.46 -36.26
N GLU A 612 -6.93 -33.84 -35.72
CA GLU A 612 -5.57 -34.05 -36.18
C GLU A 612 -4.84 -35.15 -35.42
N LEU A 613 -5.52 -35.85 -34.52
CA LEU A 613 -4.86 -36.83 -33.67
C LEU A 613 -4.21 -37.94 -34.49
N LYS A 614 -4.71 -38.22 -35.68
CA LYS A 614 -4.12 -39.25 -36.52
C LYS A 614 -2.79 -38.79 -37.09
N ASP A 615 -1.97 -39.76 -37.51
CA ASP A 615 -0.60 -39.47 -37.92
C ASP A 615 -0.54 -38.63 -39.19
N SER A 616 -1.46 -38.85 -40.13
CA SER A 616 -1.36 -38.20 -41.44
C SER A 616 -1.45 -36.68 -41.33
N GLU A 617 -2.41 -36.19 -40.56
CA GLU A 617 -2.62 -34.74 -40.46
C GLU A 617 -1.39 -34.05 -39.92
N ILE A 618 -0.81 -34.58 -38.83
CA ILE A 618 0.40 -33.99 -38.28
C ILE A 618 1.57 -34.15 -39.24
N ASN A 619 1.60 -35.26 -40.00
CA ASN A 619 2.62 -35.43 -41.03
C ASN A 619 2.53 -34.33 -42.09
N GLU A 620 1.31 -33.83 -42.36
CA GLU A 620 1.15 -32.85 -43.43
C GLU A 620 1.87 -31.55 -43.15
N ILE A 621 1.96 -31.14 -41.89
CA ILE A 621 2.59 -29.85 -41.57
C ILE A 621 4.07 -29.88 -41.91
N LEU A 622 4.80 -30.85 -41.37
CA LEU A 622 6.25 -30.91 -41.49
C LEU A 622 6.72 -31.68 -42.71
N ALA A 623 5.81 -32.14 -43.57
CA ALA A 623 6.21 -32.90 -44.74
C ALA A 623 6.86 -32.00 -45.78
N ARG A 624 6.05 -31.12 -46.38
CA ARG A 624 6.51 -30.13 -47.36
C ARG A 624 6.95 -30.81 -48.65
N ASN A 625 7.06 -32.13 -48.62
CA ASN A 625 7.31 -32.95 -49.79
C ASN A 625 6.87 -34.38 -49.48
N ASP A 626 6.69 -35.18 -50.53
CA ASP A 626 6.35 -36.59 -50.32
C ASP A 626 7.51 -37.35 -49.68
N GLU A 627 8.74 -36.87 -49.88
CA GLU A 627 9.90 -37.53 -49.28
C GLU A 627 9.81 -37.57 -47.76
N GLU A 628 9.32 -36.50 -47.16
CA GLU A 628 9.13 -36.50 -45.71
C GLU A 628 7.90 -37.31 -45.31
N MET A 629 6.88 -37.35 -46.17
CA MET A 629 5.73 -38.22 -45.91
C MET A 629 6.14 -39.69 -45.84
N ALA A 630 7.14 -40.07 -46.64
CA ALA A 630 7.58 -41.46 -46.65
C ALA A 630 8.44 -41.81 -45.44
N VAL A 631 9.34 -40.90 -45.05
CA VAL A 631 10.30 -41.21 -43.99
C VAL A 631 9.70 -41.10 -42.59
N LEU A 632 8.50 -40.55 -42.46
CA LEU A 632 7.83 -40.47 -41.17
C LEU A 632 6.98 -41.69 -40.84
N THR A 633 6.87 -42.64 -41.77
CA THR A 633 6.12 -43.86 -41.50
C THR A 633 6.85 -44.77 -40.52
N ARG A 634 8.14 -44.54 -40.29
CA ARG A 634 8.89 -45.34 -39.32
C ARG A 634 8.48 -45.03 -37.89
N MET A 635 7.82 -43.90 -37.66
CA MET A 635 7.34 -43.52 -36.33
C MET A 635 5.89 -43.96 -36.10
N ASP A 636 5.28 -44.67 -37.04
CA ASP A 636 3.91 -45.11 -36.92
C ASP A 636 3.77 -46.49 -36.29
N GLU A 637 4.88 -47.20 -36.06
CA GLU A 637 4.85 -48.54 -35.49
C GLU A 637 4.98 -48.54 -33.97
N ASP A 638 5.08 -47.37 -33.35
CA ASP A 638 5.16 -47.28 -31.89
C ASP A 638 4.11 -46.31 -31.37
N ARG A 639 4.18 -45.04 -31.80
CA ARG A 639 3.22 -44.03 -31.34
C ARG A 639 1.78 -44.49 -31.56
N SER A 640 1.51 -45.18 -32.65
CA SER A 640 0.18 -45.70 -32.94
C SER A 640 0.05 -47.18 -32.57
N LYS A 641 0.82 -48.04 -33.23
CA LYS A 641 0.79 -49.48 -32.99
C LYS A 641 1.00 -49.82 -31.52
N LYS A 642 2.22 -49.57 -31.02
CA LYS A 642 2.58 -49.82 -29.62
C LYS A 642 2.35 -51.29 -29.26
N GLU A 643 3.19 -52.13 -29.85
CA GLU A 643 3.16 -53.58 -29.63
C GLU A 643 1.76 -54.16 -29.90
N LYS A 649 -2.00 -46.45 -20.91
CA LYS A 649 -3.28 -45.97 -20.40
C LYS A 649 -3.86 -44.87 -21.29
N SER A 650 -4.96 -44.27 -20.83
CA SER A 650 -5.60 -43.18 -21.54
C SER A 650 -5.26 -41.85 -20.86
N ARG A 651 -5.85 -40.78 -21.38
CA ARG A 651 -5.58 -39.45 -20.84
C ARG A 651 -6.00 -39.34 -19.38
N LEU A 652 -7.25 -39.67 -19.07
CA LEU A 652 -7.74 -39.60 -17.71
C LEU A 652 -7.38 -40.87 -16.94
N ARG A 672 -10.29 -37.59 -10.35
CA ARG A 672 -11.52 -37.24 -9.66
C ARG A 672 -11.24 -36.68 -8.27
N GLU A 673 -10.61 -37.50 -7.43
CA GLU A 673 -10.21 -37.04 -6.09
C GLU A 673 -9.38 -35.77 -6.18
N GLU A 674 -8.56 -35.65 -7.22
CA GLU A 674 -7.87 -34.40 -7.48
C GLU A 674 -8.83 -33.28 -7.90
N SER A 675 -10.01 -33.62 -8.42
CA SER A 675 -10.99 -32.61 -8.78
C SER A 675 -11.72 -32.08 -7.56
N GLU A 676 -12.21 -32.97 -6.69
CA GLU A 676 -12.85 -32.49 -5.46
C GLU A 676 -11.84 -31.80 -4.55
N SER A 677 -10.71 -32.46 -4.26
CA SER A 677 -9.68 -31.85 -3.43
C SER A 677 -9.19 -30.55 -4.06
N ALA A 678 -8.97 -30.53 -5.37
CA ALA A 678 -8.58 -29.31 -6.05
C ALA A 678 -9.62 -28.21 -5.85
N ALA A 679 -10.90 -28.58 -5.88
CA ALA A 679 -11.95 -27.60 -5.62
C ALA A 679 -11.91 -27.11 -4.18
N VAL A 680 -11.43 -27.95 -3.26
CA VAL A 680 -11.35 -27.53 -1.85
C VAL A 680 -10.20 -26.55 -1.65
N TYR A 681 -9.01 -26.89 -2.16
CA TYR A 681 -7.85 -26.03 -1.94
C TYR A 681 -7.90 -24.76 -2.78
N ASN A 682 -8.53 -24.81 -3.95
CA ASN A 682 -8.63 -23.65 -4.81
C ASN A 682 -9.78 -22.72 -4.43
N GLY A 683 -10.58 -23.08 -3.43
CA GLY A 683 -11.69 -22.26 -2.99
C GLY A 683 -11.32 -21.14 -2.04
N ARG A 684 -10.03 -20.92 -1.81
CA ARG A 684 -9.59 -19.85 -0.92
C ARG A 684 -9.88 -18.48 -1.52
N LYS B 37 12.48 -20.19 73.63
CA LYS B 37 12.52 -18.95 72.87
C LYS B 37 11.15 -18.62 72.28
N PRO B 38 10.78 -17.34 72.30
CA PRO B 38 9.50 -16.93 71.69
C PRO B 38 9.46 -17.31 70.22
N HIS B 39 8.32 -17.85 69.80
CA HIS B 39 8.18 -18.34 68.43
C HIS B 39 8.03 -17.17 67.47
N ARG B 40 8.94 -17.10 66.49
CA ARG B 40 8.93 -16.05 65.48
C ARG B 40 8.87 -16.67 64.09
N TYR B 41 8.10 -16.03 63.21
CA TYR B 41 8.01 -16.49 61.83
C TYR B 41 9.24 -16.08 61.05
N ARG B 42 9.61 -16.91 60.08
CA ARG B 42 10.71 -16.58 59.19
C ARG B 42 10.34 -15.33 58.37
N PRO B 43 11.26 -14.39 58.21
CA PRO B 43 10.93 -13.16 57.47
C PRO B 43 10.43 -13.47 56.06
N GLY B 44 9.31 -12.83 55.70
CA GLY B 44 8.68 -13.01 54.41
C GLY B 44 7.40 -13.81 54.45
N THR B 45 7.14 -14.53 55.55
CA THR B 45 5.88 -15.27 55.66
C THR B 45 4.71 -14.35 56.00
N VAL B 46 4.91 -13.46 56.97
CA VAL B 46 3.87 -12.50 57.34
C VAL B 46 3.52 -11.63 56.14
N ALA B 47 4.52 -11.28 55.32
CA ALA B 47 4.25 -10.48 54.14
C ALA B 47 3.33 -11.21 53.17
N LEU B 48 3.58 -12.51 52.96
CA LEU B 48 2.72 -13.27 52.06
C LEU B 48 1.31 -13.42 52.63
N ARG B 49 1.20 -13.71 53.93
CA ARG B 49 -0.11 -13.81 54.53
C ARG B 49 -0.87 -12.49 54.41
N GLU B 50 -0.17 -11.36 54.51
CA GLU B 50 -0.81 -10.07 54.27
C GLU B 50 -1.21 -9.92 52.80
N ILE B 51 -0.39 -10.43 51.88
CA ILE B 51 -0.75 -10.37 50.47
C ILE B 51 -2.08 -11.09 50.23
N ARG B 52 -2.20 -12.32 50.73
CA ARG B 52 -3.46 -13.05 50.57
C ARG B 52 -4.60 -12.34 51.28
N ARG B 53 -4.34 -11.80 52.47
CA ARG B 53 -5.39 -11.15 53.25
C ARG B 53 -5.96 -9.93 52.52
N TYR B 54 -5.09 -9.00 52.13
CA TYR B 54 -5.57 -7.77 51.50
C TYR B 54 -6.05 -8.01 50.08
N GLN B 55 -5.43 -8.95 49.35
CA GLN B 55 -5.98 -9.30 48.04
C GLN B 55 -7.29 -10.06 48.14
N LYS B 56 -7.63 -10.55 49.33
CA LYS B 56 -8.88 -11.29 49.48
C LYS B 56 -10.09 -10.36 49.60
N SER B 57 -9.95 -9.25 50.31
CA SER B 57 -11.09 -8.40 50.63
C SER B 57 -11.14 -7.15 49.75
N THR B 58 -12.22 -6.39 49.91
CA THR B 58 -12.46 -5.15 49.20
C THR B 58 -12.14 -3.90 50.03
N GLU B 59 -11.63 -4.07 51.24
CA GLU B 59 -11.48 -2.97 52.19
C GLU B 59 -10.64 -1.84 51.60
N LEU B 60 -10.99 -0.61 51.96
CA LEU B 60 -10.21 0.56 51.57
C LEU B 60 -9.00 0.70 52.49
N LEU B 61 -7.83 0.93 51.90
CA LEU B 61 -6.57 0.86 52.62
C LEU B 61 -6.05 2.20 53.12
N ILE B 62 -6.75 3.29 52.84
CA ILE B 62 -6.33 4.63 53.27
C ILE B 62 -7.41 5.21 54.16
N ARG B 63 -7.00 5.80 55.27
CA ARG B 63 -7.95 6.37 56.22
C ARG B 63 -8.59 7.63 55.66
N LYS B 64 -9.89 7.79 55.94
CA LYS B 64 -10.71 8.84 55.35
C LYS B 64 -10.17 10.24 55.64
N LEU B 65 -10.17 10.65 56.90
CA LEU B 65 -9.88 12.04 57.25
C LEU B 65 -8.55 12.54 56.70
N PRO B 66 -7.42 11.82 56.82
CA PRO B 66 -6.17 12.33 56.23
C PRO B 66 -6.28 12.53 54.73
N PHE B 67 -6.87 11.58 54.01
CA PHE B 67 -7.02 11.72 52.57
C PHE B 67 -7.91 12.91 52.22
N GLN B 68 -8.97 13.12 53.01
CA GLN B 68 -9.86 14.26 52.75
C GLN B 68 -9.15 15.59 52.97
N ARG B 69 -8.39 15.69 54.06
CA ARG B 69 -7.60 16.91 54.28
C ARG B 69 -6.58 17.12 53.18
N LEU B 70 -6.01 16.04 52.66
CA LEU B 70 -5.07 16.16 51.54
C LEU B 70 -5.78 16.69 50.29
N VAL B 71 -6.94 16.13 49.97
CA VAL B 71 -7.71 16.61 48.83
C VAL B 71 -8.04 18.09 48.98
N ARG B 72 -8.45 18.50 50.19
CA ARG B 72 -8.80 19.90 50.40
C ARG B 72 -7.57 20.80 50.24
N GLU B 73 -6.42 20.39 50.80
CA GLU B 73 -5.20 21.17 50.63
C GLU B 73 -4.84 21.33 49.16
N ILE B 74 -4.89 20.24 48.41
CA ILE B 74 -4.55 20.30 46.99
C ILE B 74 -5.53 21.18 46.23
N ALA B 75 -6.80 21.16 46.65
CA ALA B 75 -7.82 21.97 45.99
C ALA B 75 -7.74 23.44 46.37
N GLN B 76 -7.06 23.78 47.47
CA GLN B 76 -6.92 25.18 47.85
C GLN B 76 -6.17 26.00 46.81
N ASP B 77 -5.21 25.37 46.12
CA ASP B 77 -4.37 26.09 45.17
C ASP B 77 -5.09 26.43 43.88
N PHE B 78 -6.31 25.93 43.68
CA PHE B 78 -7.03 26.15 42.43
C PHE B 78 -8.10 27.22 42.61
N LYS B 79 -9.12 26.92 43.42
CA LYS B 79 -10.16 27.87 43.76
C LYS B 79 -10.41 27.79 45.25
N THR B 80 -10.42 28.95 45.91
CA THR B 80 -10.61 28.99 47.36
C THR B 80 -12.09 28.81 47.70
N ASP B 81 -12.33 28.26 48.90
CA ASP B 81 -13.67 28.09 49.46
C ASP B 81 -14.53 27.20 48.55
N LEU B 82 -14.15 25.93 48.50
CA LEU B 82 -14.88 24.93 47.74
C LEU B 82 -15.58 23.94 48.67
N ARG B 83 -16.71 23.42 48.20
CA ARG B 83 -17.49 22.43 48.92
C ARG B 83 -17.36 21.08 48.24
N PHE B 84 -17.15 20.03 49.02
CA PHE B 84 -16.99 18.68 48.51
C PHE B 84 -18.11 17.79 49.05
N GLN B 85 -18.75 17.05 48.15
CA GLN B 85 -19.66 16.00 48.59
C GLN B 85 -18.87 14.78 49.03
N SER B 86 -19.47 13.99 49.94
CA SER B 86 -18.78 12.81 50.45
C SER B 86 -18.50 11.82 49.33
N SER B 87 -19.44 11.66 48.40
CA SER B 87 -19.24 10.73 47.30
C SER B 87 -18.10 11.16 46.38
N ALA B 88 -17.81 12.46 46.33
CA ALA B 88 -16.67 12.93 45.53
C ALA B 88 -15.36 12.52 46.16
N VAL B 89 -15.21 12.75 47.47
CA VAL B 89 -14.00 12.33 48.16
C VAL B 89 -13.84 10.81 48.08
N MET B 90 -14.95 10.08 48.22
CA MET B 90 -14.89 8.64 48.05
C MET B 90 -14.46 8.26 46.63
N ALA B 91 -14.88 9.04 45.64
CA ALA B 91 -14.46 8.78 44.26
C ALA B 91 -12.95 8.96 44.10
N LEU B 92 -12.42 10.08 44.60
CA LEU B 92 -10.98 10.29 44.54
C LEU B 92 -10.22 9.22 45.30
N GLN B 93 -10.81 8.68 46.38
CA GLN B 93 -10.14 7.62 47.11
C GLN B 93 -10.14 6.33 46.32
N GLU B 94 -11.26 6.00 45.66
CA GLU B 94 -11.29 4.81 44.81
C GLU B 94 -10.28 4.90 43.69
N ALA B 95 -10.32 5.99 42.91
CA ALA B 95 -9.41 6.13 41.79
C ALA B 95 -7.95 6.17 42.24
N SER B 96 -7.67 6.88 43.33
CA SER B 96 -6.30 6.99 43.81
C SER B 96 -5.78 5.64 44.28
N GLU B 97 -6.54 4.93 45.10
CA GLU B 97 -6.08 3.64 45.60
C GLU B 97 -5.91 2.63 44.48
N ALA B 98 -6.87 2.57 43.54
CA ALA B 98 -6.73 1.65 42.42
C ALA B 98 -5.51 1.99 41.58
N TYR B 99 -5.30 3.28 41.33
CA TYR B 99 -4.13 3.70 40.54
C TYR B 99 -2.82 3.29 41.23
N LEU B 100 -2.73 3.49 42.55
CA LEU B 100 -1.52 3.09 43.26
C LEU B 100 -1.35 1.59 43.29
N VAL B 101 -2.44 0.83 43.36
CA VAL B 101 -2.35 -0.63 43.33
C VAL B 101 -1.78 -1.09 41.99
N ALA B 102 -2.33 -0.56 40.89
CA ALA B 102 -1.79 -0.91 39.58
C ALA B 102 -0.33 -0.49 39.44
N LEU B 103 0.00 0.70 39.94
CA LEU B 103 1.38 1.17 39.87
C LEU B 103 2.33 0.24 40.62
N PHE B 104 1.89 -0.29 41.76
CA PHE B 104 2.71 -1.24 42.50
C PHE B 104 2.73 -2.62 41.84
N GLU B 105 1.70 -2.96 41.06
CA GLU B 105 1.77 -4.19 40.27
C GLU B 105 2.85 -4.09 39.20
N ASP B 106 2.81 -3.02 38.40
CA ASP B 106 3.82 -2.86 37.36
C ASP B 106 5.21 -2.67 37.95
N THR B 107 5.31 -1.93 39.06
CA THR B 107 6.58 -1.79 39.75
C THR B 107 7.11 -3.14 40.22
N ASN B 108 6.22 -3.99 40.73
CA ASN B 108 6.63 -5.34 41.12
C ASN B 108 7.12 -6.12 39.91
N LEU B 109 6.47 -5.94 38.75
CA LEU B 109 6.95 -6.60 37.54
C LEU B 109 8.35 -6.13 37.17
N CYS B 110 8.64 -4.84 37.35
CA CYS B 110 9.98 -4.33 37.07
C CYS B 110 11.00 -4.92 38.03
N ALA B 111 10.71 -4.88 39.34
CA ALA B 111 11.64 -5.41 40.33
C ALA B 111 11.92 -6.88 40.08
N ILE B 112 10.88 -7.67 39.79
CA ILE B 112 11.08 -9.08 39.51
C ILE B 112 11.87 -9.27 38.21
N HIS B 113 11.67 -8.38 37.23
CA HIS B 113 12.47 -8.46 36.01
C HIS B 113 13.94 -8.18 36.30
N ALA B 114 14.24 -7.42 37.34
CA ALA B 114 15.62 -7.13 37.72
C ALA B 114 16.24 -8.22 38.57
N LYS B 115 15.51 -9.32 38.80
CA LYS B 115 15.96 -10.42 39.66
C LYS B 115 16.14 -9.94 41.10
N ARG B 116 15.18 -9.15 41.57
CA ARG B 116 15.15 -8.67 42.95
C ARG B 116 13.73 -8.73 43.46
N VAL B 117 13.57 -9.08 44.74
CA VAL B 117 12.24 -9.14 45.34
C VAL B 117 11.87 -7.84 46.05
N THR B 118 12.72 -6.83 46.01
CA THR B 118 12.49 -5.57 46.69
C THR B 118 12.33 -4.46 45.66
N ILE B 119 11.15 -3.84 45.63
CA ILE B 119 10.91 -2.73 44.71
C ILE B 119 11.73 -1.52 45.15
N MET B 120 12.19 -0.74 44.19
CA MET B 120 13.01 0.43 44.42
C MET B 120 12.42 1.62 43.70
N PRO B 121 12.80 2.85 44.09
CA PRO B 121 12.25 4.03 43.40
C PRO B 121 12.50 4.04 41.90
N LYS B 122 13.67 3.56 41.47
CA LYS B 122 13.95 3.48 40.04
C LYS B 122 12.99 2.53 39.32
N ASP B 123 12.43 1.56 40.04
CA ASP B 123 11.40 0.71 39.44
C ASP B 123 10.11 1.50 39.23
N ILE B 124 9.69 2.27 40.25
CA ILE B 124 8.51 3.12 40.12
C ILE B 124 8.67 4.07 38.95
N GLN B 125 9.66 4.97 39.03
CA GLN B 125 9.86 5.95 37.97
C GLN B 125 10.16 5.30 36.63
N LEU B 126 10.66 4.07 36.62
CA LEU B 126 10.77 3.33 35.36
C LEU B 126 9.40 3.00 34.81
N ALA B 127 8.51 2.47 35.64
CA ALA B 127 7.16 2.14 35.19
C ALA B 127 6.43 3.38 34.70
N ARG B 128 6.53 4.48 35.45
CA ARG B 128 5.93 5.73 35.02
C ARG B 128 6.60 6.32 33.79
N ARG B 129 7.86 5.93 33.53
CA ARG B 129 8.52 6.36 32.30
C ARG B 129 8.06 5.55 31.09
N ILE B 130 7.77 4.26 31.29
CA ILE B 130 7.34 3.41 30.19
C ILE B 130 5.86 3.66 29.86
N ARG B 131 5.04 3.87 30.89
CA ARG B 131 3.63 4.17 30.64
C ARG B 131 3.42 5.46 29.87
N GLY B 132 4.41 6.34 29.85
CA GLY B 132 4.27 7.62 29.19
C GLY B 132 3.71 8.72 30.06
N GLU B 133 3.76 8.56 31.38
CA GLU B 133 3.23 9.56 32.30
C GLU B 133 4.23 10.65 32.64
N ARG B 134 5.44 10.59 32.09
CA ARG B 134 6.45 11.59 32.36
C ARG B 134 7.36 11.79 31.15
N LYS C 20 -6.88 29.76 56.29
CA LYS C 20 -6.30 28.62 57.01
C LYS C 20 -5.42 27.80 56.07
N VAL C 21 -4.11 28.04 56.14
CA VAL C 21 -3.17 27.32 55.28
C VAL C 21 -2.98 25.90 55.80
N LEU C 22 -3.16 24.93 54.92
CA LEU C 22 -2.94 23.52 55.25
C LEU C 22 -1.60 23.08 54.69
N ARG C 23 -0.78 22.45 55.54
CA ARG C 23 0.54 21.99 55.14
C ARG C 23 0.83 20.66 55.82
N ASP C 24 1.74 19.90 55.21
CA ASP C 24 2.20 18.60 55.72
C ASP C 24 1.07 17.60 55.88
N ASN C 25 -0.02 17.76 55.14
CA ASN C 25 -1.11 16.80 55.19
C ASN C 25 -0.82 15.56 54.34
N ILE C 26 0.04 15.68 53.32
CA ILE C 26 0.43 14.50 52.57
C ILE C 26 1.21 13.53 53.46
N GLN C 27 1.89 14.06 54.48
CA GLN C 27 2.47 13.18 55.49
C GLN C 27 1.40 12.43 56.27
N GLY C 28 0.16 12.91 56.22
CA GLY C 28 -0.94 12.16 56.83
C GLY C 28 -1.09 10.77 56.23
N ILE C 29 -0.73 10.61 54.95
CA ILE C 29 -0.62 9.27 54.40
C ILE C 29 0.46 8.54 55.18
N THR C 30 0.11 7.38 55.73
CA THR C 30 0.97 6.69 56.66
C THR C 30 1.78 5.60 55.97
N LYS C 31 3.01 5.42 56.44
CA LYS C 31 3.84 4.29 56.01
C LYS C 31 3.10 2.96 56.01
N PRO C 32 2.33 2.60 57.05
CA PRO C 32 1.55 1.35 56.96
C PRO C 32 0.50 1.37 55.86
N ALA C 33 -0.08 2.54 55.55
CA ALA C 33 -1.04 2.63 54.46
C ALA C 33 -0.41 2.20 53.14
N ILE C 34 0.59 2.95 52.67
CA ILE C 34 1.29 2.62 51.44
C ILE C 34 1.79 1.17 51.48
N ARG C 35 2.27 0.74 52.66
CA ARG C 35 2.67 -0.65 52.82
C ARG C 35 1.52 -1.60 52.48
N ARG C 36 0.32 -1.29 52.95
CA ARG C 36 -0.84 -2.14 52.66
C ARG C 36 -1.18 -2.11 51.17
N LEU C 37 -1.11 -0.93 50.56
CA LEU C 37 -1.35 -0.84 49.12
C LEU C 37 -0.40 -1.73 48.35
N ALA C 38 0.88 -1.77 48.76
CA ALA C 38 1.83 -2.63 48.09
C ALA C 38 1.56 -4.10 48.38
N ARG C 39 1.12 -4.40 49.61
CA ARG C 39 0.75 -5.78 49.93
C ARG C 39 -0.39 -6.27 49.05
N ARG C 40 -1.34 -5.39 48.73
CA ARG C 40 -2.41 -5.76 47.82
C ARG C 40 -1.90 -5.84 46.38
N GLY C 41 -0.99 -4.94 46.01
CA GLY C 41 -0.46 -4.94 44.65
C GLY C 41 0.40 -6.14 44.31
N GLY C 42 0.70 -7.00 45.27
CA GLY C 42 1.54 -8.16 45.04
C GLY C 42 2.98 -7.99 45.46
N VAL C 43 3.34 -6.84 46.02
CA VAL C 43 4.72 -6.61 46.44
C VAL C 43 5.01 -7.41 47.70
N LYS C 44 6.14 -8.14 47.68
CA LYS C 44 6.54 -8.92 48.85
C LYS C 44 7.31 -8.06 49.84
N ARG C 45 8.47 -7.56 49.42
CA ARG C 45 9.33 -6.76 50.28
C ARG C 45 9.47 -5.36 49.70
N ILE C 46 9.46 -4.36 50.58
CA ILE C 46 9.44 -2.96 50.19
C ILE C 46 10.74 -2.30 50.65
N SER C 47 11.34 -1.49 49.78
CA SER C 47 12.48 -0.68 50.19
C SER C 47 12.00 0.57 50.93
N GLY C 48 12.88 1.09 51.78
CA GLY C 48 12.52 2.24 52.60
C GLY C 48 12.36 3.54 51.84
N LEU C 49 12.78 3.59 50.58
CA LEU C 49 12.72 4.81 49.78
C LEU C 49 11.48 4.88 48.90
N ILE C 50 10.61 3.87 48.93
CA ILE C 50 9.40 3.88 48.11
C ILE C 50 8.45 4.97 48.56
N TYR C 51 8.39 5.20 49.87
CA TYR C 51 7.32 5.99 50.48
C TYR C 51 7.24 7.40 49.90
N GLU C 52 8.28 8.21 50.10
CA GLU C 52 8.25 9.61 49.66
C GLU C 52 7.93 9.72 48.18
N GLU C 53 8.52 8.85 47.35
CA GLU C 53 8.24 8.87 45.92
C GLU C 53 6.75 8.60 45.65
N THR C 54 6.19 7.60 46.35
CA THR C 54 4.77 7.31 46.20
C THR C 54 3.92 8.51 46.58
N ARG C 55 4.31 9.23 47.64
CA ARG C 55 3.58 10.43 48.00
C ARG C 55 3.65 11.47 46.89
N GLY C 56 4.82 11.64 46.29
CA GLY C 56 4.94 12.58 45.18
C GLY C 56 4.03 12.22 44.01
N VAL C 57 4.05 10.94 43.62
CA VAL C 57 3.23 10.48 42.51
C VAL C 57 1.74 10.70 42.81
N LEU C 58 1.30 10.28 44.00
CA LEU C 58 -0.09 10.48 44.39
C LEU C 58 -0.46 11.96 44.36
N LYS C 59 0.45 12.83 44.82
CA LYS C 59 0.16 14.26 44.80
C LYS C 59 0.00 14.77 43.38
N VAL C 60 0.84 14.31 42.45
CA VAL C 60 0.70 14.71 41.06
C VAL C 60 -0.65 14.28 40.51
N PHE C 61 -0.99 13.00 40.68
CA PHE C 61 -2.26 12.49 40.19
C PHE C 61 -3.43 13.31 40.73
N LEU C 62 -3.42 13.58 42.04
CA LEU C 62 -4.51 14.36 42.62
C LEU C 62 -4.52 15.79 42.10
N GLU C 63 -3.35 16.37 41.80
CA GLU C 63 -3.34 17.70 41.19
C GLU C 63 -4.03 17.69 39.84
N ASN C 64 -3.72 16.69 39.01
CA ASN C 64 -4.39 16.57 37.71
C ASN C 64 -5.91 16.43 37.89
N VAL C 65 -6.34 15.34 38.52
CA VAL C 65 -7.76 15.04 38.61
C VAL C 65 -8.52 16.20 39.26
N ILE C 66 -7.93 16.80 40.29
CA ILE C 66 -8.61 17.89 41.00
C ILE C 66 -8.65 19.16 40.16
N ARG C 67 -7.62 19.41 39.33
CA ARG C 67 -7.72 20.61 38.49
C ARG C 67 -8.76 20.43 37.40
N ASP C 68 -8.94 19.20 36.89
CA ASP C 68 -10.01 18.97 35.93
C ASP C 68 -11.38 19.12 36.60
N ALA C 69 -11.58 18.47 37.75
CA ALA C 69 -12.87 18.54 38.41
C ALA C 69 -13.21 19.96 38.84
N VAL C 70 -12.24 20.68 39.42
CA VAL C 70 -12.48 22.06 39.81
C VAL C 70 -12.72 22.93 38.58
N THR C 71 -12.11 22.58 37.44
CA THR C 71 -12.43 23.30 36.21
C THR C 71 -13.89 23.11 35.83
N TYR C 72 -14.38 21.87 35.86
CA TYR C 72 -15.79 21.62 35.62
C TYR C 72 -16.67 22.41 36.58
N THR C 73 -16.31 22.43 37.86
CA THR C 73 -17.12 23.13 38.85
C THR C 73 -17.12 24.63 38.60
N GLU C 74 -15.99 25.18 38.17
CA GLU C 74 -15.93 26.61 37.84
C GLU C 74 -16.79 26.93 36.63
N HIS C 75 -16.83 26.02 35.65
CA HIS C 75 -17.63 26.29 34.46
C HIS C 75 -19.13 26.35 34.76
N ALA C 76 -19.59 25.58 35.75
CA ALA C 76 -21.00 25.51 36.08
C ALA C 76 -21.44 26.60 37.05
N LYS C 77 -20.54 27.48 37.46
CA LYS C 77 -20.84 28.55 38.41
C LYS C 77 -21.35 28.01 39.74
N ARG C 78 -20.89 26.81 40.12
CA ARG C 78 -21.27 26.18 41.37
C ARG C 78 -20.10 26.21 42.35
N LYS C 79 -20.42 26.31 43.63
CA LYS C 79 -19.42 26.32 44.69
C LYS C 79 -19.13 24.92 45.24
N THR C 80 -19.85 23.91 44.79
CA THR C 80 -19.71 22.55 45.31
C THR C 80 -19.20 21.63 44.21
N VAL C 81 -18.24 20.78 44.55
CA VAL C 81 -17.67 19.82 43.61
C VAL C 81 -18.45 18.52 43.77
N THR C 82 -19.27 18.20 42.77
CA THR C 82 -20.06 16.99 42.79
C THR C 82 -19.23 15.78 42.36
N ALA C 83 -19.68 14.59 42.78
CA ALA C 83 -19.03 13.36 42.34
C ALA C 83 -19.08 13.22 40.82
N MET C 84 -20.12 13.76 40.19
CA MET C 84 -20.22 13.70 38.74
C MET C 84 -19.05 14.43 38.08
N ASP C 85 -18.62 15.55 38.68
CA ASP C 85 -17.47 16.27 38.13
C ASP C 85 -16.21 15.42 38.22
N VAL C 86 -16.03 14.70 39.32
CA VAL C 86 -14.88 13.82 39.46
C VAL C 86 -14.94 12.69 38.44
N VAL C 87 -16.14 12.14 38.21
CA VAL C 87 -16.29 11.07 37.23
C VAL C 87 -15.96 11.59 35.84
N TYR C 88 -16.41 12.80 35.50
CA TYR C 88 -16.09 13.38 34.21
C TYR C 88 -14.61 13.75 34.09
N ALA C 89 -13.93 13.99 35.21
CA ALA C 89 -12.50 14.25 35.15
C ALA C 89 -11.71 12.96 34.95
N LEU C 90 -12.12 11.88 35.62
CA LEU C 90 -11.44 10.60 35.44
C LEU C 90 -11.69 10.05 34.05
N LYS C 91 -12.94 10.01 33.61
CA LYS C 91 -13.24 9.65 32.23
C LYS C 91 -12.56 10.61 31.26
N ARG C 92 -12.40 11.86 31.67
CA ARG C 92 -11.66 12.82 30.85
C ARG C 92 -10.20 12.40 30.67
N GLN C 93 -9.58 11.86 31.72
CA GLN C 93 -8.20 11.42 31.62
C GLN C 93 -8.04 10.04 30.98
N GLY C 94 -9.14 9.31 30.78
CA GLY C 94 -9.08 7.98 30.21
C GLY C 94 -9.30 6.84 31.18
N ARG C 95 -9.56 7.12 32.45
CA ARG C 95 -9.84 6.10 33.45
C ARG C 95 -11.31 6.20 33.84
N THR C 96 -12.12 5.23 33.43
CA THR C 96 -13.55 5.26 33.68
C THR C 96 -13.85 4.62 35.03
N LEU C 97 -14.65 5.32 35.83
CA LEU C 97 -15.01 4.87 37.18
C LEU C 97 -16.51 4.57 37.21
N TYR C 98 -16.87 3.30 37.27
CA TYR C 98 -18.27 2.92 37.37
C TYR C 98 -18.77 3.02 38.81
N GLY C 99 -20.08 3.18 38.94
CA GLY C 99 -20.78 3.04 40.19
C GLY C 99 -21.14 4.34 40.89
N PHE C 100 -20.42 5.42 40.62
CA PHE C 100 -20.72 6.70 41.22
C PHE C 100 -21.53 7.62 40.33
N GLY C 101 -21.90 7.16 39.14
CA GLY C 101 -22.69 7.97 38.23
C GLY C 101 -21.98 8.26 36.92
N ALA D 12 -24.58 48.05 1.48
CA ALA D 12 -23.27 48.21 2.11
C ALA D 12 -22.31 47.11 1.64
N LYS D 13 -21.02 47.40 1.70
CA LYS D 13 -20.01 46.43 1.30
C LYS D 13 -19.76 45.45 2.44
N ALA D 14 -19.84 44.16 2.12
CA ALA D 14 -19.70 43.13 3.14
C ALA D 14 -18.26 43.02 3.60
N LYS D 15 -18.06 43.07 4.91
CA LYS D 15 -16.75 42.90 5.52
C LYS D 15 -16.69 41.57 6.23
N THR D 16 -15.62 40.82 6.02
CA THR D 16 -15.49 39.50 6.61
C THR D 16 -15.35 39.59 8.12
N ARG D 17 -16.01 38.68 8.84
CA ARG D 17 -15.91 38.65 10.29
C ARG D 17 -14.50 38.31 10.76
N SER D 18 -13.70 37.62 9.94
CA SER D 18 -12.31 37.36 10.31
C SER D 18 -11.51 38.64 10.37
N SER D 19 -11.83 39.62 9.52
CA SER D 19 -11.11 40.89 9.53
C SER D 19 -11.55 41.81 10.67
N ARG D 20 -12.77 41.61 11.20
CA ARG D 20 -13.22 42.43 12.31
C ARG D 20 -12.40 42.17 13.56
N ALA D 21 -12.27 40.90 13.96
CA ALA D 21 -11.49 40.55 15.14
C ALA D 21 -9.99 40.56 14.88
N GLY D 22 -9.56 40.75 13.64
CA GLY D 22 -8.14 40.71 13.33
C GLY D 22 -7.57 39.32 13.24
N LEU D 23 -8.35 38.35 12.79
CA LEU D 23 -7.93 36.97 12.70
C LEU D 23 -7.71 36.58 11.25
N GLN D 24 -6.67 35.77 11.00
CA GLN D 24 -6.39 35.32 9.64
C GLN D 24 -7.19 34.08 9.26
N PHE D 25 -7.79 33.39 10.24
CA PHE D 25 -8.52 32.14 10.03
C PHE D 25 -10.00 32.40 9.72
N PRO D 26 -10.64 31.50 8.98
CA PRO D 26 -12.01 31.75 8.50
C PRO D 26 -13.07 31.58 9.57
N VAL D 27 -13.31 32.63 10.35
CA VAL D 27 -14.35 32.59 11.38
C VAL D 27 -15.66 32.03 10.83
N GLY D 28 -16.00 32.39 9.58
CA GLY D 28 -17.20 31.86 8.98
C GLY D 28 -17.16 30.37 8.78
N ARG D 29 -16.02 29.85 8.30
CA ARG D 29 -15.89 28.41 8.09
C ARG D 29 -15.95 27.66 9.41
N VAL D 30 -15.29 28.19 10.45
CA VAL D 30 -15.37 27.57 11.77
C VAL D 30 -16.80 27.57 12.28
N HIS D 31 -17.53 28.66 12.03
CA HIS D 31 -18.93 28.72 12.43
C HIS D 31 -19.76 27.66 11.71
N ARG D 32 -19.52 27.49 10.41
CA ARG D 32 -20.24 26.46 9.67
C ARG D 32 -19.94 25.07 10.21
N LEU D 33 -18.66 24.80 10.48
CA LEU D 33 -18.28 23.49 11.00
C LEU D 33 -18.87 23.24 12.38
N LEU D 34 -19.03 24.29 13.19
CA LEU D 34 -19.70 24.13 14.47
C LEU D 34 -21.19 23.90 14.30
N ARG D 35 -21.80 24.48 13.26
CA ARG D 35 -23.23 24.29 13.05
C ARG D 35 -23.54 22.89 12.53
N LYS D 36 -22.79 22.44 11.52
CA LYS D 36 -23.02 21.15 10.89
C LYS D 36 -22.23 20.01 11.51
N GLY D 37 -21.46 20.28 12.55
CA GLY D 37 -20.67 19.25 13.19
C GLY D 37 -21.39 18.38 14.19
N ASN D 38 -22.69 18.59 14.38
CA ASN D 38 -23.49 17.84 15.35
C ASN D 38 -22.88 17.92 16.74
N TYR D 39 -22.38 19.10 17.10
CA TYR D 39 -21.80 19.32 18.42
C TYR D 39 -22.89 19.68 19.43
N ALA D 40 -23.55 20.81 19.23
CA ALA D 40 -24.75 21.16 19.97
C ALA D 40 -25.84 21.55 18.98
N GLU D 41 -27.02 21.86 19.52
CA GLU D 41 -28.14 22.25 18.66
C GLU D 41 -28.02 23.69 18.20
N ARG D 42 -27.43 24.56 19.02
CA ARG D 42 -27.26 25.97 18.69
C ARG D 42 -25.82 26.38 18.99
N VAL D 43 -25.33 27.34 18.21
CA VAL D 43 -23.96 27.82 18.31
C VAL D 43 -23.98 29.32 18.58
N GLY D 44 -23.19 29.76 19.55
CA GLY D 44 -23.13 31.17 19.88
C GLY D 44 -22.34 31.97 18.87
N ALA D 45 -22.33 33.28 19.07
CA ALA D 45 -21.66 34.21 18.17
C ALA D 45 -20.19 34.42 18.51
N GLY D 46 -19.74 33.99 19.70
CA GLY D 46 -18.35 34.17 20.08
C GLY D 46 -17.51 32.93 19.92
N ALA D 47 -18.18 31.80 19.71
CA ALA D 47 -17.46 30.53 19.59
C ALA D 47 -16.51 30.48 18.40
N PRO D 48 -16.93 30.81 17.17
CA PRO D 48 -15.97 30.75 16.05
C PRO D 48 -14.84 31.75 16.17
N VAL D 49 -15.11 32.94 16.70
CA VAL D 49 -14.05 33.94 16.87
C VAL D 49 -13.03 33.45 17.88
N TYR D 50 -13.50 33.07 19.07
CA TYR D 50 -12.58 32.62 20.13
C TYR D 50 -11.80 31.39 19.69
N LEU D 51 -12.50 30.40 19.14
CA LEU D 51 -11.85 29.17 18.71
C LEU D 51 -10.84 29.44 17.61
N ALA D 52 -11.21 30.26 16.62
CA ALA D 52 -10.27 30.61 15.55
C ALA D 52 -9.04 31.31 16.11
N ALA D 53 -9.22 32.15 17.13
CA ALA D 53 -8.08 32.80 17.76
C ALA D 53 -7.16 31.79 18.44
N VAL D 54 -7.74 30.83 19.15
CA VAL D 54 -6.94 29.80 19.80
C VAL D 54 -6.14 29.02 18.78
N LEU D 55 -6.80 28.60 17.70
CA LEU D 55 -6.10 27.89 16.63
C LEU D 55 -4.99 28.76 16.04
N GLU D 56 -5.22 30.06 15.95
CA GLU D 56 -4.18 30.95 15.43
C GLU D 56 -2.98 30.99 16.36
N TYR D 57 -3.22 31.00 17.67
CA TYR D 57 -2.11 31.00 18.62
C TYR D 57 -1.31 29.71 18.51
N LEU D 58 -2.00 28.56 18.51
CA LEU D 58 -1.29 27.28 18.44
C LEU D 58 -0.50 27.16 17.15
N THR D 59 -1.14 27.46 16.02
CA THR D 59 -0.46 27.37 14.73
C THR D 59 0.74 28.33 14.68
N ALA D 60 0.56 29.54 15.21
CA ALA D 60 1.65 30.51 15.23
C ALA D 60 2.84 30.00 16.05
N GLU D 61 2.56 29.34 17.19
CA GLU D 61 3.64 28.82 18.01
C GLU D 61 4.36 27.67 17.32
N ILE D 62 3.62 26.68 16.83
CA ILE D 62 4.27 25.52 16.23
C ILE D 62 5.03 25.92 14.96
N LEU D 63 4.50 26.86 14.20
CA LEU D 63 5.25 27.35 13.04
C LEU D 63 6.44 28.21 13.45
N GLU D 64 6.36 28.85 14.62
CA GLU D 64 7.52 29.61 15.10
C GLU D 64 8.66 28.68 15.46
N LEU D 65 8.37 27.64 16.24
CA LEU D 65 9.42 26.66 16.59
C LEU D 65 9.92 25.95 15.35
N ALA D 66 9.02 25.61 14.42
CA ALA D 66 9.44 24.97 13.18
C ALA D 66 10.37 25.87 12.38
N GLY D 67 10.06 27.17 12.33
CA GLY D 67 10.93 28.09 11.63
C GLY D 67 12.30 28.24 12.30
N ASN D 68 12.30 28.24 13.64
CA ASN D 68 13.58 28.31 14.35
C ASN D 68 14.43 27.08 14.09
N ALA D 69 13.81 25.89 14.10
CA ALA D 69 14.55 24.67 13.82
C ALA D 69 15.06 24.66 12.39
N ALA D 70 14.23 25.09 11.44
CA ALA D 70 14.66 25.17 10.04
C ALA D 70 15.84 26.12 9.89
N ARG D 71 15.80 27.26 10.57
CA ARG D 71 16.92 28.18 10.53
C ARG D 71 18.17 27.58 11.17
N ASP D 72 17.99 26.75 12.21
CA ASP D 72 19.15 26.12 12.84
C ASP D 72 19.76 25.04 11.94
N ASN D 73 18.95 24.40 11.10
CA ASN D 73 19.44 23.37 10.20
C ASN D 73 19.89 23.92 8.85
N LYS D 74 19.90 25.25 8.68
CA LYS D 74 20.36 25.89 7.45
C LYS D 74 19.49 25.50 6.26
N LYS D 75 18.19 25.37 6.50
CA LYS D 75 17.22 25.09 5.45
C LYS D 75 16.08 26.10 5.55
N THR D 76 15.77 26.76 4.44
CA THR D 76 14.74 27.79 4.42
C THR D 76 13.35 27.24 4.13
N ARG D 77 13.20 25.92 3.99
CA ARG D 77 11.92 25.29 3.73
C ARG D 77 11.64 24.29 4.84
N ILE D 78 10.49 24.46 5.51
CA ILE D 78 10.16 23.60 6.64
C ILE D 78 9.79 22.21 6.14
N ILE D 79 10.35 21.20 6.78
CA ILE D 79 10.12 19.80 6.43
C ILE D 79 9.55 19.10 7.66
N PRO D 80 8.90 17.95 7.48
CA PRO D 80 8.36 17.23 8.65
C PRO D 80 9.37 16.96 9.74
N ARG D 81 10.65 16.80 9.39
CA ARG D 81 11.68 16.65 10.42
C ARG D 81 11.73 17.87 11.32
N HIS D 82 11.58 19.06 10.75
CA HIS D 82 11.61 20.28 11.54
C HIS D 82 10.37 20.38 12.43
N LEU D 83 9.26 19.76 12.03
CA LEU D 83 8.10 19.72 12.90
C LEU D 83 8.30 18.72 14.04
N GLN D 84 8.90 17.57 13.74
CA GLN D 84 9.22 16.60 14.78
C GLN D 84 10.13 17.22 15.83
N LEU D 85 11.23 17.84 15.39
CA LEU D 85 12.15 18.48 16.32
C LEU D 85 11.49 19.64 17.05
N ALA D 86 10.76 20.49 16.31
CA ALA D 86 10.17 21.67 16.90
C ALA D 86 9.15 21.31 17.97
N VAL D 87 8.40 20.22 17.77
CA VAL D 87 7.43 19.78 18.77
C VAL D 87 8.14 19.10 19.94
N ARG D 88 8.84 18.00 19.66
CA ARG D 88 9.39 17.20 20.74
C ARG D 88 10.40 17.97 21.60
N ASN D 89 11.08 18.97 21.03
CA ASN D 89 11.99 19.77 21.83
C ASN D 89 11.25 20.69 22.80
N ASP D 90 9.99 21.00 22.52
CA ASP D 90 9.18 21.82 23.43
C ASP D 90 8.40 20.91 24.38
N GLU D 91 8.36 21.31 25.65
CA GLU D 91 7.75 20.46 26.67
C GLU D 91 6.23 20.42 26.53
N GLU D 92 5.60 21.58 26.42
CA GLU D 92 4.15 21.65 26.46
C GLU D 92 3.54 21.03 25.19
N LEU D 93 4.08 21.36 24.03
CA LEU D 93 3.58 20.76 22.79
C LEU D 93 3.84 19.26 22.77
N ASN D 94 4.90 18.80 23.42
CA ASN D 94 5.11 17.36 23.56
C ASN D 94 4.06 16.74 24.47
N LYS D 95 3.63 17.47 25.50
CA LYS D 95 2.59 16.95 26.37
C LYS D 95 1.24 16.90 25.65
N LEU D 96 0.97 17.87 24.77
CA LEU D 96 -0.27 17.86 24.02
C LEU D 96 -0.26 16.79 22.93
N LEU D 97 0.83 16.69 22.19
CA LEU D 97 0.95 15.79 21.05
C LEU D 97 1.56 14.43 21.41
N GLY D 98 1.75 14.15 22.69
CA GLY D 98 2.42 12.92 23.10
C GLY D 98 1.87 11.66 22.47
N ARG D 99 0.57 11.64 22.14
CA ARG D 99 -0.04 10.48 21.51
C ARG D 99 0.03 10.51 19.99
N VAL D 100 0.69 11.50 19.41
CA VAL D 100 0.69 11.70 17.96
C VAL D 100 1.91 11.05 17.34
N THR D 101 1.71 10.43 16.18
CA THR D 101 2.80 9.93 15.34
C THR D 101 2.85 10.80 14.09
N ILE D 102 3.93 11.55 13.93
CA ILE D 102 4.09 12.44 12.79
C ILE D 102 4.79 11.70 11.67
N ALA D 103 4.21 11.73 10.48
CA ALA D 103 4.80 11.06 9.33
C ALA D 103 6.10 11.75 8.92
N GLN D 104 7.10 10.95 8.57
CA GLN D 104 8.43 11.42 8.17
C GLN D 104 9.09 12.24 9.28
N GLY D 105 8.68 12.05 10.52
CA GLY D 105 9.20 12.83 11.62
C GLY D 105 10.59 12.42 12.08
N GLY D 106 10.81 11.14 12.25
CA GLY D 106 12.05 10.68 12.83
C GLY D 106 12.01 10.69 14.34
N VAL D 107 13.20 10.62 14.95
CA VAL D 107 13.34 10.59 16.40
C VAL D 107 14.40 11.59 16.80
N LEU D 108 14.16 12.27 17.93
CA LEU D 108 15.19 13.14 18.50
C LEU D 108 16.47 12.34 18.71
N PRO D 109 17.63 12.88 18.35
CA PRO D 109 18.88 12.18 18.64
C PRO D 109 19.05 12.02 20.15
N ASN D 110 19.23 10.78 20.59
CA ASN D 110 19.37 10.51 22.01
C ASN D 110 20.22 9.26 22.19
N ILE D 111 21.08 9.27 23.20
CA ILE D 111 21.86 8.11 23.62
C ILE D 111 21.93 8.13 25.13
N GLN D 112 21.62 7.00 25.76
CA GLN D 112 21.74 6.90 27.21
C GLN D 112 23.19 7.01 27.63
N SER D 113 23.47 7.82 28.65
CA SER D 113 24.84 8.13 29.03
C SER D 113 25.63 6.89 29.44
N VAL D 114 24.94 5.81 29.87
CA VAL D 114 25.63 4.60 30.26
C VAL D 114 26.18 3.86 29.04
N LEU D 115 25.58 4.05 27.87
CA LEU D 115 26.01 3.35 26.67
C LEU D 115 27.25 3.96 26.03
N LEU D 116 27.65 5.16 26.43
CA LEU D 116 28.81 5.79 25.83
C LEU D 116 30.10 5.19 26.41
N PRO D 117 31.13 5.03 25.59
CA PRO D 117 32.39 4.47 26.09
C PRO D 117 33.06 5.39 27.10
N LYS D 118 33.97 4.81 27.86
CA LYS D 118 34.72 5.55 28.87
C LYS D 118 36.09 4.93 29.10
N THR E 29 -15.44 19.10 -8.22
CA THR E 29 -15.31 18.91 -6.78
C THR E 29 -14.21 19.81 -6.23
N ARG E 30 -14.57 20.64 -5.23
CA ARG E 30 -13.65 21.54 -4.58
C ARG E 30 -13.49 21.11 -3.12
N LYS E 31 -12.28 20.68 -2.77
CA LYS E 31 -11.96 20.27 -1.41
C LYS E 31 -11.18 21.40 -0.74
N GLU E 32 -11.83 22.07 0.21
CA GLU E 32 -11.21 23.18 0.90
C GLU E 32 -10.23 22.69 1.96
N SER E 33 -9.29 23.57 2.32
CA SER E 33 -8.30 23.27 3.35
C SER E 33 -7.90 24.57 4.04
N TYR E 34 -7.03 24.43 5.03
CA TYR E 34 -6.47 25.55 5.78
C TYR E 34 -5.14 26.04 5.23
N ALA E 35 -4.72 25.50 4.07
CA ALA E 35 -3.36 25.72 3.57
C ALA E 35 -2.99 27.20 3.50
N ILE E 36 -3.83 28.01 2.85
CA ILE E 36 -3.47 29.41 2.63
C ILE E 36 -3.41 30.16 3.95
N TYR E 37 -4.14 29.72 4.96
CA TYR E 37 -4.16 30.40 6.25
C TYR E 37 -2.90 30.10 7.05
N VAL E 38 -2.51 28.83 7.10
CA VAL E 38 -1.22 28.47 7.67
C VAL E 38 -0.09 29.18 6.92
N TYR E 39 -0.27 29.37 5.61
CA TYR E 39 0.71 30.13 4.83
C TYR E 39 0.79 31.58 5.28
N LYS E 40 -0.37 32.21 5.50
CA LYS E 40 -0.37 33.60 5.96
C LYS E 40 0.27 33.74 7.33
N VAL E 41 -0.11 32.87 8.27
CA VAL E 41 0.47 32.92 9.61
C VAL E 41 1.97 32.69 9.54
N LEU E 42 2.41 31.77 8.67
CA LEU E 42 3.84 31.55 8.49
C LEU E 42 4.54 32.79 7.98
N LYS E 43 3.91 33.50 7.04
CA LYS E 43 4.50 34.75 6.55
C LYS E 43 4.44 35.86 7.59
N GLN E 44 3.58 35.74 8.60
CA GLN E 44 3.62 36.70 9.71
C GLN E 44 4.77 36.39 10.66
N VAL E 45 4.94 35.12 11.03
CA VAL E 45 5.98 34.77 11.98
C VAL E 45 7.35 34.84 11.31
N HIS E 46 7.52 34.15 10.18
CA HIS E 46 8.79 34.10 9.45
C HIS E 46 8.52 34.49 7.99
N PRO E 47 8.64 35.77 7.65
CA PRO E 47 8.37 36.19 6.27
C PRO E 47 9.31 35.58 5.25
N ASP E 48 10.53 35.22 5.65
CA ASP E 48 11.54 34.73 4.72
C ASP E 48 11.51 33.22 4.54
N THR E 49 10.72 32.50 5.32
CA THR E 49 10.76 31.04 5.32
C THR E 49 9.53 30.48 4.61
N GLY E 50 9.75 29.53 3.71
CA GLY E 50 8.69 28.81 3.05
C GLY E 50 8.41 27.48 3.73
N ILE E 51 7.40 26.78 3.20
CA ILE E 51 6.94 25.52 3.76
C ILE E 51 6.68 24.53 2.64
N SER E 52 7.10 23.29 2.85
CA SER E 52 6.85 22.23 1.88
C SER E 52 5.39 21.80 1.91
N SER E 53 4.97 21.15 0.83
CA SER E 53 3.57 20.71 0.74
C SER E 53 3.25 19.67 1.80
N LYS E 54 4.16 18.74 2.06
CA LYS E 54 3.91 17.71 3.06
C LYS E 54 3.74 18.33 4.45
N ALA E 55 4.62 19.26 4.81
CA ALA E 55 4.48 19.96 6.09
C ALA E 55 3.17 20.74 6.14
N MET E 56 2.71 21.26 5.00
CA MET E 56 1.42 21.92 4.97
C MET E 56 0.29 20.93 5.24
N SER E 57 0.42 19.70 4.73
CA SER E 57 -0.57 18.68 5.03
C SER E 57 -0.56 18.32 6.51
N ILE E 58 0.63 18.23 7.12
CA ILE E 58 0.72 17.96 8.55
C ILE E 58 0.06 19.08 9.35
N MET E 59 0.29 20.32 8.94
CA MET E 59 -0.35 21.45 9.62
C MET E 59 -1.86 21.40 9.46
N ASN E 60 -2.33 20.99 8.28
CA ASN E 60 -3.78 20.87 8.06
C ASN E 60 -4.39 19.83 8.98
N SER E 61 -3.80 18.63 9.02
CA SER E 61 -4.31 17.60 9.91
C SER E 61 -4.20 18.01 11.37
N PHE E 62 -3.21 18.85 11.71
CA PHE E 62 -3.10 19.35 13.06
C PHE E 62 -4.25 20.28 13.40
N VAL E 63 -4.56 21.24 12.51
CA VAL E 63 -5.64 22.17 12.76
C VAL E 63 -6.97 21.44 12.85
N ASN E 64 -7.20 20.48 11.96
CA ASN E 64 -8.43 19.69 12.03
C ASN E 64 -8.50 18.90 13.32
N ASP E 65 -7.38 18.30 13.74
CA ASP E 65 -7.34 17.56 14.99
C ASP E 65 -7.74 18.44 16.16
N VAL E 66 -6.96 19.49 16.43
CA VAL E 66 -7.24 20.37 17.56
C VAL E 66 -8.65 20.93 17.50
N PHE E 67 -9.11 21.26 16.29
CA PHE E 67 -10.48 21.74 16.12
C PHE E 67 -11.49 20.72 16.61
N GLU E 68 -11.34 19.46 16.18
CA GLU E 68 -12.28 18.42 16.63
C GLU E 68 -12.17 18.18 18.13
N ARG E 69 -10.98 18.36 18.71
CA ARG E 69 -10.83 18.19 20.15
C ARG E 69 -11.62 19.27 20.90
N ILE E 70 -11.37 20.54 20.58
CA ILE E 70 -12.02 21.63 21.30
C ILE E 70 -13.52 21.58 21.08
N ALA E 71 -13.95 21.27 19.85
CA ALA E 71 -15.39 21.17 19.58
C ALA E 71 -16.01 20.02 20.36
N GLY E 72 -15.31 18.89 20.44
CA GLY E 72 -15.84 17.76 21.19
C GLY E 72 -15.98 18.06 22.67
N GLU E 73 -14.93 18.63 23.27
CA GLU E 73 -15.00 19.00 24.68
C GLU E 73 -16.09 20.03 24.92
N ALA E 74 -16.30 20.94 23.97
CA ALA E 74 -17.39 21.91 24.09
C ALA E 74 -18.74 21.22 24.05
N SER E 75 -18.88 20.17 23.21
CA SER E 75 -20.12 19.43 23.18
C SER E 75 -20.37 18.70 24.49
N ARG E 76 -19.32 18.11 25.07
CA ARG E 76 -19.48 17.42 26.35
C ARG E 76 -19.86 18.39 27.45
N LEU E 77 -19.17 19.54 27.52
CA LEU E 77 -19.50 20.54 28.54
C LEU E 77 -20.91 21.08 28.35
N ALA E 78 -21.35 21.23 27.11
CA ALA E 78 -22.71 21.70 26.86
C ALA E 78 -23.74 20.64 27.24
N HIS E 79 -23.41 19.36 27.10
CA HIS E 79 -24.36 18.30 27.42
C HIS E 79 -24.46 18.05 28.91
N TYR E 80 -23.32 18.09 29.62
CA TYR E 80 -23.34 17.79 31.05
C TYR E 80 -24.08 18.87 31.84
N ASN E 81 -23.92 20.13 31.45
CA ASN E 81 -24.58 21.23 32.13
C ASN E 81 -25.99 21.49 31.63
N LYS E 82 -26.47 20.68 30.69
CA LYS E 82 -27.83 20.79 30.14
C LYS E 82 -28.07 22.17 29.52
N ARG E 83 -27.32 22.45 28.46
CA ARG E 83 -27.50 23.63 27.65
C ARG E 83 -27.37 23.25 26.18
N SER E 84 -28.22 23.84 25.33
CA SER E 84 -28.25 23.52 23.92
C SER E 84 -27.43 24.46 23.06
N THR E 85 -26.73 25.43 23.66
CA THR E 85 -25.99 26.44 22.92
C THR E 85 -24.53 26.45 23.34
N ILE E 86 -23.64 26.39 22.36
CA ILE E 86 -22.20 26.52 22.60
C ILE E 86 -21.83 27.99 22.49
N THR E 87 -21.32 28.56 23.59
CA THR E 87 -20.89 29.94 23.63
C THR E 87 -19.38 29.99 23.85
N SER E 88 -18.86 31.22 23.97
CA SER E 88 -17.43 31.40 24.18
C SER E 88 -16.97 30.84 25.52
N ARG E 89 -17.87 30.72 26.49
CA ARG E 89 -17.48 30.19 27.80
C ARG E 89 -17.14 28.71 27.72
N GLU E 90 -17.96 27.93 27.02
CA GLU E 90 -17.68 26.50 26.86
C GLU E 90 -16.39 26.27 26.08
N ILE E 91 -16.16 27.06 25.03
CA ILE E 91 -14.92 26.94 24.28
C ILE E 91 -13.74 27.32 25.16
N GLN E 92 -13.92 28.32 26.03
CA GLN E 92 -12.86 28.73 26.94
C GLN E 92 -12.50 27.60 27.90
N THR E 93 -13.51 27.03 28.56
CA THR E 93 -13.26 25.93 29.48
C THR E 93 -12.65 24.73 28.77
N ALA E 94 -13.09 24.47 27.54
CA ALA E 94 -12.51 23.37 26.76
C ALA E 94 -11.04 23.62 26.46
N VAL E 95 -10.68 24.86 26.12
CA VAL E 95 -9.28 25.20 25.90
C VAL E 95 -8.49 25.01 27.19
N ARG E 96 -9.06 25.42 28.33
CA ARG E 96 -8.37 25.23 29.60
C ARG E 96 -8.22 23.76 29.97
N LEU E 97 -9.10 22.89 29.47
CA LEU E 97 -8.95 21.47 29.73
C LEU E 97 -7.89 20.84 28.82
N LEU E 98 -7.94 21.13 27.52
CA LEU E 98 -7.07 20.45 26.57
C LEU E 98 -5.63 20.94 26.64
N LEU E 99 -5.44 22.25 26.61
CA LEU E 99 -4.08 22.79 26.49
C LEU E 99 -3.42 22.87 27.86
N PRO E 100 -2.28 22.21 28.07
CA PRO E 100 -1.60 22.29 29.37
C PRO E 100 -0.98 23.66 29.59
N GLY E 101 -1.20 24.23 30.77
CA GLY E 101 -0.40 25.34 31.27
C GLY E 101 -0.40 26.56 30.39
N GLU E 102 0.81 26.99 30.00
CA GLU E 102 0.99 28.26 29.31
C GLU E 102 0.24 28.32 28.00
N LEU E 103 0.10 27.18 27.31
CA LEU E 103 -0.72 27.17 26.10
C LEU E 103 -2.16 27.53 26.42
N ALA E 104 -2.67 27.06 27.56
CA ALA E 104 -4.02 27.43 27.97
C ALA E 104 -4.09 28.90 28.36
N LYS E 105 -3.12 29.38 29.12
CA LYS E 105 -3.17 30.77 29.59
C LYS E 105 -3.08 31.75 28.41
N HIS E 106 -2.04 31.62 27.60
CA HIS E 106 -1.90 32.52 26.45
C HIS E 106 -3.01 32.30 25.43
N ALA E 107 -3.50 31.07 25.28
CA ALA E 107 -4.58 30.82 24.34
C ALA E 107 -5.86 31.53 24.77
N VAL E 108 -6.22 31.40 26.06
CA VAL E 108 -7.39 32.11 26.57
C VAL E 108 -7.19 33.62 26.47
N SER E 109 -5.96 34.09 26.67
CA SER E 109 -5.69 35.52 26.54
C SER E 109 -5.95 36.00 25.11
N GLU E 110 -5.36 35.32 24.13
CA GLU E 110 -5.53 35.73 22.73
C GLU E 110 -6.98 35.62 22.30
N GLY E 111 -7.66 34.54 22.68
CA GLY E 111 -9.04 34.37 22.29
C GLY E 111 -9.95 35.43 22.92
N THR E 112 -9.77 35.67 24.21
CA THR E 112 -10.56 36.69 24.88
C THR E 112 -10.32 38.06 24.28
N LYS E 113 -9.08 38.35 23.90
CA LYS E 113 -8.78 39.61 23.21
C LYS E 113 -9.49 39.66 21.85
N ALA E 114 -9.56 38.52 21.16
CA ALA E 114 -10.17 38.50 19.84
C ALA E 114 -11.69 38.72 19.92
N VAL E 115 -12.35 38.08 20.88
CA VAL E 115 -13.78 38.32 21.06
C VAL E 115 -14.02 39.74 21.54
N THR E 116 -13.16 40.24 22.42
CA THR E 116 -13.23 41.63 22.88
C THR E 116 -13.24 42.59 21.69
N LYS E 117 -12.16 42.58 20.91
CA LYS E 117 -12.08 43.45 19.74
C LYS E 117 -13.22 43.19 18.76
N TYR E 118 -13.68 41.94 18.66
CA TYR E 118 -14.75 41.60 17.74
C TYR E 118 -16.04 42.32 18.10
N THR E 119 -16.52 42.12 19.33
CA THR E 119 -17.79 42.70 19.74
C THR E 119 -17.68 44.19 20.06
N SER E 120 -16.46 44.69 20.32
CA SER E 120 -16.30 46.10 20.66
C SER E 120 -16.54 46.99 19.45
N ALA E 121 -15.87 46.70 18.34
CA ALA E 121 -16.03 47.49 17.12
C ALA E 121 -17.34 47.16 16.42
N ARG F 40 40.62 -2.90 12.06
CA ARG F 40 39.26 -3.22 12.48
C ARG F 40 38.85 -2.34 13.64
N TYR F 41 37.59 -1.90 13.63
CA TYR F 41 37.06 -1.11 14.73
C TYR F 41 36.74 -1.99 15.93
N ARG F 42 36.89 -1.41 17.12
CA ARG F 42 36.50 -2.12 18.33
C ARG F 42 34.99 -2.37 18.31
N PRO F 43 34.54 -3.56 18.70
CA PRO F 43 33.11 -3.85 18.66
C PRO F 43 32.31 -2.85 19.48
N GLY F 44 31.24 -2.34 18.88
CA GLY F 44 30.36 -1.35 19.49
C GLY F 44 30.50 0.04 18.93
N THR F 45 31.57 0.33 18.19
CA THR F 45 31.73 1.64 17.58
C THR F 45 30.86 1.79 16.34
N VAL F 46 30.88 0.78 15.47
CA VAL F 46 30.04 0.80 14.28
C VAL F 46 28.56 0.90 14.66
N ALA F 47 28.18 0.23 15.76
CA ALA F 47 26.80 0.30 16.22
C ALA F 47 26.42 1.72 16.60
N LEU F 48 27.31 2.43 17.30
CA LEU F 48 27.02 3.81 17.68
C LEU F 48 26.96 4.73 16.46
N ARG F 49 27.90 4.55 15.53
CA ARG F 49 27.87 5.36 14.31
C ARG F 49 26.58 5.13 13.53
N GLU F 50 26.08 3.88 13.55
CA GLU F 50 24.79 3.61 12.94
C GLU F 50 23.66 4.27 13.71
N ILE F 51 23.77 4.31 15.04
CA ILE F 51 22.75 4.99 15.84
C ILE F 51 22.64 6.45 15.44
N ARG F 52 23.78 7.15 15.38
CA ARG F 52 23.76 8.55 14.96
C ARG F 52 23.27 8.69 13.53
N ARG F 53 23.69 7.78 12.65
CA ARG F 53 23.31 7.88 11.24
C ARG F 53 21.81 7.75 11.05
N TYR F 54 21.21 6.68 11.57
CA TYR F 54 19.78 6.46 11.35
C TYR F 54 18.93 7.41 12.19
N GLN F 55 19.38 7.79 13.38
CA GLN F 55 18.65 8.81 14.13
C GLN F 55 18.80 10.19 13.48
N LYS F 56 19.74 10.37 12.56
CA LYS F 56 19.91 11.66 11.92
C LYS F 56 18.89 11.89 10.82
N SER F 57 18.56 10.87 10.03
CA SER F 57 17.74 11.05 8.85
C SER F 57 16.31 10.60 9.07
N THR F 58 15.47 10.84 8.06
CA THR F 58 14.06 10.46 8.06
C THR F 58 13.78 9.19 7.26
N GLU F 59 14.81 8.54 6.73
CA GLU F 59 14.63 7.44 5.78
C GLU F 59 13.78 6.32 6.38
N LEU F 60 12.99 5.69 5.52
CA LEU F 60 12.20 4.53 5.92
C LEU F 60 13.08 3.29 5.93
N LEU F 61 12.97 2.50 7.00
CA LEU F 61 13.91 1.42 7.25
C LEU F 61 13.43 0.06 6.79
N ILE F 62 12.22 -0.04 6.23
CA ILE F 62 11.68 -1.31 5.75
C ILE F 62 11.41 -1.19 4.26
N ARG F 63 11.80 -2.22 3.51
CA ARG F 63 11.62 -2.20 2.08
C ARG F 63 10.15 -2.35 1.69
N LYS F 64 9.74 -1.62 0.66
CA LYS F 64 8.35 -1.50 0.26
C LYS F 64 7.70 -2.84 -0.05
N LEU F 65 8.17 -3.52 -1.10
CA LEU F 65 7.48 -4.70 -1.61
C LEU F 65 7.27 -5.78 -0.56
N PRO F 66 8.26 -6.17 0.25
CA PRO F 66 7.98 -7.19 1.29
C PRO F 66 6.90 -6.76 2.26
N PHE F 67 6.95 -5.51 2.72
CA PHE F 67 5.92 -5.02 3.64
C PHE F 67 4.55 -5.01 2.98
N GLN F 68 4.49 -4.65 1.70
CA GLN F 68 3.20 -4.64 1.01
C GLN F 68 2.64 -6.04 0.87
N ARG F 69 3.49 -7.01 0.49
CA ARG F 69 3.02 -8.40 0.42
C ARG F 69 2.57 -8.91 1.78
N LEU F 70 3.25 -8.46 2.86
CA LEU F 70 2.82 -8.85 4.19
C LEU F 70 1.44 -8.27 4.52
N VAL F 71 1.23 -6.99 4.22
CA VAL F 71 -0.07 -6.37 4.45
C VAL F 71 -1.15 -7.10 3.68
N ARG F 72 -0.87 -7.46 2.42
CA ARG F 72 -1.88 -8.16 1.62
C ARG F 72 -2.18 -9.54 2.20
N GLU F 73 -1.14 -10.28 2.62
CA GLU F 73 -1.36 -11.58 3.24
C GLU F 73 -2.23 -11.46 4.47
N ILE F 74 -1.92 -10.50 5.34
CA ILE F 74 -2.69 -10.33 6.57
C ILE F 74 -4.13 -9.93 6.25
N ALA F 75 -4.31 -9.15 5.19
CA ALA F 75 -5.66 -8.72 4.80
C ALA F 75 -6.45 -9.81 4.10
N GLN F 76 -5.79 -10.87 3.61
CA GLN F 76 -6.52 -11.96 2.97
C GLN F 76 -7.45 -12.67 3.95
N ASP F 77 -7.08 -12.74 5.22
CA ASP F 77 -7.86 -13.47 6.21
C ASP F 77 -9.14 -12.75 6.61
N PHE F 78 -9.34 -11.51 6.18
CA PHE F 78 -10.51 -10.74 6.59
C PHE F 78 -11.54 -10.70 5.47
N LYS F 79 -11.20 -10.05 4.36
CA LYS F 79 -12.06 -10.01 3.18
C LYS F 79 -11.19 -10.27 1.96
N THR F 80 -11.62 -11.20 1.12
CA THR F 80 -10.86 -11.55 -0.07
C THR F 80 -11.05 -10.50 -1.17
N ASP F 81 -10.02 -10.38 -2.02
CA ASP F 81 -10.05 -9.49 -3.18
C ASP F 81 -10.27 -8.03 -2.77
N LEU F 82 -9.24 -7.49 -2.11
CA LEU F 82 -9.24 -6.11 -1.68
C LEU F 82 -8.23 -5.30 -2.48
N ARG F 83 -8.53 -4.02 -2.66
CA ARG F 83 -7.67 -3.07 -3.35
C ARG F 83 -7.07 -2.11 -2.35
N PHE F 84 -5.77 -1.85 -2.48
CA PHE F 84 -5.05 -0.96 -1.59
C PHE F 84 -4.49 0.22 -2.38
N GLN F 85 -4.72 1.43 -1.88
CA GLN F 85 -4.04 2.59 -2.42
C GLN F 85 -2.61 2.65 -1.89
N SER F 86 -1.72 3.26 -2.67
CA SER F 86 -0.32 3.35 -2.27
C SER F 86 -0.17 4.13 -0.96
N SER F 87 -0.95 5.20 -0.80
CA SER F 87 -0.87 6.00 0.42
C SER F 87 -1.32 5.22 1.64
N ALA F 88 -2.18 4.21 1.45
CA ALA F 88 -2.60 3.38 2.58
C ALA F 88 -1.46 2.48 3.04
N VAL F 89 -0.79 1.81 2.11
CA VAL F 89 0.36 0.99 2.46
C VAL F 89 1.46 1.85 3.08
N MET F 90 1.67 3.05 2.54
CA MET F 90 2.63 3.97 3.14
C MET F 90 2.21 4.36 4.56
N ALA F 91 0.89 4.48 4.79
CA ALA F 91 0.41 4.79 6.14
C ALA F 91 0.72 3.66 7.11
N LEU F 92 0.41 2.42 6.72
CA LEU F 92 0.73 1.28 7.57
C LEU F 92 2.23 1.18 7.80
N GLN F 93 3.05 1.57 6.82
CA GLN F 93 4.49 1.53 7.03
C GLN F 93 4.94 2.59 8.02
N GLU F 94 4.38 3.80 7.91
CA GLU F 94 4.71 4.85 8.88
C GLU F 94 4.34 4.42 10.29
N ALA F 95 3.08 4.02 10.50
CA ALA F 95 2.63 3.66 11.83
C ALA F 95 3.39 2.46 12.38
N SER F 96 3.63 1.45 11.52
CA SER F 96 4.33 0.26 11.97
C SER F 96 5.77 0.57 12.36
N GLU F 97 6.49 1.30 11.51
CA GLU F 97 7.88 1.61 11.82
C GLU F 97 7.99 2.48 13.07
N ALA F 98 7.14 3.50 13.19
CA ALA F 98 7.18 4.35 14.38
C ALA F 98 6.87 3.54 15.63
N TYR F 99 5.86 2.65 15.55
CA TYR F 99 5.52 1.82 16.70
C TYR F 99 6.67 0.93 17.11
N LEU F 100 7.36 0.32 16.14
CA LEU F 100 8.49 -0.54 16.48
C LEU F 100 9.66 0.27 17.02
N VAL F 101 9.85 1.50 16.55
CA VAL F 101 10.91 2.35 17.09
C VAL F 101 10.64 2.67 18.55
N ALA F 102 9.41 3.08 18.87
CA ALA F 102 9.07 3.35 20.26
C ALA F 102 9.21 2.09 21.11
N LEU F 103 8.77 0.95 20.57
CA LEU F 103 8.88 -0.31 21.31
C LEU F 103 10.34 -0.64 21.63
N PHE F 104 11.24 -0.37 20.68
CA PHE F 104 12.66 -0.59 20.95
C PHE F 104 13.25 0.46 21.87
N GLU F 105 12.67 1.66 21.92
CA GLU F 105 13.10 2.64 22.92
C GLU F 105 12.78 2.15 24.32
N ASP F 106 11.52 1.76 24.56
CA ASP F 106 11.14 1.28 25.89
C ASP F 106 11.85 -0.01 26.23
N THR F 107 12.02 -0.90 25.25
CA THR F 107 12.78 -2.12 25.48
C THR F 107 14.22 -1.80 25.86
N ASN F 108 14.82 -0.81 25.22
CA ASN F 108 16.16 -0.38 25.60
C ASN F 108 16.18 0.15 27.03
N LEU F 109 15.13 0.87 27.43
CA LEU F 109 15.04 1.34 28.81
C LEU F 109 14.99 0.16 29.78
N CYS F 110 14.27 -0.90 29.42
CA CYS F 110 14.22 -2.08 30.28
C CYS F 110 15.58 -2.75 30.38
N ALA F 111 16.22 -2.99 29.24
CA ALA F 111 17.53 -3.64 29.24
C ALA F 111 18.54 -2.85 30.05
N ILE F 112 18.56 -1.53 29.87
CA ILE F 112 19.47 -0.69 30.65
C ILE F 112 19.11 -0.72 32.12
N HIS F 113 17.82 -0.81 32.44
CA HIS F 113 17.43 -0.94 33.85
C HIS F 113 17.92 -2.25 34.45
N ALA F 114 18.11 -3.28 33.62
CA ALA F 114 18.61 -4.55 34.09
C ALA F 114 20.13 -4.59 34.18
N LYS F 115 20.80 -3.46 33.92
CA LYS F 115 22.26 -3.37 33.90
C LYS F 115 22.85 -4.27 32.80
N ARG F 116 22.22 -4.23 31.64
CA ARG F 116 22.69 -4.95 30.46
C ARG F 116 22.52 -4.07 29.24
N VAL F 117 23.48 -4.15 28.31
CA VAL F 117 23.42 -3.37 27.09
C VAL F 117 22.78 -4.13 25.94
N THR F 118 22.33 -5.36 26.18
CA THR F 118 21.76 -6.21 25.14
C THR F 118 20.29 -6.45 25.45
N ILE F 119 19.40 -5.99 24.57
CA ILE F 119 17.98 -6.21 24.75
C ILE F 119 17.67 -7.69 24.54
N MET F 120 16.69 -8.19 25.29
CA MET F 120 16.29 -9.59 25.26
C MET F 120 14.78 -9.68 25.07
N PRO F 121 14.28 -10.83 24.61
CA PRO F 121 12.82 -10.95 24.43
C PRO F 121 12.01 -10.66 25.67
N LYS F 122 12.51 -11.05 26.85
CA LYS F 122 11.81 -10.73 28.09
C LYS F 122 11.71 -9.23 28.32
N ASP F 123 12.64 -8.45 27.76
CA ASP F 123 12.52 -7.00 27.84
C ASP F 123 11.38 -6.51 26.97
N ILE F 124 11.28 -7.02 25.73
CA ILE F 124 10.18 -6.67 24.84
C ILE F 124 8.85 -7.01 25.50
N GLN F 125 8.61 -8.30 25.76
CA GLN F 125 7.34 -8.70 26.35
C GLN F 125 7.11 -8.08 27.72
N LEU F 126 8.17 -7.66 28.42
CA LEU F 126 7.98 -6.87 29.63
C LEU F 126 7.39 -5.51 29.31
N ALA F 127 7.96 -4.81 28.32
CA ALA F 127 7.44 -3.50 27.96
C ALA F 127 6.00 -3.60 27.46
N ARG F 128 5.70 -4.61 26.64
CA ARG F 128 4.33 -4.81 26.20
C ARG F 128 3.42 -5.27 27.33
N ARG F 129 3.98 -5.82 28.40
CA ARG F 129 3.17 -6.17 29.57
C ARG F 129 2.86 -4.94 30.42
N ILE F 130 3.81 -4.00 30.52
CA ILE F 130 3.59 -2.80 31.33
C ILE F 130 2.71 -1.80 30.59
N ARG F 131 2.86 -1.68 29.27
CA ARG F 131 2.01 -0.79 28.50
C ARG F 131 0.54 -1.20 28.54
N GLY F 132 0.26 -2.44 28.89
CA GLY F 132 -1.11 -2.93 28.89
C GLY F 132 -1.59 -3.49 27.57
N GLU F 133 -0.66 -3.86 26.68
CA GLU F 133 -1.01 -4.40 25.37
C GLU F 133 -1.23 -5.91 25.39
N ARG F 134 -1.08 -6.54 26.54
CA ARG F 134 -1.28 -7.99 26.66
C ARG F 134 -1.82 -8.36 28.02
N ALA G 15 14.55 -26.28 -6.93
CA ALA G 15 15.68 -25.40 -7.18
C ALA G 15 15.58 -24.77 -8.56
N LYS G 16 16.41 -25.25 -9.49
CA LYS G 16 16.41 -24.72 -10.85
C LYS G 16 15.24 -25.26 -11.67
N ARG G 17 14.93 -26.55 -11.50
CA ARG G 17 13.83 -27.14 -12.26
C ARG G 17 12.49 -26.58 -11.80
N HIS G 18 12.22 -26.66 -10.50
CA HIS G 18 11.13 -25.93 -9.88
C HIS G 18 11.70 -25.08 -8.76
N ARG G 19 11.22 -23.83 -8.66
CA ARG G 19 11.79 -22.85 -7.75
C ARG G 19 11.81 -23.30 -6.30
N LYS G 20 10.62 -23.38 -5.68
CA LYS G 20 10.50 -23.65 -4.24
C LYS G 20 11.29 -22.62 -3.43
N VAL G 21 11.30 -21.39 -3.90
CA VAL G 21 12.11 -20.33 -3.30
C VAL G 21 11.28 -19.52 -2.30
N LEU G 22 10.05 -19.95 -2.04
CA LEU G 22 9.12 -19.15 -1.27
C LEU G 22 9.34 -19.35 0.23
N ARG G 23 9.74 -18.27 0.90
CA ARG G 23 9.80 -18.19 2.35
C ARG G 23 8.54 -17.57 2.96
N ASP G 24 7.50 -17.41 2.14
CA ASP G 24 6.30 -16.61 2.42
C ASP G 24 6.61 -15.12 2.50
N ASN G 25 6.09 -14.44 3.50
CA ASN G 25 6.07 -12.98 3.47
C ASN G 25 6.66 -12.36 4.73
N ILE G 26 6.06 -12.66 5.90
CA ILE G 26 6.53 -12.07 7.16
C ILE G 26 8.02 -12.29 7.35
N GLN G 27 8.57 -13.36 6.77
CA GLN G 27 10.01 -13.53 6.75
C GLN G 27 10.69 -12.52 5.83
N GLY G 28 9.94 -11.89 4.93
CA GLY G 28 10.49 -10.83 4.09
C GLY G 28 10.96 -9.63 4.87
N ILE G 29 10.49 -9.46 6.11
CA ILE G 29 11.09 -8.50 7.01
C ILE G 29 12.43 -9.08 7.46
N THR G 30 13.50 -8.35 7.19
CA THR G 30 14.84 -8.91 7.22
C THR G 30 15.56 -8.54 8.51
N LYS G 31 16.43 -9.46 8.94
CA LYS G 31 17.32 -9.25 10.07
C LYS G 31 18.00 -7.89 10.00
N PRO G 32 18.52 -7.46 8.85
CA PRO G 32 19.05 -6.08 8.77
C PRO G 32 17.98 -5.01 8.94
N ALA G 33 16.76 -5.24 8.46
CA ALA G 33 15.68 -4.27 8.66
C ALA G 33 15.43 -4.03 10.14
N ILE G 34 15.00 -5.07 10.87
CA ILE G 34 14.77 -4.97 12.30
C ILE G 34 16.01 -4.41 13.00
N ARG G 35 17.19 -4.81 12.54
CA ARG G 35 18.43 -4.27 13.07
C ARG G 35 18.46 -2.75 12.94
N ARG G 36 18.07 -2.22 11.78
CA ARG G 36 18.06 -0.78 11.57
C ARG G 36 17.01 -0.10 12.44
N LEU G 37 15.81 -0.68 12.51
CA LEU G 37 14.78 -0.14 13.40
C LEU G 37 15.25 -0.07 14.84
N ALA G 38 16.06 -1.04 15.27
CA ALA G 38 16.60 -0.97 16.62
C ALA G 38 17.70 0.08 16.72
N ARG G 39 18.52 0.23 15.68
CA ARG G 39 19.53 1.28 15.69
C ARG G 39 18.92 2.66 15.81
N ARG G 40 17.74 2.86 15.21
CA ARG G 40 17.08 4.16 15.35
C ARG G 40 16.55 4.36 16.77
N GLY G 41 16.02 3.31 17.39
CA GLY G 41 15.47 3.42 18.72
C GLY G 41 16.49 3.69 19.81
N GLY G 42 17.79 3.57 19.50
CA GLY G 42 18.83 3.76 20.49
C GLY G 42 19.45 2.48 21.01
N VAL G 43 19.02 1.32 20.50
CA VAL G 43 19.58 0.06 20.95
C VAL G 43 21.02 -0.08 20.47
N LYS G 44 21.90 -0.52 21.35
CA LYS G 44 23.31 -0.69 21.01
C LYS G 44 23.59 -2.11 20.49
N ARG G 45 23.39 -3.11 21.34
CA ARG G 45 23.63 -4.50 20.99
C ARG G 45 22.32 -5.28 21.08
N ILE G 46 22.14 -6.23 20.17
CA ILE G 46 20.88 -6.94 20.02
C ILE G 46 21.13 -8.43 20.23
N SER G 47 20.24 -9.07 21.00
CA SER G 47 20.28 -10.52 21.15
C SER G 47 19.75 -11.20 19.89
N GLY G 48 20.11 -12.48 19.74
CA GLY G 48 19.73 -13.21 18.54
C GLY G 48 18.26 -13.58 18.48
N LEU G 49 17.55 -13.50 19.60
CA LEU G 49 16.15 -13.91 19.65
C LEU G 49 15.18 -12.74 19.50
N ILE G 50 15.68 -11.52 19.32
CA ILE G 50 14.80 -10.36 19.20
C ILE G 50 13.98 -10.43 17.91
N TYR G 51 14.51 -11.12 16.89
CA TYR G 51 13.93 -11.03 15.55
C TYR G 51 12.57 -11.72 15.48
N GLU G 52 12.47 -12.95 15.97
CA GLU G 52 11.19 -13.65 15.94
C GLU G 52 10.13 -12.91 16.72
N GLU G 53 10.48 -12.42 17.92
CA GLU G 53 9.53 -11.68 18.73
C GLU G 53 9.09 -10.40 18.03
N THR G 54 10.02 -9.72 17.38
CA THR G 54 9.66 -8.50 16.65
C THR G 54 8.72 -8.80 15.49
N ARG G 55 8.94 -9.91 14.79
CA ARG G 55 8.02 -10.30 13.72
C ARG G 55 6.64 -10.61 14.29
N GLY G 56 6.58 -11.30 15.43
CA GLY G 56 5.29 -11.57 16.05
C GLY G 56 4.54 -10.31 16.43
N VAL G 57 5.24 -9.38 17.09
CA VAL G 57 4.62 -8.13 17.49
C VAL G 57 4.13 -7.36 16.27
N LEU G 58 4.96 -7.29 15.22
CA LEU G 58 4.55 -6.59 14.01
C LEU G 58 3.31 -7.22 13.39
N LYS G 59 3.26 -8.55 13.34
CA LYS G 59 2.07 -9.21 12.82
C LYS G 59 0.84 -8.89 13.65
N VAL G 60 0.98 -8.90 14.98
CA VAL G 60 -0.13 -8.52 15.85
C VAL G 60 -0.65 -7.13 15.50
N PHE G 61 0.23 -6.12 15.62
CA PHE G 61 -0.18 -4.74 15.37
C PHE G 61 -0.82 -4.59 13.98
N LEU G 62 -0.23 -5.22 12.97
CA LEU G 62 -0.80 -5.11 11.62
C LEU G 62 -2.18 -5.73 11.55
N GLU G 63 -2.39 -6.87 12.21
CA GLU G 63 -3.74 -7.43 12.24
C GLU G 63 -4.72 -6.48 12.92
N ASN G 64 -4.30 -5.86 14.02
CA ASN G 64 -5.19 -4.98 14.76
C ASN G 64 -5.59 -3.76 13.93
N VAL G 65 -4.65 -3.17 13.19
CA VAL G 65 -4.99 -2.00 12.39
C VAL G 65 -5.77 -2.41 11.15
N ILE G 66 -5.35 -3.47 10.49
CA ILE G 66 -5.94 -3.86 9.22
C ILE G 66 -7.38 -4.34 9.40
N ARG G 67 -7.70 -5.00 10.51
CA ARG G 67 -9.09 -5.42 10.71
C ARG G 67 -10.00 -4.19 10.81
N ASP G 68 -9.53 -3.13 11.45
CA ASP G 68 -10.33 -1.91 11.54
C ASP G 68 -10.44 -1.24 10.18
N ALA G 69 -9.31 -1.06 9.49
CA ALA G 69 -9.34 -0.43 8.18
C ALA G 69 -10.28 -1.16 7.22
N VAL G 70 -10.22 -2.50 7.23
CA VAL G 70 -11.12 -3.30 6.40
C VAL G 70 -12.56 -3.15 6.89
N THR G 71 -12.77 -2.93 8.18
CA THR G 71 -14.13 -2.69 8.67
C THR G 71 -14.70 -1.39 8.10
N TYR G 72 -13.96 -0.29 8.25
CA TYR G 72 -14.39 0.97 7.66
C TYR G 72 -14.58 0.85 6.14
N THR G 73 -13.74 0.04 5.49
CA THR G 73 -13.88 -0.16 4.05
C THR G 73 -15.19 -0.87 3.71
N GLU G 74 -15.49 -1.94 4.44
CA GLU G 74 -16.71 -2.69 4.17
C GLU G 74 -17.96 -1.89 4.51
N HIS G 75 -17.88 -0.99 5.50
CA HIS G 75 -19.05 -0.20 5.84
C HIS G 75 -19.45 0.75 4.72
N ALA G 76 -18.46 1.36 4.07
CA ALA G 76 -18.73 2.26 2.95
C ALA G 76 -19.15 1.53 1.68
N LYS G 77 -19.12 0.19 1.69
CA LYS G 77 -19.44 -0.62 0.51
C LYS G 77 -18.47 -0.31 -0.64
N ARG G 78 -17.19 -0.28 -0.31
CA ARG G 78 -16.13 -0.07 -1.27
C ARG G 78 -15.17 -1.26 -1.24
N LYS G 79 -14.55 -1.54 -2.39
CA LYS G 79 -13.56 -2.60 -2.50
C LYS G 79 -12.14 -2.10 -2.36
N THR G 80 -11.95 -0.80 -2.19
CA THR G 80 -10.62 -0.19 -2.09
C THR G 80 -10.39 0.31 -0.68
N VAL G 81 -9.24 -0.04 -0.11
CA VAL G 81 -8.85 0.44 1.21
C VAL G 81 -8.01 1.69 1.01
N THR G 82 -8.56 2.84 1.39
CA THR G 82 -7.92 4.12 1.13
C THR G 82 -7.00 4.51 2.29
N ALA G 83 -6.43 5.72 2.19
CA ALA G 83 -5.61 6.23 3.28
C ALA G 83 -6.46 6.69 4.44
N MET G 84 -7.63 7.26 4.14
CA MET G 84 -8.51 7.76 5.20
C MET G 84 -9.00 6.61 6.10
N ASP G 85 -9.20 5.43 5.54
CA ASP G 85 -9.59 4.28 6.36
C ASP G 85 -8.50 3.92 7.36
N VAL G 86 -7.25 3.93 6.90
CA VAL G 86 -6.13 3.61 7.80
C VAL G 86 -5.96 4.71 8.84
N VAL G 87 -6.17 5.97 8.45
CA VAL G 87 -6.06 7.07 9.41
C VAL G 87 -7.14 6.96 10.47
N TYR G 88 -8.36 6.60 10.07
CA TYR G 88 -9.44 6.42 11.04
C TYR G 88 -9.25 5.15 11.88
N ALA G 89 -8.49 4.18 11.38
CA ALA G 89 -8.19 3.01 12.20
C ALA G 89 -7.12 3.32 13.24
N LEU G 90 -6.10 4.08 12.85
CA LEU G 90 -5.04 4.47 13.79
C LEU G 90 -5.59 5.43 14.84
N LYS G 91 -6.31 6.47 14.40
CA LYS G 91 -7.00 7.33 15.36
C LYS G 91 -8.02 6.54 16.17
N ARG G 92 -8.58 5.48 15.57
CA ARG G 92 -9.50 4.62 16.30
C ARG G 92 -8.81 3.89 17.44
N GLN G 93 -7.56 3.46 17.24
CA GLN G 93 -6.84 2.73 18.27
C GLN G 93 -6.03 3.64 19.20
N GLY G 94 -6.04 4.95 18.98
CA GLY G 94 -5.40 5.88 19.89
C GLY G 94 -4.08 6.46 19.40
N ARG G 95 -3.57 6.01 18.27
CA ARG G 95 -2.33 6.52 17.71
C ARG G 95 -2.67 7.39 16.50
N THR G 96 -2.50 8.70 16.64
CA THR G 96 -2.90 9.65 15.62
C THR G 96 -1.78 9.84 14.61
N LEU G 97 -2.14 9.90 13.34
CA LEU G 97 -1.20 10.07 12.24
C LEU G 97 -1.53 11.34 11.46
N TYR G 98 -0.50 12.10 11.12
CA TYR G 98 -0.66 13.34 10.37
C TYR G 98 0.03 13.25 9.01
N GLY G 99 -0.42 14.11 8.10
CA GLY G 99 0.17 14.27 6.79
C GLY G 99 -0.51 13.48 5.69
N PHE G 100 -1.21 12.41 6.03
CA PHE G 100 -1.94 11.61 5.05
C PHE G 100 -3.42 11.98 4.98
N GLY G 101 -3.84 13.00 5.70
CA GLY G 101 -5.22 13.44 5.73
C GLY G 101 -5.89 13.13 7.05
N GLY G 102 -6.94 13.89 7.34
CA GLY G 102 -7.68 13.74 8.57
C GLY G 102 -8.57 14.93 8.90
N ALA H 12 -56.99 1.61 18.71
CA ALA H 12 -56.26 0.37 18.98
C ALA H 12 -55.43 0.49 20.25
N LYS H 13 -55.15 -0.64 20.90
CA LYS H 13 -54.35 -0.65 22.11
C LYS H 13 -52.88 -0.56 21.76
N ALA H 14 -52.19 0.40 22.37
CA ALA H 14 -50.78 0.63 22.06
C ALA H 14 -49.92 -0.49 22.61
N LYS H 15 -49.07 -1.07 21.76
CA LYS H 15 -48.13 -2.10 22.15
C LYS H 15 -46.72 -1.52 22.10
N THR H 16 -45.94 -1.77 23.16
CA THR H 16 -44.60 -1.22 23.24
C THR H 16 -43.69 -1.85 22.19
N ARG H 17 -42.84 -1.02 21.58
CA ARG H 17 -41.90 -1.52 20.60
C ARG H 17 -40.87 -2.47 21.21
N SER H 18 -40.60 -2.36 22.50
CA SER H 18 -39.71 -3.31 23.15
C SER H 18 -40.30 -4.72 23.16
N SER H 19 -41.62 -4.84 23.26
CA SER H 19 -42.27 -6.14 23.25
C SER H 19 -42.38 -6.73 21.85
N ARG H 20 -42.34 -5.90 20.81
CA ARG H 20 -42.40 -6.42 19.45
C ARG H 20 -41.16 -7.24 19.11
N ALA H 21 -39.97 -6.67 19.32
CA ALA H 21 -38.73 -7.36 19.04
C ALA H 21 -38.36 -8.37 20.12
N GLY H 22 -39.11 -8.42 21.22
CA GLY H 22 -38.78 -9.34 22.30
C GLY H 22 -37.64 -8.86 23.18
N LEU H 23 -37.51 -7.56 23.37
CA LEU H 23 -36.42 -6.98 24.15
C LEU H 23 -36.97 -6.46 25.47
N GLN H 24 -36.19 -6.63 26.54
CA GLN H 24 -36.60 -6.14 27.85
C GLN H 24 -36.23 -4.67 28.07
N PHE H 25 -35.35 -4.11 27.24
CA PHE H 25 -34.85 -2.74 27.36
C PHE H 25 -35.73 -1.75 26.61
N PRO H 26 -35.77 -0.50 27.09
CA PRO H 26 -36.73 0.48 26.54
C PRO H 26 -36.32 1.03 25.19
N VAL H 27 -36.68 0.33 24.11
CA VAL H 27 -36.38 0.79 22.76
C VAL H 27 -36.79 2.24 22.58
N GLY H 28 -37.92 2.64 23.16
CA GLY H 28 -38.35 4.03 23.06
C GLY H 28 -37.39 4.98 23.74
N ARG H 29 -36.91 4.62 24.94
CA ARG H 29 -35.98 5.49 25.65
C ARG H 29 -34.65 5.59 24.90
N VAL H 30 -34.16 4.48 24.36
CA VAL H 30 -32.94 4.51 23.56
C VAL H 30 -33.14 5.39 22.33
N HIS H 31 -34.32 5.32 21.71
CA HIS H 31 -34.60 6.18 20.56
C HIS H 31 -34.58 7.65 20.96
N ARG H 32 -35.18 7.98 22.11
CA ARG H 32 -35.15 9.36 22.57
C ARG H 32 -33.73 9.83 22.82
N LEU H 33 -32.92 9.01 23.47
CA LEU H 33 -31.55 9.39 23.76
C LEU H 33 -30.74 9.55 22.48
N LEU H 34 -31.04 8.76 21.45
CA LEU H 34 -30.38 8.96 20.17
C LEU H 34 -30.84 10.23 19.48
N ARG H 35 -32.10 10.63 19.68
CA ARG H 35 -32.60 11.84 19.05
C ARG H 35 -32.03 13.10 19.72
N LYS H 36 -32.06 13.14 21.06
CA LYS H 36 -31.62 14.30 21.80
C LYS H 36 -30.15 14.24 22.21
N GLY H 37 -29.43 13.20 21.82
CA GLY H 37 -28.04 13.07 22.17
C GLY H 37 -27.06 13.83 21.30
N ASN H 38 -27.55 14.58 20.32
CA ASN H 38 -26.70 15.34 19.38
C ASN H 38 -25.70 14.42 18.69
N TYR H 39 -26.15 13.22 18.34
CA TYR H 39 -25.29 12.27 17.64
C TYR H 39 -25.30 12.52 16.14
N ALA H 40 -26.46 12.35 15.51
CA ALA H 40 -26.67 12.78 14.14
C ALA H 40 -27.94 13.63 14.08
N GLU H 41 -28.25 14.13 12.88
CA GLU H 41 -29.44 14.96 12.73
C GLU H 41 -30.70 14.12 12.64
N ARG H 42 -30.60 12.90 12.11
CA ARG H 42 -31.75 12.01 11.97
C ARG H 42 -31.35 10.62 12.47
N VAL H 43 -32.34 9.90 13.00
CA VAL H 43 -32.13 8.59 13.59
C VAL H 43 -33.05 7.59 12.89
N GLY H 44 -32.48 6.46 12.48
CA GLY H 44 -33.25 5.43 11.81
C GLY H 44 -34.17 4.67 12.75
N ALA H 45 -34.97 3.79 12.15
CA ALA H 45 -35.94 3.01 12.91
C ALA H 45 -35.37 1.71 13.46
N GLY H 46 -34.19 1.29 13.02
CA GLY H 46 -33.60 0.05 13.50
C GLY H 46 -32.52 0.26 14.54
N ALA H 47 -32.06 1.51 14.68
CA ALA H 47 -30.99 1.82 15.61
C ALA H 47 -31.36 1.53 17.06
N PRO H 48 -32.49 1.99 17.60
CA PRO H 48 -32.79 1.68 19.01
C PRO H 48 -33.04 0.20 19.25
N VAL H 49 -33.65 -0.51 18.31
CA VAL H 49 -33.87 -1.94 18.48
C VAL H 49 -32.55 -2.69 18.51
N TYR H 50 -31.72 -2.47 17.49
CA TYR H 50 -30.44 -3.18 17.40
C TYR H 50 -29.56 -2.84 18.61
N LEU H 51 -29.43 -1.55 18.93
CA LEU H 51 -28.60 -1.13 20.05
C LEU H 51 -29.11 -1.70 21.37
N ALA H 52 -30.42 -1.64 21.59
CA ALA H 52 -30.99 -2.20 22.81
C ALA H 52 -30.72 -3.71 22.90
N ALA H 53 -30.76 -4.40 21.76
CA ALA H 53 -30.43 -5.83 21.77
C ALA H 53 -28.98 -6.06 22.15
N VAL H 54 -28.06 -5.27 21.60
CA VAL H 54 -26.65 -5.41 21.96
C VAL H 54 -26.45 -5.19 23.45
N LEU H 55 -27.05 -4.12 23.98
CA LEU H 55 -26.95 -3.86 25.42
C LEU H 55 -27.53 -5.02 26.22
N GLU H 56 -28.60 -5.65 25.71
CA GLU H 56 -29.18 -6.78 26.41
C GLU H 56 -28.22 -7.96 26.43
N TYR H 57 -27.51 -8.20 25.33
CA TYR H 57 -26.54 -9.29 25.30
C TYR H 57 -25.40 -9.03 26.28
N LEU H 58 -24.83 -7.82 26.25
CA LEU H 58 -23.72 -7.51 27.15
C LEU H 58 -24.15 -7.62 28.61
N THR H 59 -25.27 -7.00 28.96
CA THR H 59 -25.76 -7.05 30.34
C THR H 59 -26.06 -8.49 30.76
N ALA H 60 -26.65 -9.28 29.85
CA ALA H 60 -26.94 -10.67 30.17
C ALA H 60 -25.66 -11.46 30.44
N GLU H 61 -24.61 -11.19 29.66
CA GLU H 61 -23.35 -11.91 29.88
C GLU H 61 -22.70 -11.52 31.21
N ILE H 62 -22.56 -10.21 31.46
CA ILE H 62 -21.88 -9.78 32.68
C ILE H 62 -22.66 -10.19 33.91
N LEU H 63 -23.99 -10.16 33.84
CA LEU H 63 -24.78 -10.64 34.97
C LEU H 63 -24.72 -12.17 35.08
N GLU H 64 -24.49 -12.87 33.97
CA GLU H 64 -24.33 -14.32 34.05
C GLU H 64 -23.04 -14.67 34.78
N LEU H 65 -21.93 -14.06 34.39
CA LEU H 65 -20.66 -14.31 35.08
C LEU H 65 -20.73 -13.85 36.53
N ALA H 66 -21.38 -12.72 36.78
CA ALA H 66 -21.54 -12.25 38.16
C ALA H 66 -22.34 -13.24 38.99
N GLY H 67 -23.40 -13.81 38.42
CA GLY H 67 -24.17 -14.80 39.13
C GLY H 67 -23.39 -16.07 39.40
N ASN H 68 -22.57 -16.48 38.43
CA ASN H 68 -21.74 -17.67 38.64
C ASN H 68 -20.73 -17.43 39.75
N ALA H 69 -20.09 -16.26 39.78
CA ALA H 69 -19.14 -15.96 40.83
C ALA H 69 -19.83 -15.87 42.19
N ALA H 70 -21.01 -15.26 42.24
CA ALA H 70 -21.76 -15.19 43.49
C ALA H 70 -22.12 -16.59 43.99
N ARG H 71 -22.52 -17.47 43.07
CA ARG H 71 -22.81 -18.85 43.46
C ARG H 71 -21.55 -19.57 43.93
N ASP H 72 -20.40 -19.24 43.36
CA ASP H 72 -19.15 -19.87 43.80
C ASP H 72 -18.73 -19.38 45.18
N ASN H 73 -19.07 -18.15 45.52
CA ASN H 73 -18.72 -17.58 46.83
C ASN H 73 -19.78 -17.85 47.89
N LYS H 74 -20.81 -18.62 47.58
CA LYS H 74 -21.86 -18.97 48.53
C LYS H 74 -22.62 -17.74 49.01
N LYS H 75 -22.84 -16.80 48.11
CA LYS H 75 -23.62 -15.60 48.39
C LYS H 75 -24.67 -15.44 47.30
N THR H 76 -25.93 -15.28 47.70
CA THR H 76 -27.03 -15.17 46.76
C THR H 76 -27.31 -13.73 46.33
N ARG H 77 -26.52 -12.77 46.79
CA ARG H 77 -26.68 -11.36 46.42
C ARG H 77 -25.39 -10.88 45.78
N ILE H 78 -25.49 -10.36 44.56
CA ILE H 78 -24.32 -9.93 43.82
C ILE H 78 -23.77 -8.65 44.42
N ILE H 79 -22.46 -8.62 44.64
CA ILE H 79 -21.77 -7.48 45.23
C ILE H 79 -20.71 -7.01 44.23
N PRO H 80 -20.24 -5.77 44.35
CA PRO H 80 -19.20 -5.28 43.43
C PRO H 80 -17.98 -6.18 43.32
N ARG H 81 -17.64 -6.90 44.39
CA ARG H 81 -16.54 -7.87 44.30
C ARG H 81 -16.83 -8.93 43.26
N HIS H 82 -18.09 -9.39 43.20
CA HIS H 82 -18.45 -10.41 42.21
C HIS H 82 -18.41 -9.86 40.80
N LEU H 83 -18.61 -8.54 40.63
CA LEU H 83 -18.45 -7.93 39.32
C LEU H 83 -16.99 -7.81 38.95
N GLN H 84 -16.14 -7.44 39.91
CA GLN H 84 -14.70 -7.39 39.67
C GLN H 84 -14.18 -8.75 39.24
N LEU H 85 -14.51 -9.79 40.01
CA LEU H 85 -14.06 -11.14 39.67
C LEU H 85 -14.67 -11.60 38.35
N ALA H 86 -15.98 -11.36 38.17
CA ALA H 86 -16.66 -11.86 36.98
C ALA H 86 -16.12 -11.22 35.71
N VAL H 87 -15.73 -9.95 35.78
CA VAL H 87 -15.14 -9.28 34.63
C VAL H 87 -13.70 -9.72 34.42
N ARG H 88 -12.85 -9.46 35.41
CA ARG H 88 -11.41 -9.69 35.22
C ARG H 88 -11.09 -11.15 34.94
N ASN H 89 -11.90 -12.09 35.42
CA ASN H 89 -11.66 -13.49 35.10
C ASN H 89 -11.98 -13.82 33.65
N ASP H 90 -12.81 -13.02 32.99
CA ASP H 90 -13.12 -13.21 31.58
C ASP H 90 -12.17 -12.39 30.73
N GLU H 91 -11.70 -12.98 29.64
CA GLU H 91 -10.68 -12.32 28.83
C GLU H 91 -11.27 -11.15 28.03
N GLU H 92 -12.39 -11.40 27.34
CA GLU H 92 -12.92 -10.39 26.43
C GLU H 92 -13.46 -9.18 27.19
N LEU H 93 -14.23 -9.43 28.26
CA LEU H 93 -14.73 -8.32 29.06
C LEU H 93 -13.59 -7.56 29.74
N ASN H 94 -12.48 -8.25 30.05
CA ASN H 94 -11.31 -7.55 30.55
C ASN H 94 -10.68 -6.69 29.48
N LYS H 95 -10.72 -7.14 28.22
CA LYS H 95 -10.19 -6.32 27.14
C LYS H 95 -11.06 -5.10 26.89
N LEU H 96 -12.38 -5.24 27.05
CA LEU H 96 -13.28 -4.11 26.85
C LEU H 96 -13.18 -3.12 28.01
N LEU H 97 -13.17 -3.62 29.24
CA LEU H 97 -13.19 -2.80 30.44
C LEU H 97 -11.80 -2.51 31.01
N GLY H 98 -10.74 -2.86 30.27
CA GLY H 98 -9.39 -2.71 30.78
C GLY H 98 -9.07 -1.33 31.35
N ARG H 99 -9.71 -0.30 30.82
CA ARG H 99 -9.49 1.06 31.30
C ARG H 99 -10.42 1.46 32.44
N VAL H 100 -11.25 0.54 32.93
CA VAL H 100 -12.28 0.85 33.91
C VAL H 100 -11.76 0.57 35.31
N THR H 101 -12.10 1.45 36.26
CA THR H 101 -11.89 1.23 37.68
C THR H 101 -13.25 1.04 38.34
N ILE H 102 -13.50 -0.16 38.84
CA ILE H 102 -14.78 -0.49 39.46
C ILE H 102 -14.68 -0.19 40.95
N ALA H 103 -15.64 0.57 41.47
CA ALA H 103 -15.67 0.90 42.88
C ALA H 103 -15.95 -0.34 43.72
N GLN H 104 -15.24 -0.46 44.84
CA GLN H 104 -15.35 -1.60 45.76
C GLN H 104 -15.04 -2.91 45.07
N GLY H 105 -14.26 -2.88 43.99
CA GLY H 105 -13.97 -4.07 43.23
C GLY H 105 -12.92 -4.97 43.86
N GLY H 106 -11.81 -4.37 44.30
CA GLY H 106 -10.70 -5.17 44.77
C GLY H 106 -9.80 -5.61 43.64
N VAL H 107 -8.96 -6.60 43.93
CA VAL H 107 -8.00 -7.13 42.96
C VAL H 107 -8.10 -8.64 42.96
N LEU H 108 -7.98 -9.24 41.76
CA LEU H 108 -7.88 -10.68 41.67
C LEU H 108 -6.73 -11.18 42.54
N PRO H 109 -6.93 -12.25 43.32
CA PRO H 109 -5.81 -12.81 44.08
C PRO H 109 -4.73 -13.28 43.13
N ASN H 110 -3.51 -12.79 43.34
CA ASN H 110 -2.40 -13.15 42.48
C ASN H 110 -1.10 -13.03 43.27
N ILE H 111 -0.20 -13.98 43.04
CA ILE H 111 1.15 -13.94 43.58
C ILE H 111 2.09 -14.48 42.52
N GLN H 112 3.17 -13.74 42.26
CA GLN H 112 4.17 -14.20 41.30
C GLN H 112 4.86 -15.45 41.83
N SER H 113 4.99 -16.46 40.97
CA SER H 113 5.50 -17.75 41.40
C SER H 113 6.91 -17.67 41.98
N VAL H 114 7.69 -16.65 41.62
CA VAL H 114 9.03 -16.52 42.17
C VAL H 114 9.01 -16.08 43.62
N LEU H 115 7.94 -15.41 44.06
CA LEU H 115 7.86 -14.92 45.43
C LEU H 115 7.47 -16.00 46.42
N LEU H 116 7.00 -17.15 45.96
CA LEU H 116 6.60 -18.21 46.89
C LEU H 116 7.82 -18.94 47.43
N PRO H 117 7.80 -19.34 48.70
CA PRO H 117 8.94 -20.05 49.27
C PRO H 117 9.14 -21.42 48.62
N LYS H 118 10.34 -21.95 48.80
CA LYS H 118 10.69 -23.25 48.26
C LYS H 118 11.76 -23.93 49.12
N THR I 29 -38.75 16.14 40.93
CA THR I 29 -37.71 15.71 40.01
C THR I 29 -37.63 14.18 39.96
N ARG I 30 -37.75 13.63 38.75
CA ARG I 30 -37.69 12.19 38.52
C ARG I 30 -36.44 11.89 37.69
N LYS I 31 -35.50 11.17 38.28
CA LYS I 31 -34.28 10.77 37.61
C LYS I 31 -34.41 9.30 37.22
N GLU I 32 -34.55 9.05 35.92
CA GLU I 32 -34.71 7.70 35.41
C GLU I 32 -33.38 6.96 35.38
N SER I 33 -33.47 5.64 35.39
CA SER I 33 -32.29 4.79 35.31
C SER I 33 -32.65 3.48 34.63
N TYR I 34 -31.66 2.62 34.46
CA TYR I 34 -31.82 1.29 33.88
C TYR I 34 -32.03 0.20 34.92
N ALA I 35 -32.18 0.59 36.19
CA ALA I 35 -32.15 -0.36 37.30
C ALA I 35 -33.13 -1.52 37.10
N ILE I 36 -34.39 -1.21 36.82
CA ILE I 36 -35.41 -2.26 36.74
C ILE I 36 -35.13 -3.20 35.56
N TYR I 37 -34.47 -2.69 34.52
CA TYR I 37 -34.20 -3.50 33.34
C TYR I 37 -33.06 -4.49 33.61
N VAL I 38 -31.97 -4.01 34.21
CA VAL I 38 -30.91 -4.89 34.68
C VAL I 38 -31.48 -5.90 35.66
N TYR I 39 -32.47 -5.50 36.46
CA TYR I 39 -33.12 -6.42 37.38
C TYR I 39 -33.86 -7.51 36.63
N LYS I 40 -34.60 -7.14 35.57
CA LYS I 40 -35.33 -8.13 34.78
C LYS I 40 -34.38 -9.11 34.11
N VAL I 41 -33.32 -8.60 33.47
CA VAL I 41 -32.35 -9.47 32.81
C VAL I 41 -31.69 -10.39 33.83
N LEU I 42 -31.39 -9.86 35.03
CA LEU I 42 -30.84 -10.70 36.09
C LEU I 42 -31.80 -11.81 36.48
N LYS I 43 -33.09 -11.51 36.56
CA LYS I 43 -34.07 -12.54 36.87
C LYS I 43 -34.27 -13.51 35.71
N GLN I 44 -33.88 -13.13 34.49
CA GLN I 44 -33.89 -14.09 33.39
C GLN I 44 -32.70 -15.03 33.48
N VAL I 45 -31.50 -14.49 33.71
CA VAL I 45 -30.31 -15.33 33.75
C VAL I 45 -30.27 -16.15 35.03
N HIS I 46 -30.40 -15.49 36.19
CA HIS I 46 -30.36 -16.15 37.50
C HIS I 46 -31.61 -15.75 38.29
N PRO I 47 -32.69 -16.52 38.19
CA PRO I 47 -33.92 -16.15 38.91
C PRO I 47 -33.75 -16.12 40.42
N ASP I 48 -32.82 -16.90 40.97
CA ASP I 48 -32.68 -17.04 42.41
C ASP I 48 -31.72 -16.03 43.02
N THR I 49 -31.00 -15.26 42.20
CA THR I 49 -29.94 -14.39 42.69
C THR I 49 -30.40 -12.93 42.67
N GLY I 50 -30.18 -12.22 43.77
CA GLY I 50 -30.44 -10.81 43.86
C GLY I 50 -29.17 -9.98 43.62
N ILE I 51 -29.35 -8.67 43.63
CA ILE I 51 -28.26 -7.74 43.35
C ILE I 51 -28.32 -6.60 44.35
N SER I 52 -27.15 -6.19 44.85
CA SER I 52 -27.06 -5.05 45.75
C SER I 52 -27.26 -3.75 44.99
N SER I 53 -27.58 -2.69 45.75
CA SER I 53 -27.82 -1.39 45.13
C SER I 53 -26.54 -0.84 44.48
N LYS I 54 -25.40 -1.02 45.14
CA LYS I 54 -24.15 -0.51 44.58
C LYS I 54 -23.82 -1.21 43.27
N ALA I 55 -23.96 -2.53 43.22
CA ALA I 55 -23.75 -3.25 41.97
C ALA I 55 -24.73 -2.81 40.90
N MET I 56 -25.95 -2.44 41.30
CA MET I 56 -26.91 -1.90 40.34
C MET I 56 -26.43 -0.56 39.79
N SER I 57 -25.81 0.25 40.64
CA SER I 57 -25.24 1.52 40.16
C SER I 57 -24.09 1.26 39.19
N ILE I 58 -23.25 0.26 39.48
CA ILE I 58 -22.16 -0.08 38.58
C ILE I 58 -22.71 -0.54 37.23
N MET I 59 -23.77 -1.36 37.26
CA MET I 59 -24.39 -1.79 36.02
C MET I 59 -24.99 -0.62 35.25
N ASN I 60 -25.58 0.34 35.97
CA ASN I 60 -26.14 1.52 35.32
C ASN I 60 -25.04 2.32 34.61
N SER I 61 -23.96 2.62 35.31
CA SER I 61 -22.86 3.35 34.69
C SER I 61 -22.24 2.56 33.54
N PHE I 62 -22.29 1.23 33.62
CA PHE I 62 -21.79 0.41 32.52
C PHE I 62 -22.67 0.56 31.28
N VAL I 63 -23.99 0.46 31.46
CA VAL I 63 -24.90 0.58 30.32
C VAL I 63 -24.79 1.98 29.70
N ASN I 64 -24.72 3.01 30.54
CA ASN I 64 -24.55 4.36 30.01
C ASN I 64 -23.23 4.50 29.26
N ASP I 65 -22.15 3.94 29.82
CA ASP I 65 -20.85 3.97 29.16
C ASP I 65 -20.93 3.35 27.78
N VAL I 66 -21.25 2.05 27.71
CA VAL I 66 -21.29 1.35 26.43
C VAL I 66 -22.23 2.06 25.45
N PHE I 67 -23.36 2.56 25.95
CA PHE I 67 -24.29 3.30 25.11
C PHE I 67 -23.61 4.51 24.48
N GLU I 68 -22.92 5.31 25.28
CA GLU I 68 -22.23 6.48 24.74
C GLU I 68 -21.12 6.10 23.77
N ARG I 69 -20.47 4.94 24.00
CA ARG I 69 -19.44 4.49 23.08
C ARG I 69 -20.04 4.15 21.72
N ILE I 70 -21.06 3.29 21.70
CA ILE I 70 -21.64 2.86 20.42
C ILE I 70 -22.27 4.04 19.70
N ALA I 71 -22.94 4.93 20.44
CA ALA I 71 -23.53 6.10 19.82
C ALA I 71 -22.46 7.03 19.26
N GLY I 72 -21.35 7.20 19.98
CA GLY I 72 -20.27 8.04 19.47
C GLY I 72 -19.65 7.49 18.21
N GLU I 73 -19.33 6.19 18.20
CA GLU I 73 -18.78 5.57 17.01
C GLU I 73 -19.76 5.65 15.85
N ALA I 74 -21.06 5.54 16.13
CA ALA I 74 -22.06 5.69 15.08
C ALA I 74 -22.07 7.11 14.53
N SER I 75 -21.87 8.11 15.40
CA SER I 75 -21.80 9.48 14.93
C SER I 75 -20.57 9.70 14.04
N ARG I 76 -19.44 9.12 14.43
CA ARG I 76 -18.23 9.26 13.63
C ARG I 76 -18.40 8.59 12.27
N LEU I 77 -18.94 7.36 12.26
CA LEU I 77 -19.16 6.67 10.99
C LEU I 77 -20.16 7.41 10.12
N ALA I 78 -21.16 8.04 10.73
CA ALA I 78 -22.12 8.80 9.94
C ALA I 78 -21.50 10.08 9.38
N HIS I 79 -20.55 10.67 10.11
CA HIS I 79 -19.95 11.91 9.65
C HIS I 79 -18.89 11.66 8.57
N TYR I 80 -18.10 10.60 8.71
CA TYR I 80 -17.03 10.36 7.74
C TYR I 80 -17.59 9.97 6.38
N ASN I 81 -18.68 9.22 6.35
CA ASN I 81 -19.29 8.78 5.10
C ASN I 81 -20.27 9.80 4.55
N LYS I 82 -20.44 10.95 5.21
CA LYS I 82 -21.31 12.03 4.77
C LYS I 82 -22.76 11.54 4.63
N ARG I 83 -23.33 11.17 5.79
CA ARG I 83 -24.74 10.82 5.89
C ARG I 83 -25.30 11.42 7.17
N SER I 84 -26.53 11.92 7.10
CA SER I 84 -27.16 12.60 8.23
C SER I 84 -28.06 11.68 9.04
N THR I 85 -28.14 10.39 8.70
CA THR I 85 -29.06 9.48 9.37
C THR I 85 -28.30 8.28 9.92
N ILE I 86 -28.52 7.98 11.19
CA ILE I 86 -27.96 6.79 11.83
C ILE I 86 -28.95 5.64 11.65
N THR I 87 -28.53 4.59 10.96
CA THR I 87 -29.35 3.41 10.75
C THR I 87 -28.72 2.22 11.46
N SER I 88 -29.34 1.04 11.29
CA SER I 88 -28.84 -0.16 11.92
C SER I 88 -27.47 -0.57 11.39
N ARG I 89 -27.11 -0.15 10.18
CA ARG I 89 -25.82 -0.51 9.63
C ARG I 89 -24.68 0.18 10.36
N GLU I 90 -24.83 1.47 10.64
CA GLU I 90 -23.79 2.19 11.38
C GLU I 90 -23.66 1.66 12.80
N ILE I 91 -24.77 1.33 13.46
CA ILE I 91 -24.70 0.74 14.79
C ILE I 91 -24.01 -0.61 14.72
N GLN I 92 -24.27 -1.37 13.65
CA GLN I 92 -23.65 -2.68 13.48
C GLN I 92 -22.14 -2.55 13.34
N THR I 93 -21.68 -1.66 12.45
CA THR I 93 -20.25 -1.46 12.27
C THR I 93 -19.61 -0.94 13.55
N ALA I 94 -20.32 -0.07 14.28
CA ALA I 94 -19.79 0.43 15.54
C ALA I 94 -19.63 -0.69 16.56
N VAL I 95 -20.60 -1.61 16.63
CA VAL I 95 -20.48 -2.77 17.51
C VAL I 95 -19.28 -3.62 17.10
N ARG I 96 -19.10 -3.82 15.79
CA ARG I 96 -17.96 -4.59 15.33
C ARG I 96 -16.63 -3.91 15.60
N LEU I 97 -16.62 -2.58 15.73
CA LEU I 97 -15.38 -1.89 16.10
C LEU I 97 -15.10 -1.98 17.59
N LEU I 98 -16.11 -1.72 18.42
CA LEU I 98 -15.89 -1.63 19.86
C LEU I 98 -15.69 -2.99 20.51
N LEU I 99 -16.58 -3.94 20.23
CA LEU I 99 -16.57 -5.22 20.95
C LEU I 99 -15.56 -6.17 20.31
N PRO I 100 -14.56 -6.65 21.05
CA PRO I 100 -13.60 -7.60 20.47
C PRO I 100 -14.22 -8.97 20.23
N GLY I 101 -13.99 -9.52 19.05
CA GLY I 101 -14.22 -10.93 18.79
C GLY I 101 -15.64 -11.41 19.05
N GLU I 102 -15.74 -12.43 19.93
CA GLU I 102 -17.00 -13.13 20.11
C GLU I 102 -18.10 -12.22 20.63
N LEU I 103 -17.74 -11.19 21.42
CA LEU I 103 -18.74 -10.21 21.83
C LEU I 103 -19.33 -9.51 20.61
N ALA I 104 -18.48 -9.20 19.62
CA ALA I 104 -18.98 -8.58 18.40
C ALA I 104 -19.83 -9.55 17.60
N LYS I 105 -19.38 -10.80 17.45
CA LYS I 105 -20.11 -11.77 16.63
C LYS I 105 -21.49 -12.06 17.23
N HIS I 106 -21.52 -12.48 18.50
CA HIS I 106 -22.79 -12.78 19.13
C HIS I 106 -23.65 -11.53 19.30
N ALA I 107 -23.02 -10.37 19.51
CA ALA I 107 -23.78 -9.13 19.64
C ALA I 107 -24.49 -8.78 18.33
N VAL I 108 -23.76 -8.86 17.21
CA VAL I 108 -24.37 -8.60 15.91
C VAL I 108 -25.44 -9.64 15.61
N SER I 109 -25.22 -10.88 16.05
CA SER I 109 -26.23 -11.91 15.85
C SER I 109 -27.52 -11.58 16.59
N GLU I 110 -27.41 -11.28 17.89
CA GLU I 110 -28.60 -10.97 18.68
C GLU I 110 -29.31 -9.73 18.16
N GLY I 111 -28.54 -8.68 17.84
CA GLY I 111 -29.14 -7.46 17.34
C GLY I 111 -29.85 -7.65 16.02
N THR I 112 -29.17 -8.34 15.09
CA THR I 112 -29.78 -8.61 13.78
C THR I 112 -31.05 -9.44 13.93
N LYS I 113 -31.04 -10.40 14.87
CA LYS I 113 -32.25 -11.17 15.14
C LYS I 113 -33.35 -10.27 15.70
N ALA I 114 -32.98 -9.30 16.54
CA ALA I 114 -33.98 -8.42 17.15
C ALA I 114 -34.61 -7.50 16.12
N VAL I 115 -33.82 -6.92 15.22
CA VAL I 115 -34.38 -6.09 14.16
C VAL I 115 -35.21 -6.94 13.21
N THR I 116 -34.73 -8.15 12.90
CA THR I 116 -35.48 -9.10 12.08
C THR I 116 -36.88 -9.32 12.64
N LYS I 117 -36.96 -9.85 13.87
CA LYS I 117 -38.26 -10.07 14.49
C LYS I 117 -39.06 -8.78 14.62
N TYR I 118 -38.39 -7.65 14.83
CA TYR I 118 -39.08 -6.37 14.98
C TYR I 118 -39.83 -6.00 13.70
N THR I 119 -39.12 -5.92 12.58
CA THR I 119 -39.75 -5.49 11.33
C THR I 119 -40.57 -6.59 10.68
N SER I 120 -40.35 -7.85 11.05
CA SER I 120 -41.10 -8.94 10.45
C SER I 120 -42.55 -8.94 10.90
N ALA I 121 -42.78 -8.90 12.21
CA ALA I 121 -44.13 -8.90 12.76
C ALA I 121 -44.78 -7.52 12.62
PB ADP L . 16.39 -5.86 -39.73
O1B ADP L . 17.22 -5.00 -38.81
O2B ADP L . 15.57 -5.10 -40.74
O3B ADP L . 15.64 -6.98 -39.04
PA ADP L . 18.89 -7.14 -40.00
O1A ADP L . 19.81 -5.95 -39.88
O2A ADP L . 18.59 -7.99 -38.78
O3A ADP L . 17.49 -6.64 -40.62
O5' ADP L . 19.43 -8.11 -41.16
C5' ADP L . 20.78 -8.56 -41.15
C4' ADP L . 20.84 -10.00 -41.63
O4' ADP L . 20.44 -10.10 -42.99
C3' ADP L . 22.25 -10.57 -41.52
O3' ADP L . 22.29 -11.61 -40.54
C2' ADP L . 22.58 -11.13 -42.88
O2' ADP L . 22.92 -12.51 -42.78
C1' ADP L . 21.31 -10.97 -43.71
N9 ADP L . 21.63 -10.36 -45.02
C8 ADP L . 21.17 -9.18 -45.45
N7 ADP L . 21.64 -8.88 -46.70
C5 ADP L . 22.43 -9.90 -47.07
C6 ADP L . 23.25 -10.23 -48.25
N6 ADP L . 23.31 -9.39 -49.32
N1 ADP L . 23.93 -11.40 -48.25
C2 ADP L . 23.87 -12.24 -47.20
N3 ADP L . 23.16 -12.01 -46.09
C4 ADP L . 22.42 -10.88 -45.97
BE BEF M . 15.23 -8.99 -37.74
F1 BEF M . 15.46 -7.62 -36.76
F2 BEF M . 15.42 -10.46 -36.88
F3 BEF M . 16.61 -8.88 -38.71
MG MG N . 16.53 -4.85 -36.08
#